data_5C0B
#
_entry.id   5C0B
#
_cell.length_a   43.940
_cell.length_b   100.280
_cell.length_c   122.440
_cell.angle_alpha   96.980
_cell.angle_beta   98.050
_cell.angle_gamma   96.530
#
_symmetry.space_group_name_H-M   'P 1'
#
loop_
_entity.id
_entity.type
_entity.pdbx_description
1 polymer 'HLA class I histocompatibility antigen, A-2 alpha chain'
2 polymer Beta-2-microglobulin
3 polymer 'Marker peptide'
4 polymer '1E6 TCR Alpha Chain'
5 polymer '1E6 TCR Beta Chain'
6 non-polymer 1,2-ETHANEDIOL
7 non-polymer GLYCEROL
8 non-polymer 'SULFATE ION'
9 non-polymer 'TETRAETHYLENE GLYCOL'
10 water water
#
loop_
_entity_poly.entity_id
_entity_poly.type
_entity_poly.pdbx_seq_one_letter_code
_entity_poly.pdbx_strand_id
1 'polypeptide(L)'
;GSHSMRYFFTSVSRPGRGEPRFIAVGYVDDTQFVRFDSDAASQRMEPRAPWIEQEGPEYWDGETRKVKAHSQTHRVDLGT
LRGYYNQSEAGSHTVQRMYGCDVGSDWRFLRGYHQYAYDGKDYIALKEDLRSWTAADMAAQTTKHKWEAAHVAEQLRAYL
EGTCVEWLRRYLENGKETLQRTDAPKTHMTHHAVSDHEATLRCWALSFYPAEITLTWQRDGEDQTQDTELVETRPAGDGT
FQKWAAVVVPSGQEQRYTCHVQHEGLPKPLTLRWE
;
A,F
2 'polypeptide(L)'
;MIQRTPKIQVYSRHPAENGKSNFLNCYVSGFHPSDIEVDLLKNGERIEKVEHSDLSFSKDWSFYLLYYTEFTPTEKDEYA
CRVNHVTLSQPKIVKWDRDM
;
B,G
3 'polypeptide(L)' RQFGPDFPTI C,H
4 'polypeptide(L)'
;EVEQDPGPLSVPEGAIVSLNCTYSNSAFQYFMWYRQYSRKGPELLMYTYSSGNKEDGRFTAQVDKSSKYISLFIRDSQPS
DSATYLCAMRGDSSYKLIFGSGTRLLVRPDIQNPDPAVYQLRDSKSSDKSVCLFTDFDSQTNVSQSKDSDVYITDKCVLD
MRSMDFKSNSAVAWSNKSDFACANAFNNSIIPEDTFFPS
;
D,I
5 'polypeptide(L)'
;MDAGVIQSPRHEVTEMGQQVTLRCKPISGHDYLFWYRQTMMRGLELLIYFNNNVPIDDSGMPEDRFSAKMPNASFSTLKI
QPSEPRDSAVYFCASSLWEKLAKNIQYFGAGTRLSVLEDLKNVFPPEVAVFEPSEAEISHTQKATLVCLATGFYPDHVEL
SWWVNGKEVHSGVCTDPQPLKEQPALNDSRYALSSRLRVSATFWQDPRNHFRCQVQFYGLSENDEWTQDRAKPVTQIVSA
EAWGRAD
;
E,J
#
loop_
_chem_comp.id
_chem_comp.type
_chem_comp.name
_chem_comp.formula
EDO non-polymer 1,2-ETHANEDIOL 'C2 H6 O2'
GOL non-polymer GLYCEROL 'C3 H8 O3'
PG4 non-polymer 'TETRAETHYLENE GLYCOL' 'C8 H18 O5'
SO4 non-polymer 'SULFATE ION' 'O4 S -2'
#
# COMPACT_ATOMS: atom_id res chain seq x y z
N GLY A 1 17.23 2.82 -33.54
CA GLY A 1 16.22 2.08 -34.32
C GLY A 1 15.52 3.09 -35.22
N SER A 2 14.19 3.11 -35.18
CA SER A 2 13.40 3.92 -36.05
C SER A 2 13.38 5.32 -35.44
N HIS A 3 13.12 6.36 -36.23
CA HIS A 3 13.07 7.75 -35.66
C HIS A 3 12.00 8.65 -36.31
N SER A 4 11.57 9.71 -35.62
CA SER A 4 10.57 10.63 -36.17
C SER A 4 10.84 12.07 -35.80
N MET A 5 10.33 12.98 -36.63
CA MET A 5 10.24 14.42 -36.31
C MET A 5 8.81 14.81 -36.48
N ARG A 6 8.28 15.52 -35.49
CA ARG A 6 6.88 15.86 -35.46
C ARG A 6 6.72 17.27 -34.90
N TYR A 7 5.79 17.96 -35.49
CA TYR A 7 5.41 19.27 -35.06
C TYR A 7 3.93 19.26 -34.73
N PHE A 8 3.57 19.95 -33.65
CA PHE A 8 2.19 19.96 -33.10
C PHE A 8 1.75 21.40 -32.94
N PHE A 9 0.54 21.74 -33.37
CA PHE A 9 0.09 23.16 -33.34
C PHE A 9 -1.35 23.20 -32.84
N THR A 10 -1.55 23.88 -31.74
CA THR A 10 -2.90 23.95 -31.10
C THR A 10 -3.31 25.40 -31.06
N SER A 11 -4.49 25.70 -31.54
CA SER A 11 -5.02 27.00 -31.29
C SER A 11 -6.42 26.93 -30.65
N VAL A 12 -6.64 27.70 -29.58
CA VAL A 12 -7.93 27.73 -28.87
C VAL A 12 -8.57 29.14 -28.94
N SER A 13 -9.76 29.27 -29.48
CA SER A 13 -10.41 30.60 -29.51
C SER A 13 -10.90 30.98 -28.11
N ARG A 14 -10.99 32.28 -27.88
CA ARG A 14 -11.22 32.87 -26.54
C ARG A 14 -12.10 34.08 -26.71
N PRO A 15 -13.35 33.85 -27.03
CA PRO A 15 -14.30 34.96 -27.19
C PRO A 15 -14.25 35.90 -25.98
N GLY A 16 -14.16 37.20 -26.20
CA GLY A 16 -13.85 38.13 -25.10
C GLY A 16 -12.39 38.55 -24.93
N ARG A 17 -11.45 37.81 -25.53
N ARG A 17 -11.45 37.81 -25.53
CA ARG A 17 -10.02 38.19 -25.63
CA ARG A 17 -10.03 38.20 -25.63
C ARG A 17 -9.71 38.56 -27.07
C ARG A 17 -9.71 38.56 -27.07
N GLY A 18 -8.57 39.19 -27.30
CA GLY A 18 -8.23 39.69 -28.64
C GLY A 18 -7.95 38.62 -29.69
N GLU A 19 -7.42 37.49 -29.27
CA GLU A 19 -6.95 36.52 -30.26
C GLU A 19 -6.91 35.12 -29.60
N PRO A 20 -7.04 34.06 -30.38
CA PRO A 20 -6.78 32.70 -29.86
C PRO A 20 -5.39 32.50 -29.24
N ARG A 21 -5.34 31.59 -28.30
CA ARG A 21 -4.11 31.10 -27.72
C ARG A 21 -3.52 30.07 -28.69
N PHE A 22 -2.26 30.26 -29.09
CA PHE A 22 -1.63 29.34 -30.08
C PHE A 22 -0.35 28.86 -29.46
N ILE A 23 -0.20 27.54 -29.49
CA ILE A 23 0.94 26.86 -28.86
C ILE A 23 1.41 25.80 -29.86
N ALA A 24 2.70 25.91 -30.20
CA ALA A 24 3.40 24.99 -31.13
C ALA A 24 4.59 24.40 -30.44
N VAL A 25 4.77 23.11 -30.64
CA VAL A 25 5.91 22.39 -30.14
C VAL A 25 6.46 21.44 -31.27
N GLY A 26 7.76 21.23 -31.25
CA GLY A 26 8.40 20.25 -32.18
C GLY A 26 9.17 19.21 -31.38
N TYR A 27 9.09 17.95 -31.82
CA TYR A 27 9.79 16.84 -31.22
C TYR A 27 10.66 16.09 -32.23
N VAL A 28 11.80 15.58 -31.77
CA VAL A 28 12.45 14.45 -32.43
C VAL A 28 12.28 13.20 -31.54
N ASP A 29 11.65 12.14 -32.08
CA ASP A 29 11.29 10.96 -31.26
C ASP A 29 10.48 11.45 -30.05
N ASP A 30 10.89 11.10 -28.84
CA ASP A 30 10.18 11.52 -27.63
C ASP A 30 10.79 12.76 -27.01
N THR A 31 11.69 13.46 -27.69
CA THR A 31 12.36 14.62 -27.07
C THR A 31 11.92 15.99 -27.64
N GLN A 32 11.40 16.85 -26.80
CA GLN A 32 11.01 18.17 -27.26
C GLN A 32 12.21 19.10 -27.57
N PHE A 33 12.16 19.84 -28.69
CA PHE A 33 13.31 20.68 -29.06
C PHE A 33 13.00 22.14 -29.37
N VAL A 34 11.77 22.47 -29.79
CA VAL A 34 11.39 23.90 -29.90
C VAL A 34 9.95 24.11 -29.39
N ARG A 35 9.63 25.38 -29.13
CA ARG A 35 8.25 25.77 -28.84
C ARG A 35 7.96 27.22 -29.24
N PHE A 36 6.67 27.52 -29.42
CA PHE A 36 6.21 28.87 -29.57
C PHE A 36 4.90 29.02 -28.77
N ASP A 37 4.77 30.11 -28.02
CA ASP A 37 3.50 30.46 -27.34
C ASP A 37 3.08 31.90 -27.69
N SER A 38 1.95 32.02 -28.37
CA SER A 38 1.46 33.35 -28.79
C SER A 38 1.27 34.33 -27.67
N ASP A 39 1.17 33.89 -26.41
CA ASP A 39 0.91 34.80 -25.35
C ASP A 39 2.20 35.19 -24.65
N ALA A 40 3.31 34.51 -24.94
CA ALA A 40 4.53 34.80 -24.20
C ALA A 40 5.15 36.09 -24.76
N ALA A 41 6.05 36.69 -24.03
CA ALA A 41 6.60 37.99 -24.42
C ALA A 41 7.61 37.91 -25.60
N SER A 42 8.35 36.81 -25.73
CA SER A 42 9.51 36.79 -26.69
C SER A 42 9.01 36.92 -28.10
N GLN A 43 7.87 36.27 -28.41
CA GLN A 43 7.35 36.24 -29.75
C GLN A 43 8.37 35.58 -30.74
N ARG A 44 9.15 34.62 -30.22
CA ARG A 44 10.07 33.85 -31.01
C ARG A 44 9.86 32.41 -30.79
N MET A 45 10.23 31.61 -31.78
CA MET A 45 10.40 30.19 -31.56
C MET A 45 11.59 30.05 -30.63
N GLU A 46 11.50 29.17 -29.61
CA GLU A 46 12.53 29.04 -28.62
C GLU A 46 13.05 27.66 -28.55
N PRO A 47 14.36 27.50 -28.28
CA PRO A 47 15.03 26.21 -28.09
C PRO A 47 14.55 25.47 -26.84
N ARG A 48 14.30 24.18 -26.96
CA ARG A 48 14.01 23.41 -25.76
C ARG A 48 14.94 22.21 -25.52
N ALA A 49 15.93 22.02 -26.37
CA ALA A 49 16.94 20.97 -26.17
C ALA A 49 18.27 21.62 -26.46
N PRO A 50 19.34 21.15 -25.84
CA PRO A 50 20.63 21.85 -26.02
C PRO A 50 21.19 21.77 -27.45
N TRP A 51 21.04 20.63 -28.12
CA TRP A 51 21.58 20.46 -29.45
C TRP A 51 20.97 21.38 -30.53
N ILE A 52 19.80 21.98 -30.29
CA ILE A 52 19.22 22.88 -31.31
C ILE A 52 19.78 24.33 -31.17
N GLU A 53 20.40 24.61 -30.03
CA GLU A 53 20.89 25.96 -29.77
C GLU A 53 21.98 26.36 -30.71
N GLN A 54 22.75 25.39 -31.22
CA GLN A 54 23.78 25.71 -32.22
C GLN A 54 23.27 26.21 -33.58
N GLU A 55 22.01 26.03 -33.92
CA GLU A 55 21.51 26.64 -35.15
C GLU A 55 21.65 28.18 -35.10
N GLY A 56 22.05 28.77 -36.21
CA GLY A 56 22.35 30.19 -36.26
C GLY A 56 21.12 31.06 -36.46
N PRO A 57 21.32 32.38 -36.53
CA PRO A 57 20.22 33.33 -36.68
C PRO A 57 19.26 33.07 -37.88
N GLU A 58 19.76 32.61 -39.03
CA GLU A 58 18.89 32.42 -40.16
C GLU A 58 17.84 31.33 -39.87
N TYR A 59 18.31 30.25 -39.23
CA TYR A 59 17.47 29.22 -38.76
C TYR A 59 16.36 29.79 -37.84
N TRP A 60 16.75 30.53 -36.79
CA TRP A 60 15.75 30.98 -35.78
C TRP A 60 14.80 32.01 -36.42
N ASP A 61 15.30 32.93 -37.27
CA ASP A 61 14.40 33.90 -37.95
C ASP A 61 13.36 33.20 -38.84
N GLY A 62 13.83 32.24 -39.61
CA GLY A 62 12.96 31.43 -40.43
C GLY A 62 11.93 30.60 -39.70
N GLU A 63 12.37 29.90 -38.67
CA GLU A 63 11.44 29.09 -37.90
C GLU A 63 10.42 30.00 -37.15
N THR A 64 10.85 31.16 -36.69
CA THR A 64 9.91 32.04 -36.04
C THR A 64 8.89 32.66 -37.03
N ARG A 65 9.35 33.04 -38.21
CA ARG A 65 8.46 33.49 -39.22
C ARG A 65 7.41 32.43 -39.60
N LYS A 66 7.85 31.20 -39.83
CA LYS A 66 6.89 30.19 -40.19
C LYS A 66 5.85 29.97 -39.07
N VAL A 67 6.30 29.94 -37.82
CA VAL A 67 5.38 29.51 -36.75
C VAL A 67 4.41 30.67 -36.48
N LYS A 68 4.86 31.93 -36.63
CA LYS A 68 3.98 33.11 -36.58
C LYS A 68 2.95 33.09 -37.70
N ALA A 69 3.37 32.78 -38.93
CA ALA A 69 2.42 32.65 -40.02
C ALA A 69 1.34 31.56 -39.71
N HIS A 70 1.80 30.46 -39.16
CA HIS A 70 0.98 29.36 -38.79
C HIS A 70 -0.07 29.76 -37.71
N SER A 71 0.31 30.58 -36.75
CA SER A 71 -0.67 31.13 -35.78
C SER A 71 -1.78 31.94 -36.45
N GLN A 72 -1.47 32.63 -37.54
CA GLN A 72 -2.44 33.44 -38.24
C GLN A 72 -3.44 32.61 -39.03
N THR A 73 -2.94 31.57 -39.61
CA THR A 73 -3.72 30.66 -40.37
C THR A 73 -4.70 29.89 -39.46
N HIS A 74 -4.26 29.45 -38.32
CA HIS A 74 -5.12 28.77 -37.34
C HIS A 74 -6.18 29.72 -36.85
N ARG A 75 -5.83 30.99 -36.75
CA ARG A 75 -6.80 32.01 -36.29
C ARG A 75 -7.92 32.20 -37.34
N VAL A 76 -7.56 32.30 -38.59
CA VAL A 76 -8.56 32.45 -39.64
C VAL A 76 -9.39 31.14 -39.71
N ASP A 77 -8.73 29.99 -39.57
CA ASP A 77 -9.43 28.70 -39.63
C ASP A 77 -10.54 28.50 -38.54
N LEU A 78 -10.27 28.97 -37.33
CA LEU A 78 -11.21 28.91 -36.24
C LEU A 78 -12.47 29.73 -36.65
N GLY A 79 -12.29 30.83 -37.33
CA GLY A 79 -13.44 31.60 -37.85
C GLY A 79 -14.14 30.91 -38.98
N THR A 80 -13.40 30.35 -39.92
CA THR A 80 -14.01 29.68 -40.99
C THR A 80 -14.83 28.49 -40.52
N LEU A 81 -14.23 27.66 -39.66
CA LEU A 81 -14.93 26.51 -39.09
C LEU A 81 -16.13 26.84 -38.25
N ARG A 82 -16.05 27.88 -37.43
CA ARG A 82 -17.26 28.34 -36.75
C ARG A 82 -18.38 28.62 -37.75
N GLY A 83 -18.08 29.28 -38.86
CA GLY A 83 -19.04 29.66 -39.89
C GLY A 83 -19.59 28.42 -40.59
N TYR A 84 -18.73 27.45 -40.88
CA TYR A 84 -19.14 26.24 -41.51
C TYR A 84 -20.14 25.47 -40.63
N TYR A 85 -19.99 25.47 -39.31
CA TYR A 85 -20.85 24.70 -38.44
C TYR A 85 -21.99 25.59 -37.87
N ASN A 86 -22.04 26.82 -38.32
CA ASN A 86 -23.03 27.81 -37.85
C ASN A 86 -23.01 27.92 -36.29
N GLN A 87 -21.83 27.95 -35.71
CA GLN A 87 -21.68 27.88 -34.27
C GLN A 87 -21.65 29.28 -33.72
N SER A 88 -22.07 29.41 -32.47
CA SER A 88 -22.14 30.71 -31.80
C SER A 88 -20.72 31.29 -31.64
N GLU A 89 -20.63 32.60 -31.70
CA GLU A 89 -19.36 33.29 -31.47
C GLU A 89 -19.02 33.31 -30.00
N ALA A 90 -19.95 32.92 -29.13
CA ALA A 90 -19.73 32.80 -27.69
C ALA A 90 -18.89 31.60 -27.27
N GLY A 91 -18.83 30.52 -28.05
CA GLY A 91 -18.09 29.33 -27.59
C GLY A 91 -16.56 29.36 -27.88
N SER A 92 -15.78 28.68 -27.03
CA SER A 92 -14.43 28.39 -27.30
C SER A 92 -14.29 27.06 -28.09
N HIS A 93 -13.45 27.11 -29.13
CA HIS A 93 -13.17 25.93 -30.01
C HIS A 93 -11.70 25.72 -30.23
N THR A 94 -11.36 24.54 -30.75
CA THR A 94 -9.99 24.17 -30.90
C THR A 94 -9.66 23.68 -32.32
N VAL A 95 -8.51 24.08 -32.83
CA VAL A 95 -7.93 23.53 -34.05
C VAL A 95 -6.60 22.91 -33.70
N GLN A 96 -6.32 21.71 -34.27
CA GLN A 96 -5.01 21.06 -34.09
C GLN A 96 -4.50 20.59 -35.47
N ARG A 97 -3.21 20.79 -35.69
CA ARG A 97 -2.51 20.24 -36.83
C ARG A 97 -1.28 19.56 -36.29
N MET A 98 -0.98 18.42 -36.87
CA MET A 98 0.32 17.75 -36.64
C MET A 98 0.87 17.27 -37.97
N TYR A 99 2.16 17.41 -38.13
CA TYR A 99 2.80 16.81 -39.24
C TYR A 99 4.15 16.32 -38.88
N GLY A 100 4.68 15.45 -39.75
CA GLY A 100 6.00 14.95 -39.57
C GLY A 100 6.39 13.78 -40.46
N CYS A 101 7.55 13.26 -40.18
CA CYS A 101 8.07 12.13 -40.95
C CYS A 101 8.76 11.16 -40.05
N ASP A 102 8.77 9.90 -40.52
CA ASP A 102 9.50 8.82 -39.90
C ASP A 102 10.58 8.36 -40.87
N VAL A 103 11.69 7.91 -40.29
CA VAL A 103 12.71 7.14 -41.00
C VAL A 103 12.89 5.81 -40.30
N GLY A 104 13.45 4.85 -41.03
CA GLY A 104 13.79 3.57 -40.44
C GLY A 104 15.14 3.57 -39.75
N SER A 105 15.59 2.35 -39.44
CA SER A 105 16.86 2.16 -38.76
C SER A 105 18.00 2.47 -39.70
N ASP A 106 17.77 2.37 -41.00
CA ASP A 106 18.72 2.85 -42.03
C ASP A 106 18.66 4.35 -42.27
N TRP A 107 17.74 5.05 -41.57
CA TRP A 107 17.53 6.49 -41.69
C TRP A 107 16.96 6.95 -43.02
N ARG A 108 16.42 6.05 -43.82
CA ARG A 108 15.69 6.52 -45.01
C ARG A 108 14.21 6.71 -44.73
N PHE A 109 13.54 7.49 -45.56
CA PHE A 109 12.13 7.78 -45.43
C PHE A 109 11.26 6.53 -45.31
N LEU A 110 10.38 6.49 -44.31
CA LEU A 110 9.40 5.40 -44.14
C LEU A 110 8.02 5.95 -44.48
N ARG A 111 7.67 7.06 -43.86
CA ARG A 111 6.35 7.67 -44.09
C ARG A 111 6.31 9.08 -43.55
N GLY A 112 5.34 9.81 -44.07
CA GLY A 112 5.11 11.16 -43.74
C GLY A 112 3.65 11.28 -43.36
N TYR A 113 3.35 12.29 -42.59
CA TYR A 113 1.95 12.48 -42.24
C TYR A 113 1.64 13.91 -42.03
N HIS A 114 0.37 14.21 -42.18
CA HIS A 114 -0.18 15.55 -41.96
C HIS A 114 -1.66 15.40 -41.72
N GLN A 115 -2.12 15.84 -40.53
CA GLN A 115 -3.48 15.64 -40.08
C GLN A 115 -4.01 16.88 -39.37
N TYR A 116 -5.32 17.04 -39.39
CA TYR A 116 -5.96 18.23 -38.84
C TYR A 116 -7.20 17.84 -38.16
N ALA A 117 -7.46 18.51 -37.01
CA ALA A 117 -8.64 18.24 -36.23
C ALA A 117 -9.34 19.53 -35.80
N TYR A 118 -10.66 19.45 -35.65
CA TYR A 118 -11.49 20.53 -35.12
C TYR A 118 -12.24 20.02 -33.91
N ASP A 119 -12.13 20.75 -32.79
CA ASP A 119 -12.72 20.29 -31.51
C ASP A 119 -12.41 18.82 -31.10
N GLY A 120 -11.21 18.40 -31.38
CA GLY A 120 -10.71 17.10 -30.93
C GLY A 120 -11.08 15.90 -31.85
N LYS A 121 -11.72 16.15 -32.99
CA LYS A 121 -12.09 15.10 -33.92
C LYS A 121 -11.44 15.31 -35.28
N ASP A 122 -11.11 14.20 -35.94
CA ASP A 122 -10.53 14.28 -37.29
C ASP A 122 -11.36 15.17 -38.21
N TYR A 123 -10.70 16.09 -38.90
CA TYR A 123 -11.34 16.96 -39.89
C TYR A 123 -10.85 16.56 -41.31
N ILE A 124 -9.56 16.68 -41.55
CA ILE A 124 -8.97 16.19 -42.79
C ILE A 124 -7.56 15.67 -42.52
N ALA A 125 -7.12 14.71 -43.31
CA ALA A 125 -5.79 14.16 -43.21
C ALA A 125 -5.26 13.78 -44.59
N LEU A 126 -3.96 13.90 -44.74
CA LEU A 126 -3.23 13.37 -45.89
C LEU A 126 -3.04 11.89 -45.71
N LYS A 127 -3.36 11.12 -46.74
CA LYS A 127 -3.20 9.68 -46.64
C LYS A 127 -1.75 9.30 -46.89
N GLU A 128 -1.42 8.03 -46.65
CA GLU A 128 -0.03 7.58 -46.62
C GLU A 128 0.71 7.75 -47.96
N ASP A 129 -0.01 7.64 -49.08
CA ASP A 129 0.59 7.88 -50.39
C ASP A 129 0.98 9.34 -50.62
N LEU A 130 0.62 10.23 -49.70
CA LEU A 130 0.94 11.67 -49.76
C LEU A 130 0.49 12.34 -51.06
N ARG A 131 -0.60 11.81 -51.63
CA ARG A 131 -1.23 12.37 -52.82
C ARG A 131 -2.70 12.70 -52.63
N SER A 132 -3.34 12.16 -51.61
CA SER A 132 -4.80 12.24 -51.51
C SER A 132 -5.23 12.51 -50.08
N TRP A 133 -6.51 12.78 -49.89
CA TRP A 133 -7.02 13.27 -48.62
C TRP A 133 -8.20 12.47 -48.13
N THR A 134 -8.35 12.35 -46.81
CA THR A 134 -9.62 11.84 -46.27
C THR A 134 -10.25 12.93 -45.47
N ALA A 135 -11.56 13.11 -45.67
CA ALA A 135 -12.31 14.20 -45.10
C ALA A 135 -13.37 13.66 -44.19
N ALA A 136 -13.53 14.24 -43.01
CA ALA A 136 -14.46 13.65 -42.05
C ALA A 136 -15.93 13.82 -42.44
N ASP A 137 -16.30 14.97 -43.01
CA ASP A 137 -17.71 15.35 -43.24
C ASP A 137 -17.78 16.30 -44.43
N MET A 138 -18.94 16.93 -44.67
CA MET A 138 -19.09 17.82 -45.83
C MET A 138 -18.34 19.15 -45.74
N ALA A 139 -18.20 19.73 -44.54
CA ALA A 139 -17.30 20.88 -44.36
C ALA A 139 -15.92 20.51 -44.86
N ALA A 140 -15.42 19.37 -44.41
CA ALA A 140 -14.06 18.97 -44.82
C ALA A 140 -13.96 18.64 -46.27
N GLN A 141 -15.07 18.34 -46.91
CA GLN A 141 -15.00 18.02 -48.33
C GLN A 141 -14.74 19.30 -49.13
N THR A 142 -15.37 20.37 -48.72
CA THR A 142 -15.08 21.67 -49.36
C THR A 142 -13.57 22.03 -49.15
N THR A 143 -13.05 21.84 -47.96
CA THR A 143 -11.64 22.06 -47.74
C THR A 143 -10.82 21.20 -48.66
N LYS A 144 -11.21 19.92 -48.82
CA LYS A 144 -10.41 18.98 -49.63
C LYS A 144 -10.32 19.40 -51.07
N HIS A 145 -11.45 19.78 -51.64
CA HIS A 145 -11.41 20.32 -52.99
C HIS A 145 -10.50 21.54 -53.12
N LYS A 146 -10.59 22.44 -52.14
CA LYS A 146 -9.74 23.63 -52.15
C LYS A 146 -8.31 23.19 -52.17
N TRP A 147 -7.96 22.20 -51.33
CA TRP A 147 -6.53 21.81 -51.23
C TRP A 147 -6.02 21.05 -52.42
N GLU A 148 -6.94 20.35 -53.07
CA GLU A 148 -6.67 19.68 -54.29
C GLU A 148 -6.40 20.69 -55.40
N ALA A 149 -7.31 21.64 -55.58
CA ALA A 149 -7.08 22.72 -56.58
C ALA A 149 -5.72 23.39 -56.43
N ALA A 150 -5.26 23.55 -55.17
CA ALA A 150 -4.07 24.35 -54.85
C ALA A 150 -2.84 23.53 -54.77
N HIS A 151 -2.97 22.22 -55.04
CA HIS A 151 -1.85 21.29 -55.05
C HIS A 151 -1.07 21.26 -53.74
N VAL A 152 -1.81 21.35 -52.63
CA VAL A 152 -1.21 21.28 -51.29
C VAL A 152 -0.45 19.98 -51.06
N ALA A 153 -1.04 18.85 -51.51
CA ALA A 153 -0.39 17.55 -51.26
C ALA A 153 0.97 17.47 -51.89
N GLU A 154 1.09 17.98 -53.11
CA GLU A 154 2.34 17.94 -53.78
C GLU A 154 3.43 18.66 -52.97
N GLN A 155 3.13 19.81 -52.47
CA GLN A 155 4.11 20.54 -51.76
C GLN A 155 4.42 19.91 -50.41
N LEU A 156 3.41 19.47 -49.68
CA LEU A 156 3.65 18.65 -48.46
C LEU A 156 4.53 17.41 -48.80
N ARG A 157 4.17 16.69 -49.85
CA ARG A 157 4.93 15.51 -50.21
C ARG A 157 6.42 15.82 -50.42
N ALA A 158 6.69 16.92 -51.13
CA ALA A 158 8.07 17.32 -51.39
C ALA A 158 8.79 17.55 -50.07
N TYR A 159 8.14 18.24 -49.16
CA TYR A 159 8.76 18.51 -47.88
C TYR A 159 9.01 17.27 -47.03
N LEU A 160 8.01 16.43 -46.92
CA LEU A 160 8.05 15.23 -46.04
C LEU A 160 9.04 14.22 -46.52
N GLU A 161 9.06 13.95 -47.82
CA GLU A 161 10.07 13.04 -48.43
C GLU A 161 11.44 13.70 -48.52
N GLY A 162 11.53 15.03 -48.46
CA GLY A 162 12.83 15.67 -48.64
C GLY A 162 13.31 16.34 -47.38
N THR A 163 13.06 17.64 -47.29
CA THR A 163 13.52 18.48 -46.17
C THR A 163 13.24 17.93 -44.80
N CYS A 164 12.04 17.39 -44.58
CA CYS A 164 11.63 16.87 -43.23
C CYS A 164 12.61 15.79 -42.76
N VAL A 165 12.84 14.86 -43.68
CA VAL A 165 13.74 13.73 -43.47
C VAL A 165 15.21 14.18 -43.40
N GLU A 166 15.62 15.15 -44.22
CA GLU A 166 17.01 15.62 -44.09
C GLU A 166 17.32 16.35 -42.83
N TRP A 167 16.37 17.14 -42.35
CA TRP A 167 16.67 17.95 -41.19
C TRP A 167 16.59 17.06 -39.94
N LEU A 168 15.70 16.07 -39.97
CA LEU A 168 15.68 14.99 -38.96
C LEU A 168 17.04 14.29 -38.88
N ARG A 169 17.60 13.85 -40.00
CA ARG A 169 18.92 13.19 -39.94
C ARG A 169 19.96 14.16 -39.38
N ARG A 170 19.83 15.45 -39.73
CA ARG A 170 20.76 16.45 -39.25
C ARG A 170 20.66 16.57 -37.74
N TYR A 171 19.42 16.62 -37.20
CA TYR A 171 19.25 16.72 -35.77
C TYR A 171 19.78 15.47 -35.03
N LEU A 172 19.44 14.30 -35.55
CA LEU A 172 19.88 13.03 -35.00
C LEU A 172 21.38 13.00 -34.88
N GLU A 173 22.08 13.62 -35.84
CA GLU A 173 23.55 13.66 -35.78
C GLU A 173 24.04 14.77 -34.84
N ASN A 174 23.52 15.99 -34.93
CA ASN A 174 24.00 17.08 -34.07
C ASN A 174 23.63 16.84 -32.57
N GLY A 175 22.51 16.17 -32.31
CA GLY A 175 22.10 15.77 -30.95
C GLY A 175 22.44 14.33 -30.56
N LYS A 176 23.37 13.71 -31.28
CA LYS A 176 23.55 12.27 -31.15
C LYS A 176 23.78 11.83 -29.71
N GLU A 177 24.40 12.67 -28.89
CA GLU A 177 24.75 12.21 -27.57
C GLU A 177 23.54 11.98 -26.69
N THR A 178 22.46 12.70 -26.97
CA THR A 178 21.26 12.47 -26.23
C THR A 178 20.16 11.77 -27.10
N LEU A 179 20.06 12.07 -28.39
CA LEU A 179 19.05 11.40 -29.22
C LEU A 179 19.38 9.95 -29.62
N GLN A 180 20.66 9.59 -29.72
CA GLN A 180 21.00 8.23 -30.11
C GLN A 180 21.54 7.43 -28.94
N ARG A 181 21.22 7.85 -27.71
CA ARG A 181 21.56 7.07 -26.52
C ARG A 181 20.41 6.11 -26.26
N THR A 182 20.67 4.98 -25.60
CA THR A 182 19.59 4.19 -25.01
C THR A 182 19.96 4.07 -23.57
N ASP A 183 19.01 4.40 -22.70
CA ASP A 183 19.15 4.14 -21.28
C ASP A 183 18.26 2.97 -20.96
N ALA A 184 18.92 1.87 -20.65
CA ALA A 184 18.25 0.69 -20.21
C ALA A 184 17.50 0.99 -18.91
N PRO A 185 16.28 0.46 -18.77
CA PRO A 185 15.49 0.58 -17.53
C PRO A 185 16.21 0.09 -16.29
N LYS A 186 16.13 0.85 -15.18
CA LYS A 186 16.53 0.34 -13.85
C LYS A 186 15.25 -0.28 -13.31
N THR A 187 15.37 -1.50 -12.83
CA THR A 187 14.24 -2.38 -12.67
C THR A 187 14.21 -2.92 -11.24
N HIS A 188 13.03 -2.95 -10.62
CA HIS A 188 12.86 -3.65 -9.31
C HIS A 188 11.42 -4.07 -9.07
N MET A 189 11.23 -4.83 -8.00
CA MET A 189 9.94 -5.33 -7.67
C MET A 189 9.55 -4.93 -6.28
N THR A 190 8.26 -4.69 -6.16
CA THR A 190 7.61 -4.29 -4.96
C THR A 190 6.56 -5.31 -4.56
N HIS A 191 6.30 -5.41 -3.26
CA HIS A 191 5.28 -6.31 -2.75
C HIS A 191 4.37 -5.62 -1.67
N HIS A 192 3.06 -5.80 -1.75
CA HIS A 192 2.15 -5.34 -0.68
C HIS A 192 0.99 -6.28 -0.45
N ALA A 193 0.69 -6.59 0.80
CA ALA A 193 -0.53 -7.32 1.09
C ALA A 193 -1.67 -6.38 0.75
N VAL A 194 -2.63 -6.81 -0.03
CA VAL A 194 -3.75 -5.94 -0.32
C VAL A 194 -5.00 -6.38 0.45
N SER A 195 -4.96 -7.60 0.93
CA SER A 195 -6.07 -8.25 1.64
C SER A 195 -5.38 -9.15 2.67
N ASP A 196 -6.17 -9.94 3.41
CA ASP A 196 -5.63 -11.05 4.19
C ASP A 196 -5.03 -12.12 3.28
N HIS A 197 -5.75 -12.51 2.22
CA HIS A 197 -5.31 -13.62 1.36
C HIS A 197 -4.71 -13.21 0.01
N GLU A 198 -4.54 -11.91 -0.23
CA GLU A 198 -3.97 -11.45 -1.50
C GLU A 198 -2.85 -10.47 -1.31
N ALA A 199 -1.96 -10.49 -2.29
CA ALA A 199 -0.86 -9.57 -2.38
C ALA A 199 -0.67 -9.05 -3.81
N THR A 200 -0.17 -7.82 -3.90
CA THR A 200 0.12 -7.21 -5.17
C THR A 200 1.60 -7.18 -5.42
N LEU A 201 1.99 -7.64 -6.59
CA LEU A 201 3.38 -7.56 -7.01
C LEU A 201 3.48 -6.45 -8.05
N ARG A 202 4.41 -5.52 -7.87
CA ARG A 202 4.56 -4.44 -8.85
C ARG A 202 5.96 -4.35 -9.35
N CYS A 203 6.04 -4.44 -10.67
CA CYS A 203 7.30 -4.53 -11.34
C CYS A 203 7.58 -3.19 -11.98
N TRP A 204 8.73 -2.60 -11.65
CA TRP A 204 9.04 -1.24 -12.02
C TRP A 204 10.17 -1.18 -13.05
N ALA A 205 10.01 -0.24 -13.98
CA ALA A 205 11.05 0.20 -14.91
C ALA A 205 11.23 1.71 -14.84
N LEU A 206 12.42 2.18 -14.51
CA LEU A 206 12.70 3.59 -14.27
C LEU A 206 13.90 4.08 -15.11
N SER A 207 13.96 5.38 -15.38
CA SER A 207 15.05 6.05 -16.13
C SER A 207 15.40 5.44 -17.46
N PHE A 208 14.42 5.00 -18.23
CA PHE A 208 14.68 4.48 -19.54
C PHE A 208 14.34 5.46 -20.65
N TYR A 209 14.97 5.24 -21.82
CA TYR A 209 14.78 6.02 -23.05
C TYR A 209 15.24 5.15 -24.20
N PRO A 210 14.45 5.00 -25.27
CA PRO A 210 13.20 5.74 -25.54
C PRO A 210 11.98 5.24 -24.77
N ALA A 211 10.85 5.91 -24.94
CA ALA A 211 9.66 5.60 -24.16
C ALA A 211 9.12 4.21 -24.41
N GLU A 212 9.34 3.70 -25.62
CA GLU A 212 8.84 2.38 -26.00
C GLU A 212 9.42 1.29 -25.07
N ILE A 213 8.55 0.47 -24.49
CA ILE A 213 8.98 -0.59 -23.54
C ILE A 213 7.85 -1.61 -23.45
N THR A 214 8.13 -2.89 -23.22
CA THR A 214 7.00 -3.78 -22.90
C THR A 214 7.24 -4.59 -21.61
N LEU A 215 6.19 -4.61 -20.80
CA LEU A 215 6.18 -5.16 -19.49
C LEU A 215 5.07 -6.18 -19.52
N THR A 216 5.36 -7.41 -19.12
CA THR A 216 4.33 -8.44 -19.08
C THR A 216 4.54 -9.35 -17.86
N TRP A 217 3.44 -9.82 -17.31
CA TRP A 217 3.46 -10.76 -16.24
C TRP A 217 3.10 -12.11 -16.80
N GLN A 218 3.88 -13.10 -16.35
CA GLN A 218 3.58 -14.50 -16.60
C GLN A 218 3.36 -15.22 -15.31
N ARG A 219 2.65 -16.34 -15.39
CA ARG A 219 2.47 -17.21 -14.26
C ARG A 219 2.66 -18.65 -14.76
N ASP A 220 3.60 -19.37 -14.16
CA ASP A 220 4.02 -20.70 -14.65
C ASP A 220 4.60 -20.59 -16.07
N GLY A 221 5.15 -19.42 -16.43
CA GLY A 221 5.64 -19.18 -17.77
C GLY A 221 4.57 -19.00 -18.82
N GLU A 222 3.34 -18.70 -18.38
CA GLU A 222 2.22 -18.44 -19.29
C GLU A 222 1.65 -17.03 -19.08
N ASP A 223 1.39 -16.33 -20.17
CA ASP A 223 1.00 -14.93 -20.12
C ASP A 223 -0.26 -14.67 -19.26
N GLN A 224 -0.22 -13.58 -18.50
CA GLN A 224 -1.24 -13.25 -17.52
C GLN A 224 -1.86 -11.88 -17.76
N THR A 225 -3.16 -11.89 -18.05
CA THR A 225 -3.94 -10.70 -18.26
C THR A 225 -4.84 -10.44 -17.04
N GLN A 226 -5.46 -11.48 -16.49
CA GLN A 226 -6.44 -11.33 -15.38
C GLN A 226 -5.79 -10.69 -14.16
N ASP A 227 -6.53 -9.82 -13.47
CA ASP A 227 -6.06 -9.15 -12.24
C ASP A 227 -4.69 -8.44 -12.36
N THR A 228 -4.31 -8.06 -13.58
CA THR A 228 -3.14 -7.21 -13.84
C THR A 228 -3.58 -5.76 -14.11
N GLU A 229 -2.60 -4.84 -14.13
CA GLU A 229 -2.84 -3.39 -14.40
C GLU A 229 -1.49 -2.80 -14.88
N LEU A 230 -1.55 -2.05 -15.96
CA LEU A 230 -0.36 -1.41 -16.60
C LEU A 230 -0.57 0.08 -16.56
N VAL A 231 0.32 0.85 -15.96
CA VAL A 231 0.12 2.32 -16.08
C VAL A 231 0.65 2.87 -17.36
N GLU A 232 0.10 4.00 -17.72
CA GLU A 232 0.56 4.72 -18.88
C GLU A 232 2.04 5.06 -18.61
N THR A 233 2.88 4.89 -19.63
CA THR A 233 4.24 5.37 -19.56
C THR A 233 4.27 6.90 -19.29
N ARG A 234 5.12 7.32 -18.36
CA ARG A 234 5.03 8.66 -17.79
C ARG A 234 6.45 9.24 -17.86
N PRO A 235 6.57 10.57 -18.10
CA PRO A 235 7.88 11.23 -18.09
C PRO A 235 8.44 11.51 -16.69
N ALA A 236 9.74 11.27 -16.51
CA ALA A 236 10.36 11.57 -15.24
C ALA A 236 10.63 13.04 -15.02
N GLY A 237 10.78 13.79 -16.10
CA GLY A 237 11.09 15.24 -16.05
C GLY A 237 12.54 15.52 -16.41
N ASP A 238 13.34 14.46 -16.48
CA ASP A 238 14.77 14.60 -16.77
C ASP A 238 15.14 14.02 -18.12
N GLY A 239 14.14 13.73 -18.97
CA GLY A 239 14.39 13.15 -20.30
C GLY A 239 14.17 11.64 -20.35
N THR A 240 13.98 11.02 -19.21
CA THR A 240 13.68 9.60 -19.17
C THR A 240 12.22 9.28 -18.82
N PHE A 241 11.89 8.00 -18.86
CA PHE A 241 10.54 7.57 -18.64
C PHE A 241 10.44 6.50 -17.54
N GLN A 242 9.21 6.22 -17.13
CA GLN A 242 8.95 5.31 -16.07
C GLN A 242 7.70 4.55 -16.45
N LYS A 243 7.58 3.32 -15.94
CA LYS A 243 6.38 2.57 -16.10
C LYS A 243 6.32 1.46 -15.03
N TRP A 244 5.16 1.01 -14.67
CA TRP A 244 5.08 -0.24 -13.91
C TRP A 244 3.88 -1.07 -14.35
N ALA A 245 3.93 -2.34 -13.95
CA ALA A 245 2.91 -3.34 -14.22
C ALA A 245 2.70 -4.10 -12.91
N ALA A 246 1.44 -4.32 -12.53
CA ALA A 246 1.15 -4.95 -11.26
C ALA A 246 0.33 -6.19 -11.50
N VAL A 247 0.39 -7.13 -10.56
CA VAL A 247 -0.52 -8.27 -10.59
C VAL A 247 -0.91 -8.61 -9.16
N VAL A 248 -2.19 -8.91 -8.92
CA VAL A 248 -2.60 -9.34 -7.59
C VAL A 248 -2.66 -10.86 -7.62
N VAL A 249 -2.03 -11.45 -6.62
CA VAL A 249 -1.87 -12.88 -6.56
C VAL A 249 -2.35 -13.45 -5.23
N PRO A 250 -2.83 -14.72 -5.23
CA PRO A 250 -3.03 -15.41 -3.96
C PRO A 250 -1.73 -15.38 -3.17
N SER A 251 -1.79 -15.08 -1.88
CA SER A 251 -0.57 -14.89 -1.14
C SER A 251 -0.02 -16.29 -0.90
N GLY A 252 1.29 -16.42 -1.01
CA GLY A 252 1.97 -17.67 -0.93
C GLY A 252 2.23 -18.29 -2.28
N GLN A 253 1.72 -17.69 -3.35
CA GLN A 253 2.01 -18.15 -4.70
C GLN A 253 2.89 -17.18 -5.50
N GLU A 254 3.45 -16.17 -4.82
CA GLU A 254 4.29 -15.13 -5.44
C GLU A 254 5.36 -15.68 -6.38
N GLN A 255 5.90 -16.84 -6.06
CA GLN A 255 7.06 -17.36 -6.78
C GLN A 255 6.66 -17.96 -8.12
N ARG A 256 5.37 -18.16 -8.35
CA ARG A 256 4.89 -18.61 -9.68
C ARG A 256 4.91 -17.49 -10.74
N TYR A 257 4.98 -16.24 -10.27
CA TYR A 257 4.80 -15.08 -11.14
C TYR A 257 6.14 -14.49 -11.53
N THR A 258 6.25 -14.08 -12.78
CA THR A 258 7.51 -13.55 -13.24
C THR A 258 7.20 -12.33 -14.14
N CYS A 259 7.98 -11.26 -13.98
CA CYS A 259 7.76 -10.03 -14.74
C CYS A 259 8.80 -9.96 -15.85
N HIS A 260 8.35 -9.58 -17.05
CA HIS A 260 9.19 -9.66 -18.23
C HIS A 260 9.25 -8.32 -18.90
N VAL A 261 10.49 -7.86 -19.11
CA VAL A 261 10.78 -6.50 -19.51
C VAL A 261 11.59 -6.51 -20.81
N GLN A 262 11.10 -5.79 -21.83
CA GLN A 262 11.79 -5.68 -23.12
C GLN A 262 11.96 -4.23 -23.45
N HIS A 263 13.20 -3.86 -23.74
CA HIS A 263 13.54 -2.51 -24.10
C HIS A 263 14.74 -2.58 -25.01
N GLU A 264 14.81 -1.65 -25.95
CA GLU A 264 15.94 -1.54 -26.90
C GLU A 264 17.29 -1.55 -26.24
N GLY A 265 17.36 -0.89 -25.09
CA GLY A 265 18.57 -0.82 -24.29
C GLY A 265 18.97 -2.13 -23.62
N LEU A 266 18.17 -3.18 -23.79
CA LEU A 266 18.47 -4.45 -23.16
C LEU A 266 18.98 -5.42 -24.19
N PRO A 267 20.26 -5.81 -24.07
CA PRO A 267 20.78 -6.86 -24.96
C PRO A 267 19.83 -8.04 -25.00
N LYS A 268 19.33 -8.45 -23.82
CA LYS A 268 18.33 -9.52 -23.69
C LYS A 268 17.23 -9.08 -22.77
N PRO A 269 15.98 -9.56 -22.99
CA PRO A 269 14.85 -9.20 -22.11
C PRO A 269 15.04 -9.73 -20.69
N LEU A 270 14.84 -8.87 -19.71
CA LEU A 270 14.97 -9.25 -18.30
C LEU A 270 13.73 -10.02 -17.85
N THR A 271 13.95 -10.89 -16.87
CA THR A 271 12.90 -11.61 -16.15
C THR A 271 13.16 -11.27 -14.67
N LEU A 272 12.15 -10.80 -13.93
CA LEU A 272 12.28 -10.59 -12.49
C LEU A 272 11.26 -11.43 -11.73
N ARG A 273 11.62 -11.77 -10.50
CA ARG A 273 10.79 -12.58 -9.61
C ARG A 273 10.88 -12.01 -8.21
N TRP A 274 9.82 -12.10 -7.45
CA TRP A 274 9.85 -11.55 -6.10
C TRP A 274 10.98 -12.08 -5.23
N GLU A 275 12.00 -11.24 -4.98
CA GLU A 275 12.95 -11.46 -3.86
C GLU A 275 13.25 -12.94 -3.70
N MET B 1 -20.33 18.81 -27.55
CA MET B 1 -18.99 18.45 -28.16
C MET B 1 -18.31 17.36 -27.32
N ILE B 2 -17.33 16.67 -27.90
CA ILE B 2 -16.62 15.62 -27.18
C ILE B 2 -15.64 16.21 -26.20
N GLN B 3 -15.71 15.65 -25.02
CA GLN B 3 -14.95 16.07 -23.91
C GLN B 3 -14.41 14.81 -23.29
N ARG B 4 -13.16 14.90 -22.86
CA ARG B 4 -12.47 13.74 -22.37
C ARG B 4 -11.81 14.16 -21.09
N THR B 5 -12.06 13.40 -20.05
CA THR B 5 -11.61 13.80 -18.72
C THR B 5 -10.16 13.35 -18.52
N PRO B 6 -9.37 14.10 -17.75
CA PRO B 6 -7.97 13.76 -17.66
C PRO B 6 -7.62 12.54 -16.80
N LYS B 7 -6.59 11.79 -17.22
CA LYS B 7 -5.95 10.77 -16.42
C LYS B 7 -4.87 11.50 -15.67
N ILE B 8 -4.63 11.06 -14.44
CA ILE B 8 -3.74 11.75 -13.52
C ILE B 8 -2.80 10.77 -12.85
N GLN B 9 -1.52 11.01 -12.90
CA GLN B 9 -0.54 10.24 -12.13
C GLN B 9 0.28 11.24 -11.39
N VAL B 10 0.51 10.93 -10.13
CA VAL B 10 1.31 11.75 -9.27
C VAL B 10 2.42 10.90 -8.74
N TYR B 11 3.65 11.40 -8.81
CA TYR B 11 4.82 10.55 -8.58
C TYR B 11 6.08 11.40 -8.50
N SER B 12 7.13 10.84 -7.95
CA SER B 12 8.43 11.55 -7.88
C SER B 12 9.37 11.16 -9.04
N ARG B 13 10.30 12.06 -9.35
CA ARG B 13 11.28 11.82 -10.38
C ARG B 13 12.19 10.69 -10.00
N HIS B 14 12.77 10.75 -8.80
CA HIS B 14 13.63 9.67 -8.29
C HIS B 14 12.92 8.96 -7.12
N PRO B 15 13.39 7.74 -6.78
CA PRO B 15 12.90 7.06 -5.57
C PRO B 15 12.97 7.99 -4.39
N ALA B 16 11.85 8.09 -3.69
CA ALA B 16 11.74 9.01 -2.55
C ALA B 16 12.50 8.52 -1.32
N GLU B 17 13.32 9.41 -0.76
CA GLU B 17 13.99 9.15 0.50
C GLU B 17 13.78 10.38 1.31
N ASN B 18 13.36 10.18 2.56
CA ASN B 18 13.05 11.27 3.45
C ASN B 18 14.25 12.17 3.65
N GLY B 19 13.99 13.48 3.62
CA GLY B 19 15.02 14.49 3.72
C GLY B 19 15.89 14.74 2.49
N LYS B 20 15.65 14.04 1.38
CA LYS B 20 16.47 14.19 0.19
C LYS B 20 15.71 14.79 -0.97
N SER B 21 16.42 15.71 -1.62
CA SER B 21 15.84 16.58 -2.65
C SER B 21 15.43 15.81 -3.87
N ASN B 22 14.31 16.19 -4.45
CA ASN B 22 13.68 15.39 -5.49
C ASN B 22 12.73 16.33 -6.27
N PHE B 23 11.91 15.76 -7.16
CA PHE B 23 10.92 16.52 -7.90
C PHE B 23 9.59 15.78 -7.80
N LEU B 24 8.53 16.54 -7.56
CA LEU B 24 7.19 16.01 -7.53
C LEU B 24 6.51 16.34 -8.84
N ASN B 25 5.90 15.33 -9.46
CA ASN B 25 5.33 15.41 -10.76
C ASN B 25 3.88 15.11 -10.70
N CYS B 26 3.08 15.83 -11.48
CA CYS B 26 1.70 15.42 -11.76
C CYS B 26 1.52 15.45 -13.26
N TYR B 27 1.33 14.29 -13.85
CA TYR B 27 1.18 14.16 -15.28
C TYR B 27 -0.29 13.97 -15.55
N VAL B 28 -0.86 14.89 -16.30
CA VAL B 28 -2.22 14.83 -16.77
C VAL B 28 -2.26 14.56 -18.26
N SER B 29 -3.16 13.65 -18.68
CA SER B 29 -3.17 13.25 -20.07
C SER B 29 -4.56 12.77 -20.46
N GLY B 30 -4.78 12.65 -21.76
CA GLY B 30 -6.02 12.04 -22.31
C GLY B 30 -7.21 13.00 -22.26
N PHE B 31 -6.94 14.29 -22.06
CA PHE B 31 -8.02 15.27 -21.86
C PHE B 31 -8.32 16.14 -23.05
N HIS B 32 -9.55 16.61 -23.10
CA HIS B 32 -10.00 17.55 -24.12
C HIS B 32 -11.26 18.24 -23.64
N PRO B 33 -11.40 19.57 -23.71
CA PRO B 33 -10.42 20.47 -24.31
C PRO B 33 -9.20 20.76 -23.43
N SER B 34 -8.33 21.64 -23.94
CA SER B 34 -7.03 21.82 -23.35
C SER B 34 -6.98 22.62 -22.07
N ASP B 35 -7.95 23.51 -21.85
CA ASP B 35 -7.96 24.31 -20.63
C ASP B 35 -8.09 23.40 -19.40
N ILE B 36 -7.19 23.56 -18.47
CA ILE B 36 -7.12 22.70 -17.32
C ILE B 36 -6.40 23.48 -16.20
N GLU B 37 -6.79 23.20 -14.94
CA GLU B 37 -6.08 23.74 -13.79
C GLU B 37 -5.49 22.57 -13.01
N VAL B 38 -4.22 22.68 -12.68
CA VAL B 38 -3.48 21.63 -11.97
C VAL B 38 -2.68 22.33 -10.85
N ASP B 39 -2.89 21.90 -9.61
CA ASP B 39 -2.12 22.41 -8.49
C ASP B 39 -1.46 21.22 -7.82
N LEU B 40 -0.30 21.43 -7.28
CA LEU B 40 0.30 20.46 -6.38
C LEU B 40 0.11 20.98 -4.93
N LEU B 41 -0.23 20.07 -4.03
CA LEU B 41 -0.53 20.39 -2.66
C LEU B 41 0.42 19.76 -1.69
N LYS B 42 0.71 20.52 -0.66
CA LYS B 42 1.49 20.07 0.44
C LYS B 42 0.60 20.23 1.66
N ASN B 43 0.20 19.13 2.28
CA ASN B 43 -0.73 19.13 3.41
C ASN B 43 -1.96 19.93 3.17
N GLY B 44 -2.57 19.70 2.01
CA GLY B 44 -3.73 20.45 1.57
C GLY B 44 -3.47 21.85 1.00
N GLU B 45 -2.26 22.40 1.10
CA GLU B 45 -2.02 23.81 0.67
C GLU B 45 -1.30 23.89 -0.68
N ARG B 46 -1.70 24.82 -1.54
CA ARG B 46 -1.06 24.94 -2.85
C ARG B 46 0.41 25.21 -2.73
N ILE B 47 1.20 24.53 -3.55
CA ILE B 47 2.58 24.88 -3.71
C ILE B 47 2.65 26.00 -4.77
N GLU B 48 3.40 27.04 -4.46
CA GLU B 48 3.54 28.21 -5.33
C GLU B 48 4.69 27.93 -6.36
N LYS B 49 4.66 28.46 -7.57
CA LYS B 49 5.87 28.33 -8.46
C LYS B 49 6.10 26.96 -9.11
N VAL B 50 5.05 26.20 -9.23
CA VAL B 50 5.07 24.95 -9.95
C VAL B 50 5.24 25.31 -11.44
N GLU B 51 6.04 24.54 -12.15
CA GLU B 51 6.23 24.69 -13.56
C GLU B 51 5.48 23.62 -14.33
N HIS B 52 5.30 23.83 -15.61
CA HIS B 52 4.72 22.80 -16.45
C HIS B 52 5.33 22.78 -17.82
N SER B 53 5.15 21.65 -18.51
CA SER B 53 5.66 21.46 -19.89
C SER B 53 4.75 22.18 -20.87
N ASP B 54 5.17 22.29 -22.13
CA ASP B 54 4.46 23.00 -23.13
C ASP B 54 3.34 22.10 -23.62
N LEU B 55 2.17 22.63 -23.82
CA LEU B 55 1.02 21.79 -24.28
C LEU B 55 1.30 21.01 -25.56
N SER B 56 1.10 19.71 -25.54
N SER B 56 1.14 19.70 -25.49
CA SER B 56 1.19 18.92 -26.76
CA SER B 56 1.33 18.81 -26.64
C SER B 56 0.07 17.91 -26.73
C SER B 56 0.10 17.89 -26.70
N PHE B 57 0.07 17.01 -27.69
CA PHE B 57 -1.05 16.07 -27.80
C PHE B 57 -0.67 14.78 -28.47
N SER B 58 -1.53 13.79 -28.27
CA SER B 58 -1.30 12.42 -28.67
C SER B 58 -1.97 12.13 -30.01
N LYS B 59 -1.76 10.92 -30.50
CA LYS B 59 -2.29 10.45 -31.78
C LYS B 59 -3.80 10.63 -31.86
N ASP B 60 -4.47 10.40 -30.76
CA ASP B 60 -5.91 10.61 -30.70
C ASP B 60 -6.34 12.03 -30.42
N TRP B 61 -5.42 12.97 -30.45
CA TRP B 61 -5.71 14.44 -30.32
C TRP B 61 -5.82 14.93 -28.92
N SER B 62 -5.86 14.01 -27.97
CA SER B 62 -6.05 14.36 -26.58
C SER B 62 -4.73 14.90 -26.07
N PHE B 63 -4.84 15.87 -25.19
CA PHE B 63 -3.69 16.65 -24.67
C PHE B 63 -2.99 16.01 -23.47
N TYR B 64 -1.75 16.45 -23.25
CA TYR B 64 -1.02 16.05 -22.08
C TYR B 64 -0.04 17.16 -21.62
N LEU B 65 0.14 17.21 -20.30
CA LEU B 65 1.01 18.19 -19.62
C LEU B 65 1.67 17.54 -18.43
N LEU B 66 2.92 17.93 -18.18
CA LEU B 66 3.58 17.57 -16.96
C LEU B 66 3.75 18.81 -16.09
N TYR B 67 3.15 18.78 -14.90
CA TYR B 67 3.42 19.77 -13.86
C TYR B 67 4.45 19.24 -12.85
N TYR B 68 5.37 20.08 -12.39
CA TYR B 68 6.41 19.61 -11.49
C TYR B 68 6.97 20.72 -10.65
N THR B 69 7.56 20.36 -9.52
CA THR B 69 8.25 21.26 -8.60
C THR B 69 9.27 20.46 -7.77
N GLU B 70 10.32 21.15 -7.34
CA GLU B 70 11.30 20.55 -6.47
C GLU B 70 10.60 20.38 -5.12
N PHE B 71 10.91 19.28 -4.43
CA PHE B 71 10.39 19.07 -3.09
C PHE B 71 11.35 18.13 -2.33
N THR B 72 11.23 18.13 -1.01
CA THR B 72 11.96 17.21 -0.17
C THR B 72 10.96 16.42 0.64
N PRO B 73 10.66 15.16 0.23
CA PRO B 73 9.73 14.28 0.98
C PRO B 73 10.18 14.06 2.40
N THR B 74 9.23 13.94 3.30
CA THR B 74 9.52 13.62 4.72
C THR B 74 8.55 12.49 5.12
N GLU B 75 8.65 12.01 6.34
CA GLU B 75 7.78 10.95 6.78
C GLU B 75 6.35 11.43 6.83
N LYS B 76 6.14 12.63 7.34
CA LYS B 76 4.77 13.03 7.71
C LYS B 76 4.07 13.97 6.72
N ASP B 77 4.80 14.69 5.88
CA ASP B 77 4.12 15.53 4.87
C ASP B 77 3.40 14.73 3.80
N GLU B 78 2.19 15.15 3.49
CA GLU B 78 1.35 14.53 2.48
C GLU B 78 1.29 15.42 1.22
N TYR B 79 1.48 14.79 0.07
CA TYR B 79 1.48 15.49 -1.17
C TYR B 79 0.37 14.98 -2.05
N ALA B 80 -0.14 15.86 -2.90
CA ALA B 80 -1.28 15.55 -3.78
C ALA B 80 -1.31 16.48 -4.99
N CYS B 81 -1.98 16.03 -6.04
CA CYS B 81 -2.23 16.83 -7.24
C CYS B 81 -3.72 17.06 -7.26
N ARG B 82 -4.15 18.29 -7.55
CA ARG B 82 -5.55 18.61 -7.67
C ARG B 82 -5.83 19.15 -9.08
N VAL B 83 -6.82 18.53 -9.75
CA VAL B 83 -7.09 18.83 -11.13
C VAL B 83 -8.50 19.26 -11.31
N ASN B 84 -8.67 20.40 -11.99
CA ASN B 84 -9.98 20.80 -12.44
C ASN B 84 -10.11 20.90 -13.95
N HIS B 85 -11.24 20.49 -14.50
CA HIS B 85 -11.42 20.48 -15.94
C HIS B 85 -12.92 20.50 -16.20
N VAL B 86 -13.36 20.98 -17.37
CA VAL B 86 -14.81 21.11 -17.60
C VAL B 86 -15.54 19.80 -17.39
N THR B 87 -14.88 18.67 -17.65
CA THR B 87 -15.54 17.38 -17.48
C THR B 87 -15.73 16.99 -16.00
N LEU B 88 -15.15 17.72 -15.06
CA LEU B 88 -15.24 17.38 -13.65
C LEU B 88 -16.26 18.26 -12.94
N SER B 89 -17.20 17.63 -12.23
CA SER B 89 -18.21 18.39 -11.52
C SER B 89 -17.57 19.02 -10.30
N GLN B 90 -16.45 18.47 -9.86
CA GLN B 90 -15.61 19.12 -8.87
C GLN B 90 -14.16 18.63 -8.99
N PRO B 91 -13.23 19.41 -8.45
CA PRO B 91 -11.81 19.08 -8.64
C PRO B 91 -11.47 17.67 -8.13
N LYS B 92 -10.63 16.94 -8.84
CA LYS B 92 -10.21 15.64 -8.46
C LYS B 92 -8.88 15.78 -7.72
N ILE B 93 -8.77 15.16 -6.56
CA ILE B 93 -7.53 15.14 -5.80
C ILE B 93 -6.92 13.76 -5.83
N VAL B 94 -5.67 13.66 -6.27
CA VAL B 94 -4.95 12.40 -6.27
C VAL B 94 -3.74 12.54 -5.34
N LYS B 95 -3.71 11.69 -4.30
CA LYS B 95 -2.64 11.71 -3.31
C LYS B 95 -1.39 11.06 -3.87
N TRP B 96 -0.23 11.61 -3.54
CA TRP B 96 1.03 10.95 -3.92
C TRP B 96 1.19 9.73 -3.00
N ASP B 97 1.35 8.54 -3.59
CA ASP B 97 1.73 7.30 -2.89
C ASP B 97 3.13 6.95 -3.36
N ARG B 98 4.16 7.01 -2.51
CA ARG B 98 5.55 6.80 -2.98
C ARG B 98 5.93 5.42 -3.59
N ASP B 99 5.11 4.40 -3.43
CA ASP B 99 5.33 3.25 -4.32
C ASP B 99 4.35 3.15 -5.48
N MET B 100 4.05 4.31 -6.09
CA MET B 100 3.33 4.38 -7.38
C MET B 100 3.66 5.63 -8.24
N ARG C 1 13.11 21.52 -38.56
CA ARG C 1 12.74 22.54 -39.59
C ARG C 1 11.33 22.29 -40.09
N GLN C 2 10.51 23.34 -39.94
CA GLN C 2 9.12 23.27 -40.31
C GLN C 2 8.87 23.35 -41.77
N PHE C 3 7.65 22.93 -42.13
CA PHE C 3 7.13 23.17 -43.47
C PHE C 3 6.99 24.67 -43.71
N GLY C 4 7.29 25.16 -44.90
CA GLY C 4 6.93 26.57 -45.16
C GLY C 4 6.75 26.94 -46.61
N PRO C 5 6.45 28.22 -46.91
CA PRO C 5 6.46 29.29 -45.90
C PRO C 5 5.32 29.17 -44.94
N ASP C 6 4.22 28.58 -45.39
CA ASP C 6 3.03 28.53 -44.60
C ASP C 6 2.00 27.62 -45.24
N PHE C 7 0.90 27.45 -44.55
CA PHE C 7 -0.20 26.56 -44.98
C PHE C 7 -1.35 27.34 -45.61
N PRO C 8 -2.08 26.69 -46.53
CA PRO C 8 -3.34 27.28 -46.97
C PRO C 8 -4.31 27.26 -45.77
N THR C 9 -5.32 28.11 -45.80
CA THR C 9 -6.40 28.10 -44.80
C THR C 9 -7.39 26.95 -45.13
N ILE C 10 -8.12 26.44 -44.13
CA ILE C 10 -8.98 25.33 -44.39
C ILE C 10 -10.17 25.85 -45.15
N GLU D 1 22.20 37.33 -52.88
CA GLU D 1 22.75 38.08 -54.04
C GLU D 1 22.72 37.27 -55.32
N VAL D 2 22.12 37.90 -56.33
CA VAL D 2 22.01 37.32 -57.63
C VAL D 2 22.71 38.26 -58.59
N GLU D 3 23.43 37.68 -59.55
CA GLU D 3 24.18 38.43 -60.53
C GLU D 3 23.51 38.24 -61.87
N GLN D 4 23.33 39.37 -62.55
CA GLN D 4 22.61 39.43 -63.82
C GLN D 4 23.32 40.54 -64.62
N ASP D 5 23.73 40.22 -65.83
CA ASP D 5 24.38 41.20 -66.66
C ASP D 5 23.32 42.21 -67.17
N PRO D 6 23.62 43.52 -67.09
CA PRO D 6 22.65 44.56 -67.47
C PRO D 6 22.32 44.69 -68.94
N GLY D 7 23.22 44.18 -69.78
CA GLY D 7 23.13 44.39 -71.20
C GLY D 7 23.53 45.82 -71.46
N PRO D 8 22.86 46.51 -72.37
CA PRO D 8 21.68 46.01 -73.09
C PRO D 8 22.00 44.98 -74.16
N LEU D 9 21.08 44.07 -74.39
CA LEU D 9 21.15 43.18 -75.51
C LEU D 9 20.36 43.77 -76.65
N SER D 10 20.94 43.82 -77.84
CA SER D 10 20.24 44.20 -79.05
C SER D 10 20.29 43.06 -80.04
N VAL D 11 19.13 42.55 -80.44
CA VAL D 11 19.13 41.42 -81.38
C VAL D 11 18.16 41.68 -82.48
N PRO D 12 18.38 41.03 -83.63
CA PRO D 12 17.43 41.26 -84.69
C PRO D 12 16.19 40.43 -84.45
N GLU D 13 15.06 40.93 -84.91
CA GLU D 13 13.81 40.17 -84.86
C GLU D 13 14.03 38.77 -85.44
N GLY D 14 13.46 37.77 -84.79
CA GLY D 14 13.56 36.41 -85.24
C GLY D 14 14.67 35.60 -84.57
N ALA D 15 15.57 36.27 -83.86
CA ALA D 15 16.63 35.64 -83.15
C ALA D 15 16.20 34.93 -81.87
N ILE D 16 16.94 33.91 -81.52
CA ILE D 16 16.91 33.29 -80.20
C ILE D 16 17.73 34.16 -79.22
N VAL D 17 17.11 34.49 -78.10
CA VAL D 17 17.80 35.22 -76.98
C VAL D 17 17.91 34.40 -75.75
N SER D 18 19.00 34.57 -75.06
CA SER D 18 19.31 33.81 -73.89
C SER D 18 19.60 34.81 -72.77
N LEU D 19 18.89 34.67 -71.65
CA LEU D 19 19.08 35.52 -70.46
C LEU D 19 19.48 34.61 -69.34
N ASN D 20 20.35 35.06 -68.45
CA ASN D 20 20.64 34.23 -67.29
C ASN D 20 20.93 34.99 -65.96
N CYS D 21 20.90 34.24 -64.85
CA CYS D 21 21.33 34.74 -63.56
C CYS D 21 22.14 33.67 -62.86
N THR D 22 23.05 34.16 -62.04
CA THR D 22 23.81 33.33 -61.15
C THR D 22 23.43 33.73 -59.72
N TYR D 23 23.47 32.76 -58.79
CA TYR D 23 23.23 33.06 -57.39
C TYR D 23 24.25 32.35 -56.52
N SER D 24 24.29 32.67 -55.22
CA SER D 24 25.24 32.04 -54.30
C SER D 24 24.64 31.15 -53.26
N ASN D 25 23.41 31.45 -52.87
CA ASN D 25 22.79 30.84 -51.75
C ASN D 25 21.98 29.61 -52.10
N SER D 26 22.43 28.50 -51.55
CA SER D 26 21.91 27.22 -51.93
C SER D 26 20.54 26.99 -51.29
N ALA D 27 20.15 27.81 -50.36
CA ALA D 27 18.80 27.75 -49.88
C ALA D 27 17.72 28.22 -50.88
N PHE D 28 18.07 28.91 -51.97
CA PHE D 28 17.02 29.26 -52.94
C PHE D 28 16.44 27.97 -53.59
N GLN D 29 15.13 27.90 -53.76
CA GLN D 29 14.46 26.69 -54.27
C GLN D 29 13.44 26.99 -55.33
N TYR D 30 13.04 28.25 -55.50
CA TYR D 30 11.98 28.61 -56.45
C TYR D 30 12.54 29.77 -57.29
N PHE D 31 12.40 29.65 -58.61
CA PHE D 31 13.06 30.57 -59.51
C PHE D 31 12.07 31.05 -60.53
N MET D 32 12.10 32.34 -60.81
CA MET D 32 11.05 32.97 -61.65
C MET D 32 11.67 33.98 -62.59
N TRP D 33 10.98 34.25 -63.66
CA TRP D 33 11.33 35.36 -64.52
C TRP D 33 10.18 36.31 -64.75
N TYR D 34 10.52 37.60 -64.76
CA TYR D 34 9.63 38.68 -65.07
C TYR D 34 10.16 39.54 -66.27
N ARG D 35 9.21 40.11 -67.00
CA ARG D 35 9.37 41.11 -68.01
C ARG D 35 8.77 42.42 -67.44
N GLN D 36 9.47 43.54 -67.63
CA GLN D 36 8.94 44.84 -67.25
C GLN D 36 9.14 45.85 -68.40
N TYR D 37 8.06 46.36 -68.93
CA TYR D 37 8.11 47.45 -69.89
C TYR D 37 8.39 48.81 -69.27
N SER D 38 8.95 49.74 -70.02
CA SER D 38 9.40 51.04 -69.52
C SER D 38 8.29 51.74 -68.83
N ARG D 39 8.48 52.08 -67.56
CA ARG D 39 7.50 52.76 -66.74
C ARG D 39 6.30 51.91 -66.32
N LYS D 40 6.44 50.58 -66.25
CA LYS D 40 5.35 49.72 -65.77
C LYS D 40 5.78 48.70 -64.77
N GLY D 41 4.82 47.92 -64.26
CA GLY D 41 5.10 46.91 -63.24
C GLY D 41 5.62 45.61 -63.85
N PRO D 42 6.17 44.73 -63.04
CA PRO D 42 6.77 43.48 -63.51
C PRO D 42 5.67 42.48 -63.84
N GLU D 43 5.81 41.73 -64.93
CA GLU D 43 4.84 40.69 -65.35
C GLU D 43 5.49 39.32 -65.30
N LEU D 44 4.97 38.44 -64.48
CA LEU D 44 5.46 37.09 -64.38
C LEU D 44 5.38 36.39 -65.73
N LEU D 45 6.48 35.80 -66.18
CA LEU D 45 6.47 34.96 -67.34
C LEU D 45 6.39 33.47 -67.01
N MET D 46 7.39 33.00 -66.26
CA MET D 46 7.70 31.54 -66.13
C MET D 46 8.23 31.34 -64.75
N TYR D 47 7.99 30.15 -64.23
CA TYR D 47 8.30 29.83 -62.85
C TYR D 47 8.61 28.27 -62.68
N THR D 48 9.77 27.94 -62.05
CA THR D 48 10.40 26.59 -61.93
C THR D 48 10.79 26.21 -60.48
N TYR D 49 10.15 25.17 -59.97
CA TYR D 49 10.51 24.60 -58.71
C TYR D 49 11.78 23.71 -58.85
N SER D 50 12.83 24.07 -58.13
CA SER D 50 13.94 23.12 -57.76
C SER D 50 14.95 22.86 -58.90
N SER D 51 14.62 22.05 -59.89
CA SER D 51 15.51 21.94 -61.04
C SER D 51 14.70 22.02 -62.34
N GLY D 52 15.34 21.69 -63.45
CA GLY D 52 14.61 21.29 -64.63
C GLY D 52 14.25 22.38 -65.60
N ASN D 53 13.54 21.88 -66.61
CA ASN D 53 13.24 22.52 -67.87
C ASN D 53 11.73 22.68 -68.01
N LYS D 54 11.31 23.87 -68.41
CA LYS D 54 9.92 24.29 -68.44
C LYS D 54 9.72 25.11 -69.71
N GLU D 55 8.93 24.59 -70.67
CA GLU D 55 8.56 25.29 -71.92
C GLU D 55 7.13 25.95 -71.82
N ASP D 56 6.97 27.16 -72.36
CA ASP D 56 5.67 27.71 -72.68
C ASP D 56 5.73 28.64 -73.92
N GLY D 57 5.18 28.17 -75.03
CA GLY D 57 5.26 28.82 -76.34
C GLY D 57 6.70 29.05 -76.78
N ARG D 58 7.08 30.30 -76.94
CA ARG D 58 8.40 30.69 -77.37
C ARG D 58 9.43 30.81 -76.21
N PHE D 59 8.98 30.57 -74.96
CA PHE D 59 9.78 30.68 -73.76
C PHE D 59 10.20 29.33 -73.14
N THR D 60 11.43 29.24 -72.65
CA THR D 60 11.86 28.06 -71.91
C THR D 60 12.64 28.59 -70.76
N ALA D 61 12.25 28.24 -69.54
CA ALA D 61 12.98 28.62 -68.35
C ALA D 61 13.68 27.33 -67.90
N GLN D 62 14.87 27.49 -67.33
CA GLN D 62 15.69 26.39 -66.86
C GLN D 62 16.42 26.75 -65.61
N VAL D 63 16.61 25.74 -64.81
CA VAL D 63 17.26 25.88 -63.54
C VAL D 63 18.29 24.75 -63.40
N ASP D 64 19.47 25.10 -62.93
CA ASP D 64 20.53 24.11 -62.60
C ASP D 64 20.95 24.48 -61.20
N LYS D 65 20.45 23.74 -60.20
CA LYS D 65 20.84 24.09 -58.80
C LYS D 65 22.31 23.70 -58.48
N SER D 66 22.90 22.76 -59.20
CA SER D 66 24.38 22.42 -59.00
C SER D 66 25.31 23.56 -59.36
N SER D 67 25.08 24.13 -60.53
CA SER D 67 25.85 25.27 -61.03
C SER D 67 25.30 26.60 -60.48
N LYS D 68 24.14 26.55 -59.84
CA LYS D 68 23.45 27.74 -59.40
C LYS D 68 23.33 28.76 -60.52
N TYR D 69 22.68 28.37 -61.60
CA TYR D 69 22.67 29.13 -62.80
C TYR D 69 21.28 28.92 -63.36
N ILE D 70 20.58 29.98 -63.64
CA ILE D 70 19.22 29.83 -64.20
C ILE D 70 19.14 30.60 -65.51
N SER D 71 18.29 30.16 -66.44
CA SER D 71 18.22 30.82 -67.73
C SER D 71 16.83 30.79 -68.33
N LEU D 72 16.59 31.77 -69.20
CA LEU D 72 15.38 31.91 -69.96
C LEU D 72 15.80 32.07 -71.42
N PHE D 73 15.13 31.31 -72.28
CA PHE D 73 15.33 31.39 -73.69
C PHE D 73 14.06 31.83 -74.35
N ILE D 74 14.18 32.72 -75.34
CA ILE D 74 13.07 33.22 -76.11
C ILE D 74 13.33 32.89 -77.53
N ARG D 75 12.53 32.01 -78.13
CA ARG D 75 12.60 31.70 -79.51
C ARG D 75 11.95 32.81 -80.30
N ASP D 76 12.45 32.98 -81.50
CA ASP D 76 11.77 33.80 -82.50
C ASP D 76 11.34 35.14 -81.96
N SER D 77 12.32 35.87 -81.47
CA SER D 77 12.07 37.06 -80.75
C SER D 77 11.34 38.11 -81.58
N GLN D 78 10.56 38.90 -80.88
CA GLN D 78 9.68 39.91 -81.50
C GLN D 78 9.94 41.30 -80.89
N PRO D 79 9.72 42.37 -81.67
CA PRO D 79 9.77 43.75 -81.19
C PRO D 79 9.03 43.98 -79.88
N SER D 80 7.90 43.33 -79.73
CA SER D 80 7.11 43.48 -78.50
C SER D 80 7.76 42.74 -77.30
N ASP D 81 8.90 42.04 -77.52
CA ASP D 81 9.62 41.44 -76.39
C ASP D 81 10.61 42.40 -75.79
N SER D 82 10.76 43.56 -76.41
CA SER D 82 11.71 44.54 -75.96
C SER D 82 11.25 45.02 -74.61
N ALA D 83 12.07 44.80 -73.59
CA ALA D 83 11.68 45.04 -72.19
C ALA D 83 12.91 44.75 -71.34
N THR D 84 12.78 44.97 -70.04
CA THR D 84 13.75 44.51 -69.07
C THR D 84 13.30 43.19 -68.49
N TYR D 85 14.22 42.23 -68.39
CA TYR D 85 13.93 40.92 -67.88
C TYR D 85 14.64 40.75 -66.56
N LEU D 86 13.87 40.40 -65.50
CA LEU D 86 14.39 40.24 -64.17
C LEU D 86 14.20 38.81 -63.72
N CYS D 87 15.19 38.26 -63.07
CA CYS D 87 15.03 36.96 -62.48
C CYS D 87 14.70 37.24 -61.00
N ALA D 88 14.03 36.31 -60.35
CA ALA D 88 13.75 36.44 -58.90
C ALA D 88 13.75 35.09 -58.30
N MET D 89 14.11 35.01 -57.03
CA MET D 89 14.14 33.70 -56.35
C MET D 89 13.87 33.79 -54.85
N ARG D 90 13.51 32.66 -54.28
CA ARG D 90 13.30 32.56 -52.84
C ARG D 90 13.47 31.13 -52.38
N GLY D 91 13.46 31.02 -51.04
CA GLY D 91 13.47 29.77 -50.33
C GLY D 91 12.10 29.44 -49.87
N ASP D 92 12.02 28.63 -48.81
CA ASP D 92 10.72 28.30 -48.27
C ASP D 92 10.45 28.84 -46.88
N SER D 93 11.27 29.74 -46.39
CA SER D 93 10.99 30.31 -45.10
C SER D 93 10.10 31.57 -45.22
N SER D 94 9.97 32.11 -46.44
CA SER D 94 9.31 33.43 -46.64
C SER D 94 8.87 33.57 -48.05
N TYR D 95 7.82 34.35 -48.28
CA TYR D 95 7.48 34.75 -49.66
C TYR D 95 8.37 35.87 -50.27
N LYS D 96 9.34 36.37 -49.50
CA LYS D 96 10.19 37.42 -49.92
C LYS D 96 11.04 36.94 -51.10
N LEU D 97 10.94 37.66 -52.20
CA LEU D 97 11.76 37.43 -53.36
C LEU D 97 13.01 38.31 -53.34
N ILE D 98 14.08 37.75 -53.91
CA ILE D 98 15.27 38.46 -54.23
C ILE D 98 15.35 38.53 -55.74
N PHE D 99 15.50 39.72 -56.25
CA PHE D 99 15.61 39.97 -57.66
C PHE D 99 17.01 40.28 -58.18
N GLY D 100 17.31 39.80 -59.38
CA GLY D 100 18.49 40.27 -60.11
C GLY D 100 18.22 41.69 -60.59
N SER D 101 19.29 42.39 -60.93
CA SER D 101 19.24 43.78 -61.32
C SER D 101 18.68 44.04 -62.68
N GLY D 102 18.42 42.98 -63.44
CA GLY D 102 17.73 43.07 -64.71
C GLY D 102 18.66 43.14 -65.93
N THR D 103 18.20 42.59 -67.07
CA THR D 103 18.86 42.71 -68.37
C THR D 103 17.92 43.42 -69.36
N ARG D 104 18.32 44.54 -69.95
CA ARG D 104 17.49 45.19 -70.99
C ARG D 104 17.65 44.47 -72.34
N LEU D 105 16.55 44.10 -72.98
CA LEU D 105 16.56 43.47 -74.27
C LEU D 105 15.87 44.42 -75.25
N LEU D 106 16.55 44.68 -76.36
CA LEU D 106 15.97 45.36 -77.50
C LEU D 106 15.93 44.41 -78.67
N VAL D 107 14.72 44.13 -79.14
CA VAL D 107 14.54 43.39 -80.35
C VAL D 107 14.30 44.35 -81.49
N ARG D 108 15.25 44.41 -82.42
CA ARG D 108 15.20 45.31 -83.57
C ARG D 108 14.22 44.83 -84.64
N PRO D 109 13.29 45.70 -85.05
CA PRO D 109 12.31 45.36 -86.11
C PRO D 109 12.94 45.12 -87.44
N ASP D 110 12.42 44.15 -88.18
CA ASP D 110 12.86 43.80 -89.53
C ASP D 110 12.14 44.78 -90.47
N ILE D 111 12.87 45.70 -91.08
CA ILE D 111 12.21 46.71 -91.91
C ILE D 111 12.41 46.31 -93.35
N GLN D 112 11.34 45.87 -94.00
CA GLN D 112 11.45 45.21 -95.32
C GLN D 112 11.63 46.15 -96.52
N ASN D 113 11.29 47.43 -96.39
CA ASN D 113 11.53 48.34 -97.51
C ASN D 113 12.04 49.67 -97.04
N PRO D 114 13.31 49.71 -96.63
CA PRO D 114 13.86 50.93 -96.06
C PRO D 114 13.93 52.07 -97.09
N ASP D 115 13.89 53.31 -96.59
CA ASP D 115 13.94 54.50 -97.43
C ASP D 115 14.51 55.66 -96.61
N PRO D 116 15.76 55.51 -96.11
CA PRO D 116 16.41 56.45 -95.19
C PRO D 116 16.44 57.89 -95.71
N ALA D 117 15.91 58.78 -94.88
CA ALA D 117 15.63 60.13 -95.27
C ALA D 117 15.75 61.04 -94.05
N VAL D 118 16.17 62.28 -94.28
CA VAL D 118 16.34 63.28 -93.23
C VAL D 118 15.58 64.55 -93.57
N TYR D 119 14.67 64.96 -92.70
CA TYR D 119 13.69 66.00 -93.05
C TYR D 119 13.65 67.12 -92.02
N GLN D 120 13.40 68.33 -92.52
CA GLN D 120 13.14 69.49 -91.69
C GLN D 120 11.66 69.66 -91.46
N LEU D 121 11.34 69.95 -90.19
CA LEU D 121 9.97 70.05 -89.71
C LEU D 121 9.79 71.44 -89.09
N ARG D 122 8.88 72.23 -89.67
CA ARG D 122 8.70 73.58 -89.22
C ARG D 122 7.71 73.63 -88.07
N ASP D 123 8.06 74.35 -87.00
CA ASP D 123 7.16 74.52 -85.83
C ASP D 123 5.78 75.02 -86.24
N SER D 124 4.74 74.53 -85.55
CA SER D 124 3.35 74.80 -85.90
C SER D 124 2.91 76.24 -85.73
N LYS D 125 3.19 76.82 -84.56
CA LYS D 125 2.74 78.17 -84.28
C LYS D 125 3.76 79.13 -84.89
N SER D 126 4.81 79.48 -84.16
CA SER D 126 5.83 80.36 -84.70
C SER D 126 7.18 80.20 -83.97
N SER D 127 7.88 79.14 -84.33
CA SER D 127 9.29 79.05 -83.98
C SER D 127 9.98 78.76 -85.31
N ASP D 128 10.47 79.80 -85.99
CA ASP D 128 11.11 79.58 -87.29
C ASP D 128 12.08 78.40 -87.13
N LYS D 129 12.64 78.24 -85.93
CA LYS D 129 13.36 77.00 -85.56
C LYS D 129 12.50 75.76 -85.74
N SER D 130 13.20 74.65 -85.80
CA SER D 130 12.70 73.45 -86.43
C SER D 130 13.46 72.29 -85.86
N VAL D 131 13.06 71.09 -86.25
CA VAL D 131 13.82 69.90 -85.91
C VAL D 131 14.15 69.14 -87.18
N CYS D 132 15.12 68.23 -87.07
CA CYS D 132 15.44 67.28 -88.11
C CYS D 132 15.00 65.87 -87.73
N LEU D 133 14.12 65.29 -88.54
CA LEU D 133 13.71 63.89 -88.44
C LEU D 133 14.57 62.99 -89.36
N PHE D 134 15.34 62.08 -88.79
CA PHE D 134 16.01 61.03 -89.53
C PHE D 134 15.12 59.82 -89.45
N THR D 135 14.51 59.43 -90.56
CA THR D 135 13.48 58.39 -90.53
C THR D 135 13.59 57.37 -91.67
N ASP D 136 12.82 56.28 -91.54
CA ASP D 136 12.63 55.22 -92.54
C ASP D 136 13.88 54.37 -92.83
N PHE D 137 14.86 54.42 -91.93
CA PHE D 137 16.12 53.69 -92.06
C PHE D 137 15.95 52.28 -91.47
N ASP D 138 16.79 51.31 -91.89
CA ASP D 138 16.61 49.93 -91.40
C ASP D 138 17.28 49.75 -90.01
N SER D 139 17.03 48.60 -89.42
CA SER D 139 17.51 48.33 -88.06
C SER D 139 18.88 47.64 -88.03
N GLN D 140 19.68 47.83 -89.08
CA GLN D 140 21.12 47.71 -88.94
C GLN D 140 21.67 49.06 -88.45
N THR D 141 21.00 50.19 -88.69
CA THR D 141 21.52 51.49 -88.24
C THR D 141 21.35 51.67 -86.76
N ASN D 142 22.42 52.10 -86.09
CA ASN D 142 22.40 52.45 -84.68
C ASN D 142 22.69 53.97 -84.59
N VAL D 143 22.25 54.66 -83.51
CA VAL D 143 22.34 56.15 -83.39
C VAL D 143 23.07 56.67 -82.12
N SER D 144 23.80 57.78 -82.24
CA SER D 144 24.64 58.32 -81.15
C SER D 144 24.40 59.82 -80.87
N GLN D 145 24.94 60.26 -79.73
CA GLN D 145 24.81 61.63 -79.25
C GLN D 145 25.47 62.62 -80.18
N SER D 146 25.19 63.90 -79.99
CA SER D 146 26.02 64.96 -80.57
C SER D 146 27.26 65.14 -79.72
N LYS D 147 28.16 65.99 -80.21
CA LYS D 147 29.38 66.31 -79.49
C LYS D 147 29.17 67.44 -78.46
N ASP D 148 28.08 68.19 -78.59
CA ASP D 148 27.91 69.43 -77.83
C ASP D 148 26.46 69.63 -77.30
N SER D 149 26.32 70.23 -76.11
CA SER D 149 25.02 70.66 -75.55
C SER D 149 24.39 71.77 -76.38
N ASP D 150 25.11 72.31 -77.35
CA ASP D 150 24.44 73.01 -78.44
C ASP D 150 23.25 72.19 -79.03
N VAL D 151 23.44 70.88 -79.28
CA VAL D 151 22.58 70.07 -80.18
C VAL D 151 22.02 68.81 -79.48
N TYR D 152 20.72 68.55 -79.69
CA TYR D 152 19.98 67.51 -78.95
C TYR D 152 19.47 66.40 -79.84
N ILE D 153 19.83 65.15 -79.52
CA ILE D 153 19.50 64.00 -80.37
C ILE D 153 18.86 62.90 -79.54
N THR D 154 17.64 62.50 -79.89
CA THR D 154 16.95 61.38 -79.22
C THR D 154 17.25 60.10 -79.92
N ASP D 155 17.22 59.02 -79.18
CA ASP D 155 17.53 57.75 -79.76
C ASP D 155 16.42 57.36 -80.72
N LYS D 156 16.67 56.37 -81.57
CA LYS D 156 15.65 55.88 -82.48
C LYS D 156 14.47 55.30 -81.70
N CYS D 157 13.31 55.34 -82.32
CA CYS D 157 12.14 54.74 -81.76
C CYS D 157 11.33 54.22 -82.96
N VAL D 158 10.53 53.18 -82.73
CA VAL D 158 9.79 52.54 -83.83
C VAL D 158 8.29 52.76 -83.73
N LEU D 159 7.66 53.21 -84.81
CA LEU D 159 6.19 53.36 -84.84
C LEU D 159 5.47 52.33 -85.73
N ASP D 160 4.26 51.99 -85.31
CA ASP D 160 3.46 50.96 -85.92
C ASP D 160 2.14 51.59 -86.41
N MET D 161 2.08 51.91 -87.70
CA MET D 161 0.81 52.25 -88.37
C MET D 161 0.06 50.97 -88.75
N ARG D 162 -0.58 50.29 -87.79
CA ARG D 162 -1.11 48.92 -88.09
C ARG D 162 -2.24 48.85 -89.14
N SER D 163 -2.98 49.96 -89.32
CA SER D 163 -4.00 50.12 -90.39
C SER D 163 -3.45 49.73 -91.78
N MET D 164 -2.24 50.20 -92.08
CA MET D 164 -1.47 49.84 -93.29
C MET D 164 -0.25 49.05 -92.79
N ASP D 165 -0.28 47.72 -92.81
CA ASP D 165 0.83 46.90 -92.24
C ASP D 165 2.19 47.59 -92.48
N PHE D 166 2.58 48.55 -91.62
CA PHE D 166 3.73 49.41 -91.91
C PHE D 166 4.39 49.92 -90.63
N LYS D 167 5.71 49.80 -90.60
CA LYS D 167 6.49 50.26 -89.48
C LYS D 167 7.67 51.07 -90.00
N SER D 168 8.13 51.97 -89.15
CA SER D 168 9.24 52.80 -89.47
C SER D 168 9.95 53.25 -88.21
N ASN D 169 11.28 53.34 -88.32
CA ASN D 169 12.16 53.95 -87.35
C ASN D 169 12.35 55.43 -87.55
N SER D 170 12.61 56.13 -86.44
CA SER D 170 12.80 57.56 -86.38
C SER D 170 13.78 57.95 -85.31
N ALA D 171 14.51 59.04 -85.55
CA ALA D 171 15.21 59.77 -84.51
C ALA D 171 15.09 61.25 -84.81
N VAL D 172 15.23 62.05 -83.76
CA VAL D 172 14.98 63.49 -83.83
C VAL D 172 16.18 64.27 -83.26
N ALA D 173 16.48 65.41 -83.88
CA ALA D 173 17.54 66.29 -83.40
C ALA D 173 17.11 67.75 -83.48
N TRP D 174 17.55 68.56 -82.51
CA TRP D 174 17.28 70.03 -82.55
C TRP D 174 18.28 70.99 -81.93
N SER D 175 18.02 72.27 -82.23
CA SER D 175 18.84 73.36 -81.70
C SER D 175 18.12 74.68 -82.03
N ASN D 176 18.55 75.75 -81.38
CA ASN D 176 18.03 77.09 -81.66
C ASN D 176 18.96 77.81 -82.65
N LYS D 177 20.02 77.14 -83.04
CA LYS D 177 21.21 77.82 -83.55
C LYS D 177 21.19 78.05 -85.05
N SER D 178 21.76 79.19 -85.44
CA SER D 178 22.00 79.56 -86.84
C SER D 178 22.89 78.51 -87.53
N ASP D 179 24.00 78.14 -86.87
CA ASP D 179 24.95 77.14 -87.41
C ASP D 179 24.37 75.74 -87.55
N PHE D 180 23.12 75.53 -87.12
CA PHE D 180 22.43 74.24 -87.22
C PHE D 180 21.59 74.05 -88.49
N ALA D 181 21.98 73.02 -89.25
CA ALA D 181 21.26 72.60 -90.45
C ALA D 181 21.26 71.08 -90.52
N CYS D 182 20.18 70.55 -91.05
CA CYS D 182 19.94 69.11 -91.10
C CYS D 182 21.06 68.36 -91.79
N ALA D 183 21.44 68.88 -92.97
CA ALA D 183 22.43 68.26 -93.86
C ALA D 183 23.86 68.44 -93.32
N ASN D 184 24.11 67.86 -92.15
CA ASN D 184 25.44 67.91 -91.52
C ASN D 184 25.89 66.51 -91.12
N ALA D 185 27.19 66.35 -90.87
CA ALA D 185 27.76 65.11 -90.31
C ALA D 185 27.24 64.84 -88.88
N PHE D 186 26.87 63.59 -88.63
CA PHE D 186 26.56 63.10 -87.27
C PHE D 186 27.57 62.03 -86.88
N ASN D 187 27.45 61.51 -85.65
CA ASN D 187 28.44 60.63 -85.05
C ASN D 187 28.19 59.14 -85.27
N ASN D 188 27.43 58.78 -86.31
CA ASN D 188 27.05 57.37 -86.49
C ASN D 188 26.95 56.86 -87.92
N SER D 189 26.90 55.55 -88.03
CA SER D 189 26.89 54.88 -89.30
C SER D 189 25.46 54.71 -89.86
N ILE D 190 25.19 55.44 -90.95
CA ILE D 190 24.01 55.28 -91.82
C ILE D 190 24.55 54.97 -93.23
N ILE D 191 23.70 54.62 -94.21
CA ILE D 191 24.15 54.51 -95.63
C ILE D 191 23.84 55.82 -96.43
N PRO D 192 24.32 55.95 -97.70
CA PRO D 192 24.06 57.18 -98.48
C PRO D 192 22.62 57.32 -99.04
N GLU D 193 21.68 57.82 -98.23
CA GLU D 193 20.36 58.26 -98.73
C GLU D 193 19.80 59.35 -97.82
N ASP D 194 19.49 60.47 -98.48
CA ASP D 194 19.19 61.72 -97.85
C ASP D 194 17.90 62.26 -98.49
N THR D 195 17.77 63.60 -98.52
CA THR D 195 17.00 64.42 -99.49
C THR D 195 16.89 65.83 -98.89
N PHE D 196 16.84 66.85 -99.74
CA PHE D 196 16.85 68.26 -99.30
C PHE D 196 16.50 69.22 -100.45
N PHE D 197 15.86 70.36 -100.11
CA PHE D 197 15.78 71.54 -101.02
C PHE D 197 15.35 72.79 -100.27
N MET E 1 -14.60 43.57 -65.66
CA MET E 1 -13.42 43.23 -64.83
C MET E 1 -13.61 43.77 -63.38
N ASP E 2 -13.49 42.88 -62.40
CA ASP E 2 -13.26 43.25 -61.00
C ASP E 2 -12.01 44.16 -60.92
N ALA E 3 -11.92 45.03 -59.92
CA ALA E 3 -10.71 45.86 -59.79
C ALA E 3 -9.47 45.03 -59.50
N GLY E 4 -8.33 45.52 -60.01
CA GLY E 4 -7.03 45.04 -59.57
C GLY E 4 -6.65 45.81 -58.31
N VAL E 5 -5.38 45.79 -58.00
CA VAL E 5 -4.84 46.43 -56.80
C VAL E 5 -4.84 47.89 -57.10
N ILE E 6 -5.29 48.75 -56.12
CA ILE E 6 -5.35 50.18 -56.39
C ILE E 6 -4.30 50.84 -55.51
N GLN E 7 -3.42 51.62 -56.10
CA GLN E 7 -2.47 52.39 -55.31
C GLN E 7 -2.68 53.87 -55.46
N SER E 8 -2.33 54.63 -54.44
CA SER E 8 -2.36 56.05 -54.57
C SER E 8 -1.32 56.68 -53.66
N PRO E 9 -0.85 57.86 -54.00
CA PRO E 9 -1.14 58.57 -55.25
C PRO E 9 -0.34 57.87 -56.43
N ARG E 10 -0.69 58.14 -57.67
CA ARG E 10 0.03 57.61 -58.79
C ARG E 10 1.40 58.29 -58.89
N HIS E 11 1.43 59.61 -58.65
CA HIS E 11 2.62 60.38 -58.62
C HIS E 11 2.70 61.29 -57.37
N GLU E 12 3.89 61.45 -56.84
CA GLU E 12 4.15 62.40 -55.83
C GLU E 12 5.53 63.05 -55.99
N VAL E 13 5.55 64.39 -56.06
CA VAL E 13 6.76 65.19 -56.09
C VAL E 13 6.69 66.09 -54.87
N THR E 14 7.67 66.01 -53.98
CA THR E 14 7.60 66.65 -52.67
C THR E 14 8.97 67.07 -52.19
N GLU E 15 9.00 68.00 -51.25
CA GLU E 15 10.24 68.47 -50.68
C GLU E 15 10.71 67.57 -49.55
N MET E 16 12.04 67.35 -49.44
CA MET E 16 12.55 66.58 -48.32
C MET E 16 12.12 67.22 -46.98
N GLY E 17 11.96 66.37 -45.98
CA GLY E 17 11.58 66.84 -44.64
C GLY E 17 10.14 66.51 -44.31
N GLN E 18 9.30 66.27 -45.30
CA GLN E 18 7.87 66.06 -45.10
C GLN E 18 7.56 64.59 -44.88
N GLN E 19 6.32 64.30 -44.58
CA GLN E 19 5.89 62.96 -44.39
C GLN E 19 5.25 62.57 -45.69
N VAL E 20 5.59 61.41 -46.19
CA VAL E 20 4.85 60.91 -47.29
C VAL E 20 4.09 59.67 -46.97
N THR E 21 2.87 59.61 -47.48
CA THR E 21 2.02 58.48 -47.24
C THR E 21 1.66 57.80 -48.55
N LEU E 22 1.98 56.52 -48.66
CA LEU E 22 1.60 55.70 -49.84
C LEU E 22 0.50 54.75 -49.40
N ARG E 23 -0.47 54.57 -50.26
CA ARG E 23 -1.60 53.74 -49.92
C ARG E 23 -1.87 52.65 -50.95
N CYS E 24 -2.42 51.54 -50.45
CA CYS E 24 -2.75 50.39 -51.22
C CYS E 24 -4.02 49.74 -50.74
N LYS E 25 -4.92 49.49 -51.68
CA LYS E 25 -6.06 48.62 -51.51
C LYS E 25 -5.84 47.32 -52.31
N PRO E 26 -5.70 46.16 -51.65
CA PRO E 26 -5.50 44.87 -52.31
C PRO E 26 -6.78 44.45 -52.97
N ILE E 27 -6.70 43.45 -53.82
CA ILE E 27 -7.88 42.87 -54.48
C ILE E 27 -8.75 42.28 -53.40
N SER E 28 -10.02 42.57 -53.41
CA SER E 28 -10.77 42.18 -52.24
C SER E 28 -10.86 40.69 -52.18
N GLY E 29 -10.62 40.12 -51.00
CA GLY E 29 -10.56 38.65 -50.83
C GLY E 29 -9.15 38.19 -50.73
N HIS E 30 -8.17 38.98 -51.20
CA HIS E 30 -6.78 38.58 -51.08
C HIS E 30 -6.34 38.81 -49.68
N ASP E 31 -5.51 37.91 -49.17
CA ASP E 31 -5.09 37.94 -47.79
C ASP E 31 -3.60 38.11 -47.60
N TYR E 32 -2.85 38.29 -48.69
CA TYR E 32 -1.53 38.76 -48.53
C TYR E 32 -1.34 40.08 -49.26
N LEU E 33 -0.39 40.86 -48.75
CA LEU E 33 -0.06 42.15 -49.31
C LEU E 33 1.42 42.43 -49.14
N PHE E 34 2.05 42.81 -50.27
CA PHE E 34 3.45 43.05 -50.43
C PHE E 34 3.72 44.54 -50.80
N TRP E 35 4.76 45.12 -50.25
CA TRP E 35 5.26 46.42 -50.67
C TRP E 35 6.68 46.18 -51.22
N TYR E 36 6.92 46.68 -52.43
CA TYR E 36 8.23 46.64 -53.03
C TYR E 36 8.66 48.01 -53.39
N ARG E 37 9.97 48.21 -53.51
CA ARG E 37 10.39 49.38 -54.27
C ARG E 37 11.40 49.12 -55.32
N GLN E 38 11.46 50.01 -56.31
CA GLN E 38 12.44 49.92 -57.41
C GLN E 38 13.11 51.24 -57.70
N THR E 39 14.45 51.18 -57.72
CA THR E 39 15.32 52.31 -58.00
C THR E 39 16.40 51.86 -59.00
N MET E 40 17.19 52.82 -59.44
CA MET E 40 18.35 52.50 -60.32
C MET E 40 19.49 51.91 -59.52
N MET E 41 19.81 52.54 -58.39
CA MET E 41 20.88 52.10 -57.53
C MET E 41 20.71 50.64 -57.00
N ARG E 42 19.62 50.30 -56.31
CA ARG E 42 19.49 48.96 -55.64
C ARG E 42 18.55 47.93 -56.35
N GLY E 43 18.02 48.28 -57.51
CA GLY E 43 17.04 47.44 -58.15
C GLY E 43 15.62 47.35 -57.50
N LEU E 44 14.91 46.25 -57.83
CA LEU E 44 13.62 45.80 -57.34
C LEU E 44 13.70 44.92 -56.02
N GLU E 45 13.00 45.32 -54.97
CA GLU E 45 13.25 44.75 -53.66
C GLU E 45 12.06 44.83 -52.77
N LEU E 46 11.88 43.76 -52.02
CA LEU E 46 10.78 43.70 -51.07
C LEU E 46 11.11 44.52 -49.80
N LEU E 47 10.18 45.37 -49.41
CA LEU E 47 10.19 46.07 -48.15
C LEU E 47 9.53 45.21 -47.05
N ILE E 48 8.27 44.79 -47.25
CA ILE E 48 7.53 44.05 -46.21
C ILE E 48 6.40 43.31 -46.88
N TYR E 49 5.98 42.18 -46.32
CA TYR E 49 4.66 41.67 -46.70
C TYR E 49 3.86 41.31 -45.43
N PHE E 50 2.55 41.23 -45.61
CA PHE E 50 1.60 41.00 -44.53
C PHE E 50 0.83 39.78 -44.94
N ASN E 51 0.36 39.02 -43.94
CA ASN E 51 -0.65 38.00 -44.14
C ASN E 51 -1.75 38.14 -43.06
N ASN E 52 -2.99 38.15 -43.50
CA ASN E 52 -4.10 38.41 -42.58
C ASN E 52 -3.90 39.64 -41.74
N ASN E 53 -3.31 40.65 -42.36
CA ASN E 53 -3.03 41.96 -41.80
C ASN E 53 -1.82 41.99 -40.88
N VAL E 54 -1.11 40.89 -40.66
CA VAL E 54 0.02 40.98 -39.80
C VAL E 54 1.34 40.89 -40.57
N PRO E 55 2.33 41.69 -40.17
CA PRO E 55 3.60 41.76 -40.88
C PRO E 55 4.33 40.41 -40.65
N ILE E 56 4.76 39.76 -41.73
CA ILE E 56 5.37 38.44 -41.63
C ILE E 56 6.89 38.59 -41.84
N ASP E 57 7.27 39.32 -42.90
CA ASP E 57 8.69 39.52 -43.14
C ASP E 57 8.94 40.99 -43.43
N ASP E 58 9.66 41.65 -42.57
CA ASP E 58 9.96 43.08 -42.73
C ASP E 58 11.46 43.31 -42.80
N SER E 59 12.23 42.26 -43.14
CA SER E 59 13.69 42.33 -43.18
C SER E 59 14.18 43.32 -44.23
N GLY E 60 13.40 43.59 -45.25
CA GLY E 60 13.80 44.60 -46.22
C GLY E 60 13.42 46.04 -45.88
N MET E 61 12.74 46.28 -44.75
CA MET E 61 12.35 47.67 -44.39
C MET E 61 13.61 48.44 -44.03
N PRO E 62 13.76 49.66 -44.54
CA PRO E 62 14.83 50.50 -44.04
C PRO E 62 14.74 50.61 -42.52
N GLU E 63 15.88 50.68 -41.86
CA GLU E 63 15.92 50.61 -40.43
C GLU E 63 15.38 51.89 -39.75
N ASP E 64 15.22 52.98 -40.49
CA ASP E 64 14.68 54.21 -39.93
C ASP E 64 13.78 54.93 -40.95
N ARG E 65 12.77 55.66 -40.45
CA ARG E 65 11.93 56.60 -41.19
C ARG E 65 10.75 55.96 -41.93
N PHE E 66 10.73 54.63 -42.00
CA PHE E 66 9.75 53.89 -42.80
C PHE E 66 8.84 53.10 -41.89
N SER E 67 7.54 53.23 -42.14
CA SER E 67 6.61 52.53 -41.30
C SER E 67 5.48 51.93 -42.15
N ALA E 68 5.16 50.65 -42.01
CA ALA E 68 4.07 50.04 -42.80
C ALA E 68 2.96 49.53 -41.90
N LYS E 69 1.72 49.83 -42.24
CA LYS E 69 0.58 49.36 -41.42
C LYS E 69 -0.43 48.73 -42.30
N MET E 70 -1.16 47.79 -41.74
CA MET E 70 -2.36 47.28 -42.37
C MET E 70 -3.50 47.22 -41.32
N PRO E 71 -4.23 48.31 -41.15
CA PRO E 71 -5.28 48.33 -40.13
C PRO E 71 -6.47 47.43 -40.44
N ASN E 72 -6.67 47.04 -41.72
CA ASN E 72 -7.80 46.16 -42.05
C ASN E 72 -7.47 45.51 -43.36
N ALA E 73 -8.25 44.50 -43.71
CA ALA E 73 -7.96 43.67 -44.81
C ALA E 73 -8.00 44.47 -46.12
N SER E 74 -8.58 45.63 -46.13
CA SER E 74 -8.77 46.42 -47.35
C SER E 74 -7.78 47.55 -47.59
N PHE E 75 -6.78 47.71 -46.74
CA PHE E 75 -6.06 48.96 -46.75
C PHE E 75 -4.71 48.79 -46.07
N SER E 76 -3.65 49.18 -46.77
CA SER E 76 -2.36 49.30 -46.15
C SER E 76 -1.75 50.62 -46.47
N THR E 77 -0.86 51.05 -45.59
CA THR E 77 -0.23 52.29 -45.70
C THR E 77 1.28 52.07 -45.53
N LEU E 78 2.09 52.76 -46.33
CA LEU E 78 3.52 52.84 -46.07
C LEU E 78 3.86 54.30 -45.89
N LYS E 79 4.48 54.64 -44.77
CA LYS E 79 4.80 56.04 -44.47
C LYS E 79 6.28 56.25 -44.31
N ILE E 80 6.71 57.44 -44.73
CA ILE E 80 8.07 57.79 -44.67
C ILE E 80 8.14 59.14 -44.02
N GLN E 81 8.92 59.22 -42.94
CA GLN E 81 9.04 60.49 -42.21
C GLN E 81 10.32 60.65 -41.34
N PRO E 82 11.10 61.72 -41.50
CA PRO E 82 11.01 62.69 -42.61
C PRO E 82 11.58 62.10 -43.95
N SER E 83 11.01 62.47 -45.08
CA SER E 83 11.41 61.91 -46.36
C SER E 83 12.78 62.51 -46.73
N GLU E 84 13.52 61.80 -47.55
CA GLU E 84 14.88 62.25 -48.02
C GLU E 84 15.02 61.93 -49.49
N PRO E 85 15.84 62.70 -50.21
CA PRO E 85 16.01 62.47 -51.67
C PRO E 85 16.27 61.02 -52.05
N ARG E 86 17.01 60.31 -51.24
CA ARG E 86 17.32 58.92 -51.53
C ARG E 86 16.13 58.02 -51.42
N ASP E 87 14.99 58.48 -50.87
CA ASP E 87 13.75 57.71 -50.90
C ASP E 87 13.01 57.67 -52.25
N SER E 88 13.45 58.49 -53.22
CA SER E 88 12.87 58.57 -54.53
C SER E 88 12.92 57.21 -55.21
N ALA E 89 11.78 56.74 -55.70
CA ALA E 89 11.70 55.41 -56.28
C ALA E 89 10.32 55.23 -56.83
N VAL E 90 10.08 54.06 -57.40
CA VAL E 90 8.72 53.57 -57.68
C VAL E 90 8.39 52.55 -56.62
N TYR E 91 7.29 52.75 -55.94
CA TYR E 91 6.85 51.83 -54.90
C TYR E 91 5.68 51.04 -55.46
N PHE E 92 5.75 49.69 -55.41
CA PHE E 92 4.71 48.84 -55.91
C PHE E 92 4.03 48.08 -54.75
N CYS E 93 2.72 47.94 -54.79
CA CYS E 93 2.03 47.17 -53.82
C CYS E 93 1.57 45.94 -54.63
N ALA E 94 1.49 44.77 -54.02
CA ALA E 94 0.85 43.61 -54.64
C ALA E 94 0.02 42.82 -53.66
N SER E 95 -0.97 42.11 -54.16
CA SER E 95 -1.67 41.15 -53.31
C SER E 95 -1.83 39.79 -53.94
N SER E 96 -2.00 38.80 -53.07
CA SER E 96 -2.18 37.50 -53.50
C SER E 96 -2.94 36.60 -52.49
N LEU E 97 -3.05 35.36 -52.88
CA LEU E 97 -3.69 34.27 -52.14
C LEU E 97 -2.73 33.08 -52.14
N TRP E 98 -2.86 32.19 -51.14
CA TRP E 98 -1.96 31.07 -51.01
C TRP E 98 -1.80 30.25 -52.31
N GLU E 99 -2.93 29.90 -52.92
CA GLU E 99 -2.99 29.09 -54.08
C GLU E 99 -2.36 29.78 -55.33
N LYS E 100 -2.28 31.11 -55.35
CA LYS E 100 -1.67 31.82 -56.40
C LYS E 100 -0.16 31.95 -56.11
N LEU E 101 0.16 32.17 -54.85
CA LEU E 101 1.54 32.25 -54.45
C LEU E 101 2.27 30.91 -54.62
N ALA E 102 1.55 29.79 -54.55
CA ALA E 102 2.15 28.44 -54.72
C ALA E 102 2.65 28.30 -56.18
N LYS E 103 2.02 29.05 -57.08
CA LYS E 103 2.42 29.17 -58.50
C LYS E 103 3.26 30.44 -58.80
N ASN E 104 3.72 31.11 -57.76
CA ASN E 104 4.44 32.37 -57.75
C ASN E 104 3.74 33.52 -58.42
N ILE E 105 2.42 33.55 -58.30
CA ILE E 105 1.60 34.65 -58.84
C ILE E 105 1.31 35.61 -57.78
N GLN E 106 1.48 36.89 -58.11
CA GLN E 106 0.97 37.96 -57.26
C GLN E 106 0.40 39.02 -58.19
N TYR E 107 -0.44 39.89 -57.67
CA TYR E 107 -1.12 40.87 -58.52
C TYR E 107 -0.62 42.24 -58.13
N PHE E 108 -0.03 42.98 -59.08
CA PHE E 108 0.63 44.24 -58.83
C PHE E 108 -0.34 45.41 -59.10
N GLY E 109 -0.24 46.45 -58.24
CA GLY E 109 -0.80 47.77 -58.55
C GLY E 109 0.08 48.44 -59.60
N ALA E 110 -0.36 49.61 -60.04
CA ALA E 110 0.27 50.40 -61.06
C ALA E 110 1.50 51.17 -60.52
N GLY E 111 1.66 51.19 -59.23
CA GLY E 111 2.76 51.87 -58.61
C GLY E 111 2.60 53.33 -58.26
N THR E 112 3.46 53.80 -57.39
CA THR E 112 3.52 55.22 -57.03
C THR E 112 4.93 55.61 -57.39
N ARG E 113 5.05 56.62 -58.24
CA ARG E 113 6.31 57.19 -58.57
C ARG E 113 6.55 58.41 -57.65
N LEU E 114 7.54 58.31 -56.79
CA LEU E 114 7.89 59.29 -55.79
C LEU E 114 9.22 59.94 -56.06
N SER E 115 9.22 61.25 -56.21
CA SER E 115 10.44 62.10 -56.19
C SER E 115 10.43 63.00 -54.95
N VAL E 116 11.40 62.80 -54.08
CA VAL E 116 11.67 63.70 -52.97
C VAL E 116 12.93 64.56 -53.32
N LEU E 117 12.71 65.85 -53.37
CA LEU E 117 13.69 66.81 -53.80
C LEU E 117 14.30 67.63 -52.69
N GLU E 118 15.56 68.02 -52.90
CA GLU E 118 16.24 68.90 -52.00
C GLU E 118 15.56 70.24 -51.94
N ASP E 119 15.13 70.71 -53.10
CA ASP E 119 14.68 72.06 -53.27
C ASP E 119 13.62 72.15 -54.37
N LEU E 120 12.44 72.62 -54.03
CA LEU E 120 11.36 72.79 -54.98
C LEU E 120 11.56 73.84 -56.07
N LYS E 121 12.55 74.71 -55.89
CA LYS E 121 12.86 75.72 -56.90
C LYS E 121 13.48 75.16 -58.16
N ASN E 122 13.80 73.88 -58.15
CA ASN E 122 14.31 73.18 -59.33
C ASN E 122 13.20 72.53 -60.20
N VAL E 123 11.95 72.67 -59.76
CA VAL E 123 10.84 72.05 -60.43
C VAL E 123 10.37 72.95 -61.57
N PHE E 124 10.29 72.43 -62.81
CA PHE E 124 9.80 73.18 -63.95
C PHE E 124 8.82 72.36 -64.77
N PRO E 125 7.74 72.98 -65.21
CA PRO E 125 6.86 72.23 -66.09
C PRO E 125 7.49 72.22 -67.47
N PRO E 126 7.02 71.36 -68.37
CA PRO E 126 7.57 71.33 -69.74
C PRO E 126 7.08 72.49 -70.62
N GLU E 127 7.92 72.96 -71.52
CA GLU E 127 7.45 73.70 -72.66
C GLU E 127 7.24 72.64 -73.76
N VAL E 128 6.17 72.82 -74.52
CA VAL E 128 5.77 71.90 -75.51
C VAL E 128 5.64 72.55 -76.89
N ALA E 129 6.28 71.98 -77.90
CA ALA E 129 6.14 72.44 -79.28
C ALA E 129 5.78 71.25 -80.21
N VAL E 130 5.04 71.57 -81.26
CA VAL E 130 4.79 70.66 -82.36
C VAL E 130 5.45 71.13 -83.66
N PHE E 131 6.08 70.20 -84.36
CA PHE E 131 6.72 70.50 -85.62
C PHE E 131 5.92 69.81 -86.74
N GLU E 132 5.64 70.56 -87.82
CA GLU E 132 4.77 70.10 -88.89
C GLU E 132 5.57 69.32 -89.91
N PRO E 133 4.90 68.43 -90.69
CA PRO E 133 5.56 67.61 -91.71
C PRO E 133 6.47 68.34 -92.70
N SER E 134 7.58 67.70 -93.03
CA SER E 134 8.40 68.11 -94.17
C SER E 134 7.58 67.90 -95.43
N GLU E 135 7.66 68.87 -96.34
CA GLU E 135 6.98 68.74 -97.64
C GLU E 135 7.71 67.70 -98.50
N ALA E 136 9.03 67.61 -98.35
CA ALA E 136 9.83 66.57 -98.99
C ALA E 136 9.36 65.17 -98.58
N GLU E 137 9.08 64.97 -97.27
CA GLU E 137 8.56 63.71 -96.76
C GLU E 137 7.24 63.34 -97.41
N ILE E 138 6.32 64.30 -97.49
CA ILE E 138 5.00 64.03 -98.06
C ILE E 138 5.00 63.50 -99.52
N SER E 139 5.88 64.02 -100.37
CA SER E 139 5.82 63.67 -101.78
C SER E 139 6.71 62.47 -102.12
N HIS E 140 7.63 62.13 -101.24
CA HIS E 140 8.52 60.98 -101.45
C HIS E 140 7.91 59.66 -100.95
N THR E 141 7.13 59.76 -99.86
CA THR E 141 6.59 58.59 -99.12
C THR E 141 5.05 58.55 -99.06
N GLN E 142 4.38 59.59 -99.53
CA GLN E 142 2.93 59.76 -99.28
C GLN E 142 2.54 59.63 -97.80
N LYS E 143 3.41 60.06 -96.91
CA LYS E 143 3.11 60.02 -95.48
C LYS E 143 3.64 61.26 -94.78
N ALA E 144 3.19 61.48 -93.55
CA ALA E 144 3.44 62.75 -92.89
C ALA E 144 3.66 62.56 -91.41
N THR E 145 4.85 62.93 -90.96
CA THR E 145 5.27 62.83 -89.57
C THR E 145 5.21 64.17 -88.85
N LEU E 146 4.38 64.19 -87.81
CA LEU E 146 4.41 65.24 -86.80
C LEU E 146 5.38 64.89 -85.70
N VAL E 147 6.06 65.90 -85.17
CA VAL E 147 6.95 65.70 -84.03
C VAL E 147 6.57 66.63 -82.90
N CYS E 148 6.55 66.06 -81.70
CA CYS E 148 6.29 66.83 -80.46
C CYS E 148 7.55 66.86 -79.60
N LEU E 149 7.93 68.05 -79.20
CA LEU E 149 9.06 68.24 -78.33
C LEU E 149 8.54 68.80 -77.00
N ALA E 150 8.78 68.07 -75.92
CA ALA E 150 8.49 68.54 -74.57
C ALA E 150 9.84 68.77 -73.91
N THR E 151 10.10 70.00 -73.51
CA THR E 151 11.44 70.40 -73.09
C THR E 151 11.48 71.17 -71.76
N GLY E 152 12.59 71.10 -71.05
CA GLY E 152 12.86 71.94 -69.90
C GLY E 152 12.11 71.54 -68.64
N PHE E 153 11.70 70.28 -68.52
CA PHE E 153 10.91 69.90 -67.32
C PHE E 153 11.78 69.16 -66.32
N TYR E 154 11.42 69.33 -65.05
CA TYR E 154 12.03 68.68 -63.92
C TYR E 154 11.01 68.59 -62.79
N PRO E 155 10.88 67.46 -62.11
CA PRO E 155 11.54 66.20 -62.40
C PRO E 155 10.86 65.50 -63.57
N ASP E 156 11.23 64.24 -63.89
CA ASP E 156 10.60 63.54 -65.05
C ASP E 156 9.35 62.75 -64.69
N HIS E 157 8.26 63.44 -64.44
CA HIS E 157 7.01 62.80 -64.23
C HIS E 157 6.14 63.45 -65.31
N VAL E 158 6.20 62.90 -66.53
CA VAL E 158 5.38 63.35 -67.65
C VAL E 158 4.76 62.17 -68.33
N GLU E 159 3.57 62.36 -68.88
CA GLU E 159 2.79 61.36 -69.65
C GLU E 159 2.36 62.14 -70.88
N LEU E 160 2.90 61.73 -72.02
CA LEU E 160 2.65 62.41 -73.27
C LEU E 160 1.63 61.60 -74.03
N SER E 161 0.69 62.27 -74.67
CA SER E 161 -0.33 61.61 -75.45
C SER E 161 -0.69 62.47 -76.68
N TRP E 162 -1.17 61.81 -77.73
CA TRP E 162 -1.59 62.41 -79.00
C TRP E 162 -3.09 62.32 -79.17
N TRP E 163 -3.65 63.43 -79.63
CA TRP E 163 -5.07 63.62 -79.74
C TRP E 163 -5.36 64.16 -81.15
N VAL E 164 -6.23 63.48 -81.86
CA VAL E 164 -6.58 63.83 -83.20
C VAL E 164 -8.08 64.01 -83.24
N ASN E 165 -8.50 65.18 -83.74
CA ASN E 165 -9.88 65.64 -83.69
C ASN E 165 -10.60 65.22 -82.42
N GLY E 166 -10.04 65.64 -81.28
CA GLY E 166 -10.69 65.40 -79.98
C GLY E 166 -10.59 64.01 -79.36
N LYS E 167 -9.94 63.07 -80.04
CA LYS E 167 -9.85 61.68 -79.56
C LYS E 167 -8.44 61.17 -79.55
N GLU E 168 -8.07 60.49 -78.45
CA GLU E 168 -6.71 59.99 -78.26
C GLU E 168 -6.41 58.82 -79.24
N VAL E 169 -5.28 58.94 -79.93
CA VAL E 169 -4.84 57.90 -80.83
C VAL E 169 -3.59 57.18 -80.34
N HIS E 170 -3.50 55.90 -80.70
CA HIS E 170 -2.35 55.06 -80.35
C HIS E 170 -1.58 54.61 -81.56
N SER E 171 -2.32 54.26 -82.59
CA SER E 171 -1.70 53.83 -83.81
C SER E 171 -0.91 54.97 -84.49
N GLY E 172 0.33 54.70 -84.87
CA GLY E 172 1.19 55.64 -85.55
C GLY E 172 2.08 56.45 -84.61
N VAL E 173 1.95 56.20 -83.32
CA VAL E 173 2.63 56.98 -82.28
C VAL E 173 3.88 56.28 -81.79
N CYS E 174 4.90 57.05 -81.49
CA CYS E 174 6.13 56.53 -80.95
C CYS E 174 6.80 57.62 -80.14
N THR E 175 6.90 57.37 -78.84
CA THR E 175 7.40 58.29 -77.86
C THR E 175 8.65 57.73 -77.24
N ASP E 176 9.67 58.54 -77.03
CA ASP E 176 10.92 57.95 -76.49
C ASP E 176 10.54 57.25 -75.20
N PRO E 177 11.10 56.06 -74.97
CA PRO E 177 10.84 55.34 -73.73
C PRO E 177 11.38 56.04 -72.50
N GLN E 178 12.39 56.89 -72.65
CA GLN E 178 12.92 57.65 -71.49
C GLN E 178 13.33 59.06 -71.90
N PRO E 179 13.28 60.01 -70.93
CA PRO E 179 13.73 61.37 -71.13
C PRO E 179 15.21 61.52 -71.41
N LEU E 180 15.61 62.60 -72.07
CA LEU E 180 17.03 62.89 -72.16
C LEU E 180 17.35 64.15 -71.38
N LYS E 181 18.56 64.22 -70.85
CA LYS E 181 18.96 65.38 -70.08
C LYS E 181 19.43 66.52 -70.99
N GLU E 182 18.89 67.72 -70.77
CA GLU E 182 19.25 68.88 -71.58
C GLU E 182 20.66 69.37 -71.26
N GLN E 183 21.20 68.95 -70.12
CA GLN E 183 22.65 69.05 -69.87
C GLN E 183 23.13 67.91 -68.97
N PRO E 184 23.62 66.78 -69.58
CA PRO E 184 24.04 65.58 -68.81
C PRO E 184 25.11 65.79 -67.71
N ALA E 185 25.74 66.98 -67.70
CA ALA E 185 26.73 67.34 -66.69
C ALA E 185 26.15 67.37 -65.28
N LEU E 186 24.92 67.87 -65.15
CA LEU E 186 24.39 68.23 -63.83
C LEU E 186 23.35 67.20 -63.36
N ASN E 187 23.19 67.11 -62.05
CA ASN E 187 22.30 66.11 -61.47
C ASN E 187 20.85 66.45 -61.69
N ASP E 188 20.54 67.69 -61.34
CA ASP E 188 19.18 68.19 -61.42
C ASP E 188 18.94 68.87 -62.80
N SER E 189 19.72 68.51 -63.82
CA SER E 189 19.44 68.95 -65.18
C SER E 189 17.99 68.68 -65.53
N ARG E 190 17.44 69.59 -66.33
CA ARG E 190 16.12 69.42 -66.83
C ARG E 190 16.11 68.42 -67.97
N TYR E 191 14.89 68.07 -68.38
CA TYR E 191 14.66 66.97 -69.27
C TYR E 191 13.95 67.38 -70.54
N ALA E 192 14.09 66.55 -71.55
CA ALA E 192 13.33 66.70 -72.79
C ALA E 192 12.80 65.36 -73.24
N LEU E 193 11.73 65.38 -74.00
CA LEU E 193 11.13 64.15 -74.49
C LEU E 193 10.57 64.44 -75.87
N SER E 194 10.78 63.51 -76.81
CA SER E 194 10.16 63.57 -78.13
C SER E 194 9.14 62.48 -78.35
N SER E 195 8.17 62.81 -79.19
CA SER E 195 7.22 61.88 -79.72
C SER E 195 6.98 62.17 -81.20
N ARG E 196 6.54 61.13 -81.92
CA ARG E 196 6.14 61.24 -83.31
C ARG E 196 4.75 60.69 -83.48
N LEU E 197 4.02 61.27 -84.43
CA LEU E 197 2.77 60.74 -84.94
C LEU E 197 2.75 60.76 -86.46
N ARG E 198 2.54 59.61 -87.09
CA ARG E 198 2.53 59.50 -88.53
C ARG E 198 1.14 59.10 -89.05
N VAL E 199 0.74 59.80 -90.13
CA VAL E 199 -0.53 59.56 -90.82
C VAL E 199 -0.34 59.63 -92.32
N SER E 200 -1.28 59.19 -93.15
CA SER E 200 -1.11 59.30 -94.62
C SER E 200 -0.95 60.77 -95.02
N ALA E 201 -0.37 61.04 -96.19
CA ALA E 201 -0.25 62.42 -96.67
C ALA E 201 -1.65 63.04 -96.84
N THR E 202 -2.58 62.25 -97.39
CA THR E 202 -4.01 62.55 -97.49
C THR E 202 -4.69 63.09 -96.22
N PHE E 203 -4.37 62.47 -95.10
CA PHE E 203 -5.00 62.77 -93.81
C PHE E 203 -4.49 64.09 -93.18
N TRP E 204 -3.19 64.36 -93.34
CA TRP E 204 -2.56 65.65 -93.00
C TRP E 204 -3.06 66.82 -93.86
N GLN E 205 -3.27 66.62 -95.16
CA GLN E 205 -3.66 67.67 -96.09
C GLN E 205 -5.12 68.07 -96.05
N ASP E 206 -5.92 67.34 -95.30
CA ASP E 206 -7.27 67.76 -94.99
C ASP E 206 -7.15 68.93 -94.00
N PRO E 207 -7.65 70.14 -94.35
CA PRO E 207 -7.78 71.22 -93.33
C PRO E 207 -8.80 70.97 -92.20
N ARG E 208 -9.67 69.95 -92.32
CA ARG E 208 -10.63 69.66 -91.26
C ARG E 208 -9.95 69.04 -90.05
N ASN E 209 -8.77 68.46 -90.27
CA ASN E 209 -8.12 67.66 -89.25
C ASN E 209 -7.28 68.46 -88.27
N HIS E 210 -7.37 68.08 -87.01
CA HIS E 210 -6.70 68.80 -85.91
C HIS E 210 -5.92 67.86 -84.91
N PHE E 211 -4.65 68.19 -84.76
CA PHE E 211 -3.71 67.39 -84.06
C PHE E 211 -3.35 68.17 -82.82
N ARG E 212 -3.03 67.46 -81.76
CA ARG E 212 -2.56 68.04 -80.53
C ARG E 212 -1.71 67.03 -79.75
N CYS E 213 -0.48 67.44 -79.47
CA CYS E 213 0.43 66.77 -78.55
C CYS E 213 0.11 67.27 -77.14
N GLN E 214 -0.22 66.37 -76.22
CA GLN E 214 -0.56 66.72 -74.85
C GLN E 214 0.43 66.15 -73.83
N VAL E 215 0.96 67.00 -72.92
CA VAL E 215 1.82 66.49 -71.85
C VAL E 215 1.28 66.78 -70.44
N GLN E 216 0.99 65.70 -69.71
CA GLN E 216 0.64 65.83 -68.30
C GLN E 216 1.92 65.86 -67.51
N PHE E 217 2.08 66.89 -66.71
CA PHE E 217 3.23 67.08 -65.82
C PHE E 217 2.79 66.94 -64.38
N TYR E 218 3.57 66.23 -63.57
CA TYR E 218 3.32 66.11 -62.16
C TYR E 218 4.37 66.88 -61.40
N GLY E 219 3.89 67.85 -60.61
CA GLY E 219 4.75 68.75 -59.88
C GLY E 219 4.17 69.09 -58.51
N LEU E 220 4.11 70.39 -58.23
CA LEU E 220 3.66 70.88 -56.93
C LEU E 220 2.15 70.78 -56.77
N SER E 221 1.68 70.66 -55.54
CA SER E 221 0.24 70.70 -55.29
C SER E 221 -0.02 71.96 -54.51
N GLU E 222 -1.26 72.32 -54.25
CA GLU E 222 -1.30 73.66 -53.67
C GLU E 222 -1.08 73.71 -52.15
N ASN E 223 -0.88 72.57 -51.50
CA ASN E 223 -0.31 72.59 -50.16
C ASN E 223 1.15 72.98 -50.11
N ASP E 224 1.89 72.84 -51.23
CA ASP E 224 3.28 73.29 -51.31
C ASP E 224 3.29 74.77 -51.36
N GLU E 225 4.22 75.36 -50.63
CA GLU E 225 4.32 76.81 -50.57
C GLU E 225 5.18 77.36 -51.72
N TRP E 226 4.89 78.57 -52.17
CA TRP E 226 5.63 79.12 -53.31
C TRP E 226 5.64 80.62 -53.28
N THR E 227 6.85 81.17 -53.26
CA THR E 227 7.06 82.59 -53.19
C THR E 227 7.95 83.13 -54.33
N GLN E 228 8.30 82.31 -55.30
CA GLN E 228 9.17 82.76 -56.40
C GLN E 228 8.42 83.63 -57.34
N ASP E 229 9.20 84.41 -58.08
CA ASP E 229 8.74 85.24 -59.18
C ASP E 229 7.86 84.45 -60.14
N ARG E 230 8.44 83.38 -60.63
CA ARG E 230 7.84 82.62 -61.68
C ARG E 230 6.61 81.89 -61.12
N ALA E 231 5.77 81.45 -62.05
CA ALA E 231 4.58 80.74 -61.79
C ALA E 231 4.89 79.46 -61.04
N LYS E 232 4.08 79.19 -60.02
CA LYS E 232 4.19 77.94 -59.30
C LYS E 232 4.07 76.73 -60.28
N PRO E 233 5.09 75.89 -60.32
CA PRO E 233 5.09 74.77 -61.22
C PRO E 233 4.27 73.61 -60.70
N VAL E 234 2.97 73.81 -60.75
CA VAL E 234 2.03 72.81 -60.29
C VAL E 234 1.85 71.69 -61.33
N THR E 235 1.36 70.58 -60.83
CA THR E 235 0.73 69.59 -61.68
C THR E 235 -0.21 70.21 -62.68
N GLN E 236 0.03 69.94 -63.96
CA GLN E 236 -0.68 70.61 -65.04
C GLN E 236 -0.48 69.90 -66.40
N ILE E 237 -1.36 70.24 -67.33
CA ILE E 237 -1.26 69.82 -68.72
C ILE E 237 -0.74 70.93 -69.58
N VAL E 238 0.28 70.65 -70.40
CA VAL E 238 0.79 71.62 -71.38
C VAL E 238 0.67 70.96 -72.77
N SER E 239 -0.02 71.65 -73.68
CA SER E 239 -0.26 71.18 -75.07
C SER E 239 0.22 72.17 -76.16
N ALA E 240 0.51 71.63 -77.33
CA ALA E 240 0.76 72.39 -78.56
C ALA E 240 -0.06 71.70 -79.63
N GLU E 241 -0.24 72.34 -80.78
CA GLU E 241 -1.17 71.85 -81.80
C GLU E 241 -0.91 72.30 -83.24
N ALA E 242 -1.62 71.67 -84.16
CA ALA E 242 -1.51 71.97 -85.57
C ALA E 242 -2.75 71.48 -86.24
N TRP E 243 -3.12 72.17 -87.32
CA TRP E 243 -4.23 71.79 -88.16
C TRP E 243 -3.62 71.30 -89.46
N GLY E 244 -4.33 70.43 -90.15
CA GLY E 244 -3.87 70.03 -91.49
C GLY E 244 -3.92 71.18 -92.51
N ARG E 245 -3.21 71.01 -93.61
CA ARG E 245 -3.04 72.07 -94.65
C ARG E 245 -2.41 71.46 -95.91
N ALA E 246 -2.90 71.88 -97.07
CA ALA E 246 -2.44 71.30 -98.34
C ALA E 246 -1.37 72.13 -99.00
N ASP E 247 -1.30 73.44 -98.71
CA ASP E 247 -0.30 74.35 -99.31
C ASP E 247 -0.21 75.65 -98.51
N GLY F 1 -21.92 -5.99 31.35
CA GLY F 1 -22.06 -7.11 30.39
C GLY F 1 -21.63 -8.42 30.99
N SER F 2 -21.44 -9.38 30.10
CA SER F 2 -21.30 -10.76 30.40
C SER F 2 -19.86 -11.02 30.79
N HIS F 3 -19.58 -12.06 31.57
CA HIS F 3 -18.21 -12.33 31.98
C HIS F 3 -17.92 -13.83 32.08
N SER F 4 -16.66 -14.24 31.97
CA SER F 4 -16.31 -15.65 32.07
C SER F 4 -15.00 -15.87 32.78
N MET F 5 -14.85 -17.06 33.36
CA MET F 5 -13.58 -17.52 33.86
C MET F 5 -13.31 -18.85 33.16
N ARG F 6 -12.14 -19.00 32.61
CA ARG F 6 -11.78 -20.19 31.86
C ARG F 6 -10.37 -20.62 32.20
N TYR F 7 -10.20 -21.94 32.20
CA TYR F 7 -8.92 -22.53 32.40
C TYR F 7 -8.64 -23.46 31.22
N PHE F 8 -7.39 -23.43 30.77
CA PHE F 8 -6.95 -24.14 29.55
C PHE F 8 -5.74 -24.98 29.92
N PHE F 9 -5.74 -26.27 29.54
CA PHE F 9 -4.61 -27.15 29.91
C PHE F 9 -4.16 -27.99 28.69
N THR F 10 -2.92 -27.87 28.30
CA THR F 10 -2.41 -28.57 27.12
C THR F 10 -1.26 -29.47 27.58
N SER F 11 -1.26 -30.75 27.21
CA SER F 11 -0.09 -31.59 27.38
C SER F 11 0.35 -32.19 26.05
N VAL F 12 1.63 -32.09 25.75
CA VAL F 12 2.20 -32.61 24.51
C VAL F 12 3.21 -33.69 24.83
N SER F 13 2.98 -34.94 24.39
CA SER F 13 3.99 -35.96 24.64
C SER F 13 5.25 -35.74 23.80
N ARG F 14 6.37 -36.26 24.31
CA ARG F 14 7.71 -35.95 23.77
C ARG F 14 8.54 -37.24 23.93
N PRO F 15 8.29 -38.23 23.08
CA PRO F 15 9.06 -39.46 23.03
C PRO F 15 10.55 -39.19 22.96
N GLY F 16 11.35 -39.83 23.82
CA GLY F 16 12.74 -39.47 24.00
C GLY F 16 13.03 -38.44 25.11
N ARG F 17 12.02 -37.80 25.66
CA ARG F 17 12.17 -36.90 26.81
C ARG F 17 11.51 -37.54 28.04
N GLY F 18 11.79 -37.02 29.23
CA GLY F 18 11.29 -37.63 30.48
C GLY F 18 9.76 -37.59 30.66
N GLU F 19 9.13 -36.57 30.15
CA GLU F 19 7.74 -36.31 30.50
C GLU F 19 7.16 -35.38 29.43
N PRO F 20 5.85 -35.39 29.26
CA PRO F 20 5.18 -34.42 28.41
C PRO F 20 5.38 -32.98 28.86
N ARG F 21 5.27 -32.07 27.90
CA ARG F 21 5.24 -30.63 28.15
C ARG F 21 3.81 -30.30 28.55
N PHE F 22 3.63 -29.64 29.69
CA PHE F 22 2.29 -29.27 30.19
C PHE F 22 2.28 -27.81 30.41
N ILE F 23 1.23 -27.17 29.87
CA ILE F 23 1.05 -25.73 29.95
C ILE F 23 -0.39 -25.44 30.29
N ALA F 24 -0.56 -24.64 31.35
CA ALA F 24 -1.89 -24.26 31.88
C ALA F 24 -1.95 -22.81 32.06
N VAL F 25 -3.09 -22.27 31.65
CA VAL F 25 -3.35 -20.83 31.77
C VAL F 25 -4.81 -20.65 32.23
N GLY F 26 -5.02 -19.60 32.98
CA GLY F 26 -6.39 -19.20 33.40
C GLY F 26 -6.71 -17.77 32.97
N TYR F 27 -7.93 -17.54 32.54
CA TYR F 27 -8.37 -16.21 32.11
C TYR F 27 -9.63 -15.78 32.81
N VAL F 28 -9.74 -14.49 33.07
CA VAL F 28 -11.06 -13.87 33.28
C VAL F 28 -11.38 -13.02 32.06
N ASP F 29 -12.49 -13.30 31.38
CA ASP F 29 -12.80 -12.61 30.14
C ASP F 29 -11.55 -12.76 29.24
N ASP F 30 -11.02 -11.67 28.72
CA ASP F 30 -9.93 -11.73 27.78
C ASP F 30 -8.63 -11.51 28.50
N THR F 31 -8.62 -11.52 29.83
CA THR F 31 -7.38 -11.21 30.54
C THR F 31 -6.72 -12.41 31.24
N GLN F 32 -5.49 -12.71 30.90
CA GLN F 32 -4.81 -13.79 31.57
C GLN F 32 -4.39 -13.47 33.03
N PHE F 33 -4.59 -14.39 33.95
CA PHE F 33 -4.27 -14.13 35.34
C PHE F 33 -3.37 -15.14 36.01
N VAL F 34 -3.31 -16.38 35.54
CA VAL F 34 -2.34 -17.31 36.05
C VAL F 34 -1.73 -18.16 34.92
N ARG F 35 -0.60 -18.80 35.22
CA ARG F 35 -0.06 -19.82 34.31
C ARG F 35 0.79 -20.84 35.06
N PHE F 36 0.97 -21.99 34.44
CA PHE F 36 1.93 -22.98 34.90
C PHE F 36 2.58 -23.60 33.68
N ASP F 37 3.89 -23.81 33.74
CA ASP F 37 4.63 -24.51 32.71
C ASP F 37 5.53 -25.61 33.31
N SER F 38 5.28 -26.84 32.95
CA SER F 38 6.05 -27.95 33.56
C SER F 38 7.52 -27.86 33.35
N ASP F 39 7.99 -27.05 32.40
CA ASP F 39 9.40 -26.99 32.13
C ASP F 39 10.03 -25.77 32.79
N ALA F 40 9.24 -24.89 33.38
CA ALA F 40 9.85 -23.68 34.01
C ALA F 40 10.40 -24.09 35.39
N ALA F 41 11.24 -23.26 35.98
CA ALA F 41 11.93 -23.62 37.19
C ALA F 41 11.03 -23.56 38.45
N SER F 42 10.05 -22.67 38.48
CA SER F 42 9.40 -22.42 39.78
C SER F 42 8.63 -23.67 40.21
N GLN F 43 8.04 -24.40 39.26
CA GLN F 43 7.16 -25.50 39.55
C GLN F 43 5.89 -25.05 40.39
N ARG F 44 5.44 -23.80 40.17
CA ARG F 44 4.33 -23.20 40.91
C ARG F 44 3.41 -22.56 39.93
N MET F 45 2.18 -22.42 40.29
CA MET F 45 1.29 -21.55 39.55
C MET F 45 1.80 -20.14 39.74
N GLU F 46 1.85 -19.34 38.67
CA GLU F 46 2.39 -17.98 38.74
C GLU F 46 1.33 -16.98 38.38
N PRO F 47 1.29 -15.84 39.11
CA PRO F 47 0.40 -14.70 38.87
C PRO F 47 0.71 -14.01 37.56
N ARG F 48 -0.32 -13.71 36.80
CA ARG F 48 -0.06 -12.96 35.55
C ARG F 48 -0.85 -11.64 35.46
N ALA F 49 -1.65 -11.33 36.47
CA ALA F 49 -2.33 -10.06 36.54
C ALA F 49 -2.13 -9.53 37.91
N PRO F 50 -2.16 -8.21 38.07
CA PRO F 50 -1.79 -7.68 39.37
C PRO F 50 -2.83 -7.98 40.47
N TRP F 51 -4.11 -7.99 40.10
CA TRP F 51 -5.15 -8.23 41.06
C TRP F 51 -5.15 -9.65 41.69
N ILE F 52 -4.46 -10.61 41.11
CA ILE F 52 -4.43 -11.98 41.68
C ILE F 52 -3.31 -12.09 42.73
N GLU F 53 -2.38 -11.16 42.71
CA GLU F 53 -1.24 -11.20 43.63
C GLU F 53 -1.66 -11.09 45.07
N GLN F 54 -2.74 -10.38 45.36
CA GLN F 54 -3.25 -10.28 46.72
C GLN F 54 -3.78 -11.56 47.34
N GLU F 55 -4.05 -12.59 46.56
CA GLU F 55 -4.38 -13.87 47.19
C GLU F 55 -3.21 -14.39 48.07
N GLY F 56 -3.54 -15.00 49.19
CA GLY F 56 -2.53 -15.40 50.14
C GLY F 56 -1.91 -16.77 49.84
N PRO F 57 -0.99 -17.19 50.72
CA PRO F 57 -0.30 -18.45 50.55
C PRO F 57 -1.21 -19.69 50.43
N GLU F 58 -2.35 -19.79 51.12
CA GLU F 58 -3.24 -20.96 51.03
C GLU F 58 -3.79 -21.09 49.60
N TYR F 59 -4.17 -19.94 49.02
CA TYR F 59 -4.57 -19.88 47.65
C TYR F 59 -3.47 -20.44 46.70
N TRP F 60 -2.26 -19.90 46.78
CA TRP F 60 -1.21 -20.29 45.82
C TRP F 60 -0.80 -21.73 46.01
N ASP F 61 -0.70 -22.18 47.28
CA ASP F 61 -0.36 -23.59 47.52
C ASP F 61 -1.41 -24.54 46.92
N GLY F 62 -2.66 -24.19 47.15
CA GLY F 62 -3.76 -24.93 46.59
C GLY F 62 -3.83 -24.98 45.08
N GLU F 63 -3.61 -23.82 44.46
CA GLU F 63 -3.66 -23.75 43.02
C GLU F 63 -2.47 -24.51 42.39
N THR F 64 -1.33 -24.45 43.02
CA THR F 64 -0.18 -25.13 42.55
C THR F 64 -0.37 -26.66 42.67
N ARG F 65 -0.94 -27.11 43.79
CA ARG F 65 -1.24 -28.53 43.96
C ARG F 65 -2.16 -29.04 42.88
N LYS F 66 -3.27 -28.33 42.67
CA LYS F 66 -4.22 -28.77 41.70
C LYS F 66 -3.63 -28.83 40.30
N VAL F 67 -2.85 -27.84 39.91
CA VAL F 67 -2.37 -27.76 38.56
C VAL F 67 -1.29 -28.85 38.34
N LYS F 68 -0.50 -29.15 39.35
CA LYS F 68 0.50 -30.23 39.29
C LYS F 68 -0.18 -31.56 39.17
N ALA F 69 -1.23 -31.78 39.98
CA ALA F 69 -2.02 -32.97 39.89
C ALA F 69 -2.59 -33.15 38.50
N HIS F 70 -3.08 -32.08 37.95
CA HIS F 70 -3.63 -32.07 36.62
C HIS F 70 -2.55 -32.50 35.56
N SER F 71 -1.34 -32.02 35.68
CA SER F 71 -0.27 -32.46 34.74
C SER F 71 -0.05 -34.00 34.78
N GLN F 72 -0.23 -34.61 35.94
CA GLN F 72 -0.03 -36.05 36.09
C GLN F 72 -1.16 -36.85 35.46
N THR F 73 -2.39 -36.35 35.56
CA THR F 73 -3.48 -37.00 34.92
C THR F 73 -3.42 -36.88 33.38
N HIS F 74 -2.99 -35.75 32.85
CA HIS F 74 -2.83 -35.57 31.44
C HIS F 74 -1.66 -36.49 30.94
N ARG F 75 -0.64 -36.70 31.78
CA ARG F 75 0.46 -37.60 31.40
C ARG F 75 -0.06 -39.00 31.28
N VAL F 76 -0.86 -39.45 32.24
CA VAL F 76 -1.41 -40.82 32.17
C VAL F 76 -2.32 -40.94 30.95
N ASP F 77 -3.19 -39.93 30.74
CA ASP F 77 -4.15 -39.93 29.66
C ASP F 77 -3.48 -40.07 28.26
N LEU F 78 -2.32 -39.43 28.08
CA LEU F 78 -1.60 -39.50 26.81
C LEU F 78 -1.22 -40.95 26.54
N GLY F 79 -0.77 -41.69 27.56
CA GLY F 79 -0.46 -43.11 27.39
C GLY F 79 -1.69 -43.95 27.16
N THR F 80 -2.74 -43.71 27.90
CA THR F 80 -3.95 -44.48 27.66
C THR F 80 -4.49 -44.29 26.25
N LEU F 81 -4.56 -43.04 25.80
CA LEU F 81 -5.06 -42.74 24.46
C LEU F 81 -4.17 -43.24 23.33
N ARG F 82 -2.84 -43.16 23.47
CA ARG F 82 -1.96 -43.87 22.53
C ARG F 82 -2.38 -45.31 22.34
N GLY F 83 -2.68 -45.97 23.45
CA GLY F 83 -3.02 -47.40 23.43
C GLY F 83 -4.37 -47.58 22.79
N TYR F 84 -5.32 -46.71 23.10
CA TYR F 84 -6.66 -46.83 22.55
C TYR F 84 -6.68 -46.67 21.04
N TYR F 85 -5.85 -45.78 20.49
CA TYR F 85 -5.86 -45.54 19.01
C TYR F 85 -4.74 -46.39 18.34
N ASN F 86 -4.11 -47.28 19.09
CA ASN F 86 -3.03 -48.07 18.57
C ASN F 86 -1.91 -47.34 17.87
N GLN F 87 -1.39 -46.30 18.51
CA GLN F 87 -0.52 -45.38 17.84
C GLN F 87 0.89 -45.72 18.23
N SER F 88 1.83 -45.39 17.33
CA SER F 88 3.27 -45.59 17.59
C SER F 88 3.76 -44.75 18.78
N GLU F 89 4.72 -45.31 19.49
CA GLU F 89 5.34 -44.62 20.61
C GLU F 89 6.31 -43.55 20.11
N ALA F 90 6.63 -43.52 18.83
CA ALA F 90 7.51 -42.52 18.22
C ALA F 90 6.82 -41.18 18.06
N GLY F 91 5.49 -41.15 17.98
CA GLY F 91 4.83 -39.88 17.67
C GLY F 91 4.54 -38.98 18.88
N SER F 92 4.51 -37.67 18.65
CA SER F 92 4.04 -36.74 19.59
C SER F 92 2.53 -36.52 19.44
N HIS F 93 1.81 -36.54 20.56
CA HIS F 93 0.36 -36.31 20.64
C HIS F 93 -0.04 -35.32 21.68
N THR F 94 -1.29 -34.86 21.60
CA THR F 94 -1.75 -33.73 22.40
C THR F 94 -3.04 -34.05 23.11
N VAL F 95 -3.16 -33.64 24.35
CA VAL F 95 -4.41 -33.65 25.11
C VAL F 95 -4.71 -32.25 25.50
N GLN F 96 -5.98 -31.86 25.42
CA GLN F 96 -6.40 -30.49 25.82
C GLN F 96 -7.68 -30.61 26.62
N ARG F 97 -7.72 -29.88 27.74
CA ARG F 97 -8.92 -29.72 28.56
C ARG F 97 -9.18 -28.25 28.76
N MET F 98 -10.44 -27.86 28.68
CA MET F 98 -10.86 -26.49 29.04
C MET F 98 -12.12 -26.58 29.88
N TYR F 99 -12.21 -25.77 30.90
CA TYR F 99 -13.40 -25.67 31.64
C TYR F 99 -13.59 -24.24 32.16
N GLY F 100 -14.81 -23.94 32.49
CA GLY F 100 -15.15 -22.63 33.01
C GLY F 100 -16.59 -22.31 33.12
N CYS F 101 -16.86 -21.08 33.50
CA CYS F 101 -18.21 -20.64 33.70
C CYS F 101 -18.39 -19.26 33.23
N ASP F 102 -19.65 -18.94 32.86
CA ASP F 102 -20.08 -17.63 32.44
C ASP F 102 -21.16 -17.14 33.39
N VAL F 103 -21.17 -15.83 33.58
CA VAL F 103 -22.24 -15.11 34.27
C VAL F 103 -22.76 -14.02 33.38
N GLY F 104 -23.98 -13.56 33.65
CA GLY F 104 -24.57 -12.47 32.91
C GLY F 104 -24.19 -11.12 33.50
N SER F 105 -24.92 -10.10 33.06
CA SER F 105 -24.74 -8.73 33.50
C SER F 105 -25.06 -8.55 34.93
N ASP F 106 -26.01 -9.32 35.42
CA ASP F 106 -26.36 -9.38 36.85
C ASP F 106 -25.40 -10.27 37.66
N TRP F 107 -24.38 -10.82 36.98
CA TRP F 107 -23.36 -11.66 37.58
C TRP F 107 -23.91 -12.94 38.11
N ARG F 108 -25.12 -13.35 37.76
CA ARG F 108 -25.56 -14.72 38.11
C ARG F 108 -25.12 -15.77 37.04
N PHE F 109 -25.07 -17.02 37.44
CA PHE F 109 -24.68 -18.14 36.55
C PHE F 109 -25.51 -18.13 35.26
N LEU F 110 -24.83 -18.20 34.14
CA LEU F 110 -25.44 -18.40 32.84
C LEU F 110 -25.17 -19.87 32.41
N ARG F 111 -23.90 -20.30 32.45
CA ARG F 111 -23.52 -21.66 32.00
C ARG F 111 -22.14 -22.03 32.38
N GLY F 112 -21.92 -23.33 32.41
CA GLY F 112 -20.70 -23.90 32.76
C GLY F 112 -20.30 -24.85 31.61
N TYR F 113 -19.00 -25.12 31.52
CA TYR F 113 -18.55 -26.04 30.48
C TYR F 113 -17.32 -26.77 30.91
N HIS F 114 -17.11 -27.94 30.28
CA HIS F 114 -15.96 -28.76 30.52
C HIS F 114 -15.82 -29.70 29.31
N GLN F 115 -14.70 -29.57 28.57
CA GLN F 115 -14.49 -30.22 27.29
C GLN F 115 -13.08 -30.75 27.24
N TYR F 116 -12.91 -31.86 26.53
CA TYR F 116 -11.63 -32.54 26.40
C TYR F 116 -11.41 -32.94 24.94
N ALA F 117 -10.17 -32.78 24.48
CA ALA F 117 -9.74 -33.09 23.14
C ALA F 117 -8.48 -33.92 23.09
N TYR F 118 -8.39 -34.76 22.09
CA TYR F 118 -7.21 -35.58 21.80
C TYR F 118 -6.79 -35.27 20.37
N ASP F 119 -5.52 -34.91 20.20
CA ASP F 119 -4.98 -34.44 18.90
C ASP F 119 -5.84 -33.41 18.18
N GLY F 120 -6.39 -32.48 18.96
CA GLY F 120 -7.03 -31.35 18.38
C GLY F 120 -8.49 -31.59 18.05
N LYS F 121 -8.99 -32.79 18.34
CA LYS F 121 -10.36 -33.14 18.03
C LYS F 121 -11.18 -33.47 19.28
N ASP F 122 -12.46 -33.13 19.23
CA ASP F 122 -13.34 -33.38 20.38
C ASP F 122 -13.22 -34.85 20.83
N TYR F 123 -13.09 -35.11 22.11
CA TYR F 123 -13.05 -36.45 22.66
C TYR F 123 -14.29 -36.67 23.54
N ILE F 124 -14.41 -35.91 24.60
CA ILE F 124 -15.64 -35.94 25.44
C ILE F 124 -15.93 -34.56 26.02
N ALA F 125 -17.21 -34.23 26.19
CA ALA F 125 -17.59 -32.95 26.76
C ALA F 125 -18.80 -33.10 27.65
N LEU F 126 -18.85 -32.23 28.67
CA LEU F 126 -20.05 -32.08 29.49
C LEU F 126 -21.08 -31.25 28.75
N LYS F 127 -22.34 -31.70 28.69
CA LYS F 127 -23.34 -30.94 28.02
C LYS F 127 -23.83 -29.84 28.93
N GLU F 128 -24.66 -28.95 28.38
CA GLU F 128 -25.05 -27.72 29.08
C GLU F 128 -25.84 -27.96 30.39
N ASP F 129 -26.65 -29.03 30.45
CA ASP F 129 -27.34 -29.37 31.69
C ASP F 129 -26.38 -29.85 32.81
N LEU F 130 -25.08 -30.01 32.50
CA LEU F 130 -24.04 -30.42 33.47
C LEU F 130 -24.37 -31.69 34.22
N ARG F 131 -25.14 -32.55 33.57
CA ARG F 131 -25.47 -33.89 34.07
C ARG F 131 -25.04 -35.02 33.15
N SER F 132 -24.71 -34.73 31.88
CA SER F 132 -24.53 -35.76 30.91
C SER F 132 -23.37 -35.45 29.97
N TRP F 133 -22.98 -36.44 29.21
CA TRP F 133 -21.77 -36.34 28.43
C TRP F 133 -22.03 -36.59 26.97
N THR F 134 -21.23 -35.96 26.12
CA THR F 134 -21.21 -36.34 24.71
C THR F 134 -19.84 -36.82 24.34
N ALA F 135 -19.79 -37.96 23.67
CA ALA F 135 -18.53 -38.67 23.39
C ALA F 135 -18.35 -38.73 21.90
N ALA F 136 -17.12 -38.47 21.43
CA ALA F 136 -16.86 -38.45 19.98
C ALA F 136 -16.89 -39.80 19.28
N ASP F 137 -16.37 -40.85 19.92
CA ASP F 137 -16.18 -42.17 19.28
C ASP F 137 -16.29 -43.26 20.35
N MET F 138 -15.95 -44.50 20.02
CA MET F 138 -16.04 -45.57 21.00
C MET F 138 -15.02 -45.56 22.13
N ALA F 139 -13.79 -45.10 21.88
CA ALA F 139 -12.82 -44.85 22.96
C ALA F 139 -13.45 -43.92 23.99
N ALA F 140 -14.02 -42.84 23.51
CA ALA F 140 -14.66 -41.91 24.44
C ALA F 140 -15.86 -42.44 25.12
N GLN F 141 -16.50 -43.44 24.54
CA GLN F 141 -17.67 -43.97 25.19
C GLN F 141 -17.24 -44.78 26.42
N THR F 142 -16.14 -45.50 26.31
CA THR F 142 -15.59 -46.23 27.46
C THR F 142 -15.27 -45.16 28.54
N THR F 143 -14.61 -44.04 28.19
CA THR F 143 -14.38 -42.99 29.16
C THR F 143 -15.68 -42.50 29.80
N LYS F 144 -16.73 -42.32 29.01
CA LYS F 144 -17.99 -41.78 29.51
C LYS F 144 -18.62 -42.71 30.54
N HIS F 145 -18.67 -43.99 30.23
CA HIS F 145 -19.19 -44.95 31.20
C HIS F 145 -18.36 -44.95 32.50
N LYS F 146 -17.03 -44.88 32.37
CA LYS F 146 -16.17 -44.75 33.53
C LYS F 146 -16.57 -43.49 34.34
N TRP F 147 -16.70 -42.32 33.69
CA TRP F 147 -17.01 -41.08 34.41
C TRP F 147 -18.41 -41.00 34.99
N GLU F 148 -19.35 -41.69 34.36
CA GLU F 148 -20.67 -41.85 34.85
C GLU F 148 -20.67 -42.71 36.11
N ALA F 149 -20.02 -43.88 36.05
CA ALA F 149 -19.93 -44.73 37.27
C ALA F 149 -19.32 -43.97 38.47
N ALA F 150 -18.38 -43.06 38.18
CA ALA F 150 -17.65 -42.34 39.24
C ALA F 150 -18.27 -41.03 39.64
N HIS F 151 -19.38 -40.65 39.00
CA HIS F 151 -20.13 -39.40 39.31
C HIS F 151 -19.33 -38.14 39.15
N VAL F 152 -18.49 -38.15 38.13
CA VAL F 152 -17.71 -36.94 37.79
C VAL F 152 -18.59 -35.70 37.50
N ALA F 153 -19.67 -35.87 36.73
CA ALA F 153 -20.52 -34.71 36.37
C ALA F 153 -21.03 -33.98 37.61
N GLU F 154 -21.43 -34.76 38.63
CA GLU F 154 -21.92 -34.16 39.83
C GLU F 154 -20.88 -33.28 40.47
N GLN F 155 -19.62 -33.70 40.51
CA GLN F 155 -18.60 -32.82 41.18
C GLN F 155 -18.36 -31.60 40.31
N LEU F 156 -18.21 -31.81 39.02
CA LEU F 156 -18.07 -30.67 38.13
C LEU F 156 -19.27 -29.66 38.26
N ARG F 157 -20.48 -30.18 38.23
CA ARG F 157 -21.63 -29.33 38.36
C ARG F 157 -21.61 -28.46 39.62
N ALA F 158 -21.28 -29.08 40.76
CA ALA F 158 -21.26 -28.35 42.05
C ALA F 158 -20.22 -27.22 41.94
N TYR F 159 -19.07 -27.51 41.34
CA TYR F 159 -18.07 -26.49 41.16
C TYR F 159 -18.47 -25.33 40.22
N LEU F 160 -18.94 -25.67 39.05
CA LEU F 160 -19.25 -24.69 38.02
C LEU F 160 -20.43 -23.76 38.44
N GLU F 161 -21.49 -24.33 39.01
CA GLU F 161 -22.62 -23.57 39.57
C GLU F 161 -22.26 -22.86 40.89
N GLY F 162 -21.21 -23.27 41.59
CA GLY F 162 -20.90 -22.68 42.86
C GLY F 162 -19.60 -21.93 42.86
N THR F 163 -18.54 -22.61 43.30
CA THR F 163 -17.22 -22.04 43.42
C THR F 163 -16.74 -21.28 42.23
N CYS F 164 -16.95 -21.82 41.06
CA CYS F 164 -16.41 -21.19 39.81
C CYS F 164 -16.95 -19.77 39.69
N VAL F 165 -18.26 -19.69 39.83
CA VAL F 165 -19.00 -18.46 39.67
C VAL F 165 -18.69 -17.50 40.83
N GLU F 166 -18.49 -18.04 42.03
CA GLU F 166 -18.23 -17.18 43.17
C GLU F 166 -16.86 -16.58 43.11
N TRP F 167 -15.92 -17.34 42.59
CA TRP F 167 -14.58 -16.87 42.59
C TRP F 167 -14.40 -15.87 41.43
N LEU F 168 -15.09 -16.14 40.33
CA LEU F 168 -15.18 -15.20 39.22
C LEU F 168 -15.71 -13.84 39.72
N ARG F 169 -16.79 -13.84 40.50
CA ARG F 169 -17.31 -12.55 41.01
C ARG F 169 -16.28 -11.91 41.92
N ARG F 170 -15.56 -12.72 42.69
CA ARG F 170 -14.56 -12.18 43.58
C ARG F 170 -13.42 -11.52 42.76
N TYR F 171 -13.00 -12.15 41.68
CA TYR F 171 -11.96 -11.58 40.82
C TYR F 171 -12.41 -10.27 40.13
N LEU F 172 -13.62 -10.30 39.58
CA LEU F 172 -14.23 -9.12 38.96
C LEU F 172 -14.27 -7.92 39.89
N GLU F 173 -14.44 -8.18 41.18
CA GLU F 173 -14.46 -7.08 42.17
C GLU F 173 -13.04 -6.68 42.59
N ASN F 174 -12.17 -7.65 42.88
CA ASN F 174 -10.80 -7.27 43.28
C ASN F 174 -9.99 -6.67 42.13
N GLY F 175 -10.25 -7.13 40.90
CA GLY F 175 -9.63 -6.58 39.70
C GLY F 175 -10.47 -5.56 38.97
N LYS F 176 -11.45 -4.97 39.66
CA LYS F 176 -12.39 -4.12 38.95
C LYS F 176 -11.72 -3.00 38.12
N GLU F 177 -10.57 -2.51 38.55
CA GLU F 177 -9.94 -1.36 37.89
C GLU F 177 -9.50 -1.75 36.47
N THR F 178 -9.18 -3.03 36.28
CA THR F 178 -8.74 -3.69 35.03
C THR F 178 -9.91 -4.33 34.31
N LEU F 179 -10.61 -5.15 35.04
CA LEU F 179 -11.55 -6.10 34.46
C LEU F 179 -12.90 -5.43 34.16
N GLN F 180 -13.26 -4.38 34.88
CA GLN F 180 -14.53 -3.74 34.60
C GLN F 180 -14.35 -2.40 33.93
N ARG F 181 -13.19 -2.13 33.36
CA ARG F 181 -12.96 -0.89 32.61
C ARG F 181 -13.49 -1.12 31.20
N THR F 182 -13.88 -0.08 30.47
CA THR F 182 -14.04 -0.19 29.02
C THR F 182 -13.18 0.88 28.37
N ASP F 183 -12.30 0.47 27.46
CA ASP F 183 -11.52 1.43 26.65
C ASP F 183 -12.13 1.48 25.27
N ALA F 184 -12.75 2.63 24.99
CA ALA F 184 -13.38 2.86 23.71
C ALA F 184 -12.29 2.82 22.60
N PRO F 185 -12.62 2.21 21.45
CA PRO F 185 -11.69 2.15 20.29
C PRO F 185 -11.29 3.51 19.78
N LYS F 186 -10.01 3.68 19.45
CA LYS F 186 -9.60 4.86 18.68
C LYS F 186 -9.62 4.42 17.25
N THR F 187 -10.27 5.23 16.42
CA THR F 187 -10.66 4.85 15.06
C THR F 187 -10.04 5.79 14.04
N HIS F 188 -9.65 5.22 12.88
CA HIS F 188 -9.31 6.04 11.70
C HIS F 188 -9.50 5.25 10.42
N MET F 189 -9.41 5.96 9.32
CA MET F 189 -9.59 5.35 8.02
C MET F 189 -8.39 5.56 7.13
N THR F 190 -8.18 4.56 6.32
CA THR F 190 -7.09 4.47 5.42
C THR F 190 -7.63 4.30 4.00
N HIS F 191 -6.87 4.80 3.03
CA HIS F 191 -7.23 4.70 1.63
C HIS F 191 -6.01 4.31 0.76
N HIS F 192 -6.21 3.37 -0.17
CA HIS F 192 -5.17 3.04 -1.18
C HIS F 192 -5.77 2.65 -2.52
N ALA F 193 -5.23 3.20 -3.61
CA ALA F 193 -5.67 2.77 -4.95
C ALA F 193 -5.29 1.32 -5.08
N VAL F 194 -6.15 0.54 -5.71
CA VAL F 194 -5.92 -0.90 -5.79
C VAL F 194 -5.93 -1.43 -7.24
N SER F 195 -6.32 -0.58 -8.19
CA SER F 195 -6.44 -0.99 -9.58
C SER F 195 -6.71 0.25 -10.44
N ASP F 196 -6.91 0.05 -11.75
CA ASP F 196 -7.35 1.14 -12.64
C ASP F 196 -8.62 1.74 -12.08
N HIS F 197 -9.54 0.86 -11.69
CA HIS F 197 -10.93 1.24 -11.40
C HIS F 197 -11.24 1.24 -9.90
N GLU F 198 -10.28 0.85 -9.06
CA GLU F 198 -10.58 0.50 -7.67
C GLU F 198 -9.63 1.04 -6.59
N ALA F 199 -10.20 1.15 -5.40
CA ALA F 199 -9.50 1.56 -4.18
C ALA F 199 -10.02 0.74 -2.98
N THR F 200 -9.13 0.56 -2.01
CA THR F 200 -9.48 -0.09 -0.76
C THR F 200 -9.62 0.93 0.35
N LEU F 201 -10.75 0.86 1.06
CA LEU F 201 -10.94 1.68 2.25
C LEU F 201 -10.78 0.76 3.49
N ARG F 202 -9.95 1.16 4.43
CA ARG F 202 -9.76 0.33 5.62
C ARG F 202 -10.00 1.14 6.87
N CYS F 203 -10.92 0.61 7.66
CA CYS F 203 -11.39 1.25 8.86
C CYS F 203 -10.77 0.56 10.05
N TRP F 204 -10.13 1.31 10.91
CA TRP F 204 -9.35 0.78 12.00
C TRP F 204 -9.99 1.10 13.35
N ALA F 205 -9.92 0.11 14.24
CA ALA F 205 -10.19 0.24 15.70
C ALA F 205 -8.99 -0.22 16.53
N LEU F 206 -8.42 0.67 17.34
CA LEU F 206 -7.21 0.39 18.12
C LEU F 206 -7.44 0.66 19.63
N SER F 207 -6.65 0.01 20.48
CA SER F 207 -6.63 0.19 21.94
C SER F 207 -7.96 0.02 22.63
N PHE F 208 -8.77 -0.94 22.19
CA PHE F 208 -10.05 -1.15 22.86
C PHE F 208 -10.05 -2.37 23.76
N TYR F 209 -10.97 -2.37 24.72
CA TYR F 209 -11.18 -3.49 25.66
C TYR F 209 -12.62 -3.38 26.16
N PRO F 210 -13.42 -4.46 26.13
CA PRO F 210 -13.01 -5.83 25.84
C PRO F 210 -12.82 -6.12 24.35
N ALA F 211 -12.38 -7.34 24.02
CA ALA F 211 -12.11 -7.73 22.63
C ALA F 211 -13.32 -7.69 21.70
N GLU F 212 -14.53 -7.92 22.26
CA GLU F 212 -15.77 -7.91 21.49
C GLU F 212 -15.99 -6.52 20.85
N ILE F 213 -16.23 -6.50 19.56
CA ILE F 213 -16.40 -5.25 18.78
C ILE F 213 -17.09 -5.61 17.48
N THR F 214 -17.93 -4.74 16.95
CA THR F 214 -18.43 -5.04 15.60
C THR F 214 -18.21 -3.88 14.62
N LEU F 215 -17.67 -4.25 13.46
CA LEU F 215 -17.18 -3.35 12.45
C LEU F 215 -17.97 -3.74 11.22
N THR F 216 -18.64 -2.78 10.60
CA THR F 216 -19.45 -3.08 9.44
C THR F 216 -19.37 -1.94 8.46
N TRP F 217 -19.42 -2.27 7.20
CA TRP F 217 -19.43 -1.29 6.15
C TRP F 217 -20.81 -1.22 5.58
N GLN F 218 -21.24 0.01 5.36
CA GLN F 218 -22.47 0.25 4.65
C GLN F 218 -22.18 1.04 3.40
N ARG F 219 -23.07 0.94 2.44
CA ARG F 219 -23.00 1.74 1.22
C ARG F 219 -24.40 2.27 0.99
N ASP F 220 -24.53 3.58 0.92
CA ASP F 220 -25.84 4.24 0.86
C ASP F 220 -26.70 3.92 2.09
N GLY F 221 -26.05 3.64 3.22
CA GLY F 221 -26.75 3.22 4.42
C GLY F 221 -27.29 1.79 4.38
N GLU F 222 -26.84 1.00 3.40
CA GLU F 222 -27.28 -0.39 3.22
C GLU F 222 -26.10 -1.30 3.53
N ASP F 223 -26.31 -2.30 4.38
CA ASP F 223 -25.22 -3.19 4.79
C ASP F 223 -24.47 -3.78 3.60
N GLN F 224 -23.14 -3.88 3.74
CA GLN F 224 -22.26 -4.37 2.69
C GLN F 224 -21.41 -5.55 3.18
N THR F 225 -21.68 -6.73 2.63
CA THR F 225 -20.89 -7.92 2.88
C THR F 225 -19.96 -8.17 1.68
N GLN F 226 -20.44 -7.98 0.47
CA GLN F 226 -19.68 -8.23 -0.76
C GLN F 226 -18.39 -7.41 -0.81
N ASP F 227 -17.32 -8.01 -1.32
CA ASP F 227 -16.00 -7.35 -1.46
C ASP F 227 -15.47 -6.67 -0.18
N THR F 228 -15.95 -7.13 0.99
CA THR F 228 -15.39 -6.73 2.29
C THR F 228 -14.50 -7.81 2.89
N GLU F 229 -13.78 -7.44 3.95
CA GLU F 229 -12.84 -8.31 4.62
C GLU F 229 -12.59 -7.84 6.02
N LEU F 230 -12.66 -8.77 6.96
CA LEU F 230 -12.56 -8.48 8.37
C LEU F 230 -11.40 -9.30 8.94
N VAL F 231 -10.41 -8.63 9.51
CA VAL F 231 -9.25 -9.29 10.10
C VAL F 231 -9.58 -9.80 11.51
N GLU F 232 -8.97 -10.92 11.88
CA GLU F 232 -9.16 -11.49 13.21
C GLU F 232 -8.75 -10.41 14.23
N THR F 233 -9.54 -10.26 15.28
CA THR F 233 -9.14 -9.39 16.39
C THR F 233 -7.81 -9.86 16.99
N ARG F 234 -6.92 -8.93 17.25
CA ARG F 234 -5.54 -9.25 17.55
C ARG F 234 -5.19 -8.47 18.83
N PRO F 235 -4.34 -9.04 19.70
CA PRO F 235 -3.89 -8.35 20.90
C PRO F 235 -2.78 -7.32 20.61
N ALA F 236 -2.87 -6.17 21.25
CA ALA F 236 -1.80 -5.18 21.12
C ALA F 236 -0.55 -5.49 21.94
N GLY F 237 -0.70 -6.24 23.03
CA GLY F 237 0.41 -6.60 23.95
C GLY F 237 0.33 -5.77 25.24
N ASP F 238 -0.58 -4.81 25.21
CA ASP F 238 -0.94 -3.77 26.17
C ASP F 238 -2.04 -4.17 27.09
N GLY F 239 -2.74 -5.24 26.75
CA GLY F 239 -4.04 -5.55 27.37
C GLY F 239 -5.21 -5.03 26.53
N THR F 240 -4.93 -4.26 25.47
CA THR F 240 -5.96 -3.84 24.54
C THR F 240 -5.94 -4.64 23.23
N PHE F 241 -6.91 -4.39 22.37
CA PHE F 241 -7.04 -5.12 21.12
C PHE F 241 -7.08 -4.18 19.92
N GLN F 242 -6.96 -4.78 18.74
CA GLN F 242 -6.97 -4.07 17.49
C GLN F 242 -7.77 -4.87 16.47
N LYS F 243 -8.42 -4.17 15.54
CA LYS F 243 -9.11 -4.83 14.44
C LYS F 243 -9.27 -3.84 13.26
N TRP F 244 -9.37 -4.34 12.05
CA TRP F 244 -9.83 -3.53 10.97
C TRP F 244 -10.77 -4.30 10.04
N ALA F 245 -11.49 -3.53 9.24
CA ALA F 245 -12.41 -4.02 8.23
C ALA F 245 -12.11 -3.21 6.98
N ALA F 246 -12.06 -3.88 5.82
CA ALA F 246 -11.75 -3.22 4.56
C ALA F 246 -12.89 -3.42 3.58
N VAL F 247 -13.02 -2.53 2.63
CA VAL F 247 -13.93 -2.75 1.51
C VAL F 247 -13.25 -2.23 0.26
N VAL F 248 -13.42 -2.94 -0.85
CA VAL F 248 -12.80 -2.50 -2.11
C VAL F 248 -13.96 -1.87 -2.90
N VAL F 249 -13.74 -0.65 -3.36
CA VAL F 249 -14.79 0.17 -3.97
C VAL F 249 -14.37 0.70 -5.34
N PRO F 250 -15.35 0.89 -6.29
CA PRO F 250 -15.06 1.72 -7.48
C PRO F 250 -14.49 3.08 -7.07
N SER F 251 -13.43 3.52 -7.73
CA SER F 251 -12.62 4.61 -7.22
C SER F 251 -13.07 6.01 -7.67
N GLY F 252 -14.36 6.18 -7.87
CA GLY F 252 -14.99 7.49 -7.73
C GLY F 252 -16.07 7.58 -6.66
N GLN F 253 -16.26 6.53 -5.89
CA GLN F 253 -17.47 6.38 -5.07
C GLN F 253 -17.25 6.27 -3.56
N GLU F 254 -16.04 6.60 -3.10
CA GLU F 254 -15.65 6.49 -1.68
C GLU F 254 -16.65 7.07 -0.70
N GLN F 255 -17.31 8.15 -1.09
CA GLN F 255 -18.14 8.88 -0.17
C GLN F 255 -19.47 8.19 0.06
N ARG F 256 -19.79 7.18 -0.74
CA ARG F 256 -20.99 6.38 -0.51
C ARG F 256 -20.85 5.40 0.65
N TYR F 257 -19.60 5.12 1.03
CA TYR F 257 -19.30 4.07 2.00
C TYR F 257 -19.09 4.64 3.38
N THR F 258 -19.66 3.99 4.39
CA THR F 258 -19.42 4.41 5.77
C THR F 258 -19.07 3.20 6.60
N CYS F 259 -18.19 3.40 7.56
CA CYS F 259 -17.75 2.33 8.44
C CYS F 259 -18.45 2.55 9.77
N HIS F 260 -18.96 1.46 10.35
CA HIS F 260 -19.77 1.53 11.56
C HIS F 260 -19.18 0.65 12.62
N VAL F 261 -18.97 1.28 13.76
CA VAL F 261 -18.22 0.70 14.83
C VAL F 261 -19.13 0.64 16.06
N GLN F 262 -19.24 -0.56 16.65
CA GLN F 262 -20.02 -0.73 17.89
C GLN F 262 -19.13 -1.39 18.93
N HIS F 263 -19.07 -0.77 20.10
CA HIS F 263 -18.29 -1.28 21.22
C HIS F 263 -18.93 -0.83 22.50
N GLU F 264 -18.83 -1.69 23.51
CA GLU F 264 -19.33 -1.45 24.86
C GLU F 264 -18.92 -0.09 25.46
N GLY F 265 -17.72 0.34 25.11
CA GLY F 265 -17.20 1.67 25.47
C GLY F 265 -17.78 2.87 24.72
N LEU F 266 -18.69 2.64 23.78
CA LEU F 266 -19.23 3.72 22.98
C LEU F 266 -20.66 3.98 23.37
N PRO F 267 -20.93 5.19 23.90
CA PRO F 267 -22.31 5.56 24.24
C PRO F 267 -23.21 5.33 23.05
N LYS F 268 -22.74 5.74 21.87
CA LYS F 268 -23.41 5.54 20.59
C LYS F 268 -22.43 4.96 19.60
N PRO F 269 -22.92 4.14 18.63
CA PRO F 269 -22.04 3.60 17.58
C PRO F 269 -21.49 4.68 16.68
N LEU F 270 -20.18 4.67 16.46
CA LEU F 270 -19.53 5.63 15.59
C LEU F 270 -19.79 5.26 14.15
N THR F 271 -19.79 6.28 13.29
CA THR F 271 -19.78 6.08 11.85
C THR F 271 -18.64 6.93 11.28
N LEU F 272 -17.81 6.35 10.44
CA LEU F 272 -16.69 7.08 9.82
C LEU F 272 -16.86 7.06 8.32
N ARG F 273 -16.31 8.08 7.68
CA ARG F 273 -16.34 8.22 6.24
C ARG F 273 -15.00 8.74 5.77
N TRP F 274 -14.58 8.34 4.59
CA TRP F 274 -13.28 8.74 4.11
C TRP F 274 -13.08 10.27 4.13
N GLU F 275 -12.27 10.75 5.08
CA GLU F 275 -11.60 12.07 5.04
C GLU F 275 -12.49 13.28 5.27
N MET G 1 -3.94 -37.94 12.07
CA MET G 1 -4.25 -36.74 12.88
C MET G 1 -4.40 -35.53 11.94
N ILE G 2 -5.19 -34.56 12.37
CA ILE G 2 -5.48 -33.39 11.57
C ILE G 2 -4.51 -32.25 11.95
N GLN G 3 -4.11 -31.46 10.95
CA GLN G 3 -3.09 -30.45 11.15
C GLN G 3 -3.66 -29.18 10.53
N ARG G 4 -3.35 -28.05 11.13
CA ARG G 4 -3.94 -26.78 10.72
C ARG G 4 -2.80 -25.79 10.72
N THR G 5 -2.64 -25.07 9.63
CA THR G 5 -1.47 -24.21 9.43
C THR G 5 -1.76 -22.87 10.08
N PRO G 6 -0.73 -22.20 10.54
CA PRO G 6 -1.00 -20.97 11.28
C PRO G 6 -1.34 -19.75 10.44
N LYS G 7 -2.21 -18.90 10.98
CA LYS G 7 -2.48 -17.57 10.45
C LYS G 7 -1.49 -16.67 11.13
N ILE G 8 -1.06 -15.65 10.40
CA ILE G 8 0.05 -14.81 10.86
C ILE G 8 -0.29 -13.35 10.65
N GLN G 9 -0.27 -12.56 11.69
CA GLN G 9 -0.36 -11.12 11.53
C GLN G 9 0.86 -10.52 12.16
N VAL G 10 1.44 -9.55 11.49
CA VAL G 10 2.63 -8.82 11.96
C VAL G 10 2.30 -7.35 11.97
N TYR G 11 2.57 -6.66 13.08
CA TYR G 11 2.03 -5.32 13.29
C TYR G 11 2.68 -4.72 14.54
N SER G 12 2.61 -3.43 14.66
CA SER G 12 3.12 -2.74 15.83
C SER G 12 2.02 -2.52 16.88
N ARG G 13 2.44 -2.32 18.13
CA ARG G 13 1.53 -2.05 19.22
C ARG G 13 0.92 -0.67 19.07
N HIS G 14 1.71 0.36 18.85
CA HIS G 14 1.20 1.70 18.57
C HIS G 14 1.46 2.04 17.13
N PRO G 15 0.71 3.04 16.60
CA PRO G 15 1.08 3.65 15.33
C PRO G 15 2.58 3.93 15.21
N ALA G 16 3.16 3.43 14.14
CA ALA G 16 4.57 3.58 13.95
C ALA G 16 4.98 5.01 13.60
N GLU G 17 5.98 5.54 14.31
CA GLU G 17 6.60 6.80 13.93
C GLU G 17 8.08 6.54 13.93
N ASN G 18 8.73 6.95 12.86
CA ASN G 18 10.16 6.73 12.71
C ASN G 18 10.96 7.35 13.84
N GLY G 19 11.92 6.58 14.35
CA GLY G 19 12.71 6.96 15.53
C GLY G 19 12.07 6.86 16.90
N LYS G 20 10.83 6.40 16.99
CA LYS G 20 10.14 6.31 18.26
C LYS G 20 9.84 4.88 18.67
N SER G 21 10.09 4.66 19.95
CA SER G 21 10.06 3.35 20.56
C SER G 21 8.65 2.75 20.50
N ASN G 22 8.59 1.45 20.24
CA ASN G 22 7.32 0.77 20.01
C ASN G 22 7.53 -0.76 20.29
N PHE G 23 6.54 -1.58 19.94
CA PHE G 23 6.64 -3.03 20.07
C PHE G 23 6.23 -3.64 18.78
N LEU G 24 7.02 -4.60 18.32
CA LEU G 24 6.71 -5.36 17.11
C LEU G 24 6.10 -6.70 17.53
N ASN G 25 4.96 -7.03 16.95
CA ASN G 25 4.19 -8.20 17.32
C ASN G 25 4.09 -9.09 16.14
N CYS G 26 4.15 -10.40 16.40
CA CYS G 26 3.72 -11.40 15.41
C CYS G 26 2.75 -12.34 16.14
N TYR G 27 1.51 -12.32 15.71
CA TYR G 27 0.45 -13.10 16.33
C TYR G 27 0.20 -14.26 15.41
N VAL G 28 0.43 -15.45 15.89
CA VAL G 28 0.14 -16.69 15.17
C VAL G 28 -1.05 -17.42 15.80
N SER G 29 -1.96 -17.91 14.97
CA SER G 29 -3.18 -18.45 15.49
C SER G 29 -3.72 -19.48 14.54
N GLY G 30 -4.68 -20.29 15.04
CA GLY G 30 -5.42 -21.27 14.23
C GLY G 30 -4.61 -22.52 13.91
N PHE G 31 -3.54 -22.73 14.63
CA PHE G 31 -2.63 -23.85 14.29
C PHE G 31 -2.75 -25.08 15.16
N HIS G 32 -2.34 -26.22 14.59
CA HIS G 32 -2.31 -27.48 15.31
C HIS G 32 -1.42 -28.44 14.56
N PRO G 33 -0.48 -29.15 15.20
CA PRO G 33 -0.20 -29.12 16.61
C PRO G 33 0.54 -27.88 17.10
N SER G 34 0.84 -27.89 18.40
CA SER G 34 1.29 -26.71 19.05
C SER G 34 2.74 -26.32 18.81
N ASP G 35 3.59 -27.28 18.53
CA ASP G 35 5.00 -26.97 18.27
C ASP G 35 5.11 -26.02 17.06
N ILE G 36 5.82 -24.91 17.25
CA ILE G 36 5.93 -23.91 16.22
C ILE G 36 7.22 -23.11 16.49
N GLU G 37 7.87 -22.65 15.42
CA GLU G 37 9.01 -21.76 15.53
C GLU G 37 8.61 -20.41 14.90
N VAL G 38 8.85 -19.34 15.62
CA VAL G 38 8.47 -17.98 15.21
C VAL G 38 9.74 -17.13 15.52
N ASP G 39 10.24 -16.41 14.54
CA ASP G 39 11.31 -15.43 14.74
C ASP G 39 10.81 -14.08 14.20
N LEU G 40 11.27 -13.02 14.81
CA LEU G 40 11.12 -11.70 14.22
C LEU G 40 12.46 -11.34 13.59
N LEU G 41 12.39 -10.74 12.39
CA LEU G 41 13.55 -10.37 11.67
C LEU G 41 13.67 -8.86 11.49
N LYS G 42 14.91 -8.40 11.51
CA LYS G 42 15.27 -7.05 11.16
C LYS G 42 16.27 -7.13 10.00
N ASN G 43 15.87 -6.66 8.82
CA ASN G 43 16.66 -6.77 7.59
C ASN G 43 17.16 -8.17 7.35
N GLY G 44 16.25 -9.12 7.47
CA GLY G 44 16.57 -10.53 7.30
C GLY G 44 17.25 -11.24 8.47
N GLU G 45 17.68 -10.52 9.52
CA GLU G 45 18.43 -11.14 10.64
C GLU G 45 17.56 -11.33 11.90
N ARG G 46 17.70 -12.46 12.57
CA ARG G 46 16.86 -12.74 13.74
C ARG G 46 17.09 -11.69 14.80
N ILE G 47 16.01 -11.21 15.41
CA ILE G 47 16.09 -10.39 16.60
C ILE G 47 16.19 -11.35 17.77
N GLU G 48 17.13 -11.06 18.66
CA GLU G 48 17.48 -11.97 19.72
C GLU G 48 16.62 -12.07 20.94
N LYS G 49 16.02 -11.05 21.52
CA LYS G 49 15.42 -11.54 22.81
C LYS G 49 13.91 -11.44 22.85
N VAL G 50 13.31 -12.02 21.85
CA VAL G 50 11.91 -11.96 21.60
C VAL G 50 11.14 -12.81 22.63
N GLU G 51 10.06 -12.24 23.18
CA GLU G 51 9.26 -12.89 24.20
C GLU G 51 7.97 -13.36 23.56
N HIS G 52 7.30 -14.28 24.21
CA HIS G 52 6.02 -14.73 23.76
C HIS G 52 5.05 -14.96 24.92
N SER G 53 3.76 -14.94 24.61
CA SER G 53 2.69 -15.24 25.58
C SER G 53 2.67 -16.77 25.87
N ASP G 54 1.85 -17.17 26.83
CA ASP G 54 1.76 -18.53 27.25
C ASP G 54 0.80 -19.22 26.31
N LEU G 55 1.15 -20.42 25.86
CA LEU G 55 0.26 -21.19 24.92
C LEU G 55 -1.18 -21.32 25.39
N SER G 56 -2.11 -20.90 24.57
CA SER G 56 -3.52 -21.13 24.87
C SER G 56 -4.22 -21.54 23.61
N PHE G 57 -5.51 -21.71 23.68
CA PHE G 57 -6.24 -22.18 22.52
C PHE G 57 -7.66 -21.69 22.44
N SER G 58 -8.22 -21.82 21.23
CA SER G 58 -9.54 -21.32 20.90
C SER G 58 -10.60 -22.39 21.06
N LYS G 59 -11.82 -22.00 20.83
CA LYS G 59 -13.01 -22.83 20.92
C LYS G 59 -12.88 -24.09 20.03
N ASP G 60 -12.27 -23.95 18.87
CA ASP G 60 -12.00 -25.09 17.98
C ASP G 60 -10.75 -25.88 18.31
N TRP G 61 -10.10 -25.58 19.42
CA TRP G 61 -8.91 -26.30 19.92
C TRP G 61 -7.59 -25.84 19.32
N SER G 62 -7.66 -24.97 18.31
CA SER G 62 -6.48 -24.49 17.66
C SER G 62 -5.77 -23.51 18.56
N PHE G 63 -4.44 -23.52 18.47
CA PHE G 63 -3.58 -22.71 19.31
C PHE G 63 -3.29 -21.31 18.83
N TYR G 64 -2.90 -20.47 19.77
CA TYR G 64 -2.49 -19.15 19.45
C TYR G 64 -1.39 -18.63 20.41
N LEU G 65 -0.48 -17.83 19.87
CA LEU G 65 0.63 -17.21 20.56
C LEU G 65 0.89 -15.82 20.03
N LEU G 66 1.33 -14.95 20.93
CA LEU G 66 1.81 -13.67 20.54
C LEU G 66 3.33 -13.56 20.86
N TYR G 67 4.12 -13.34 19.82
CA TYR G 67 5.53 -13.03 19.95
C TYR G 67 5.81 -11.53 19.82
N TYR G 68 6.71 -10.98 20.62
CA TYR G 68 6.85 -9.53 20.61
C TYR G 68 8.19 -9.11 21.12
N THR G 69 8.61 -7.93 20.69
CA THR G 69 9.84 -7.32 21.13
C THR G 69 9.70 -5.82 20.99
N GLU G 70 10.46 -5.12 21.81
CA GLU G 70 10.58 -3.70 21.68
C GLU G 70 11.40 -3.44 20.39
N PHE G 71 11.04 -2.36 19.68
CA PHE G 71 11.80 -1.94 18.50
C PHE G 71 11.56 -0.44 18.22
N THR G 72 12.45 0.15 17.46
CA THR G 72 12.31 1.52 17.00
C THR G 72 12.30 1.53 15.48
N PRO G 73 11.12 1.60 14.85
CA PRO G 73 10.99 1.69 13.39
C PRO G 73 11.73 2.87 12.80
N THR G 74 12.20 2.71 11.59
CA THR G 74 12.86 3.75 10.85
C THR G 74 12.29 3.72 9.46
N GLU G 75 12.73 4.65 8.63
CA GLU G 75 12.32 4.67 7.26
C GLU G 75 12.79 3.42 6.49
N LYS G 76 14.04 3.05 6.65
CA LYS G 76 14.60 2.03 5.78
C LYS G 76 14.74 0.60 6.35
N ASP G 77 14.69 0.43 7.64
CA ASP G 77 14.73 -0.96 8.19
C ASP G 77 13.44 -1.75 7.91
N GLU G 78 13.61 -2.98 7.47
CA GLU G 78 12.50 -3.85 7.10
C GLU G 78 12.34 -4.89 8.21
N TYR G 79 11.12 -5.08 8.65
CA TYR G 79 10.81 -6.03 9.68
C TYR G 79 9.89 -7.10 9.16
N ALA G 80 10.02 -8.28 9.72
CA ALA G 80 9.25 -9.46 9.26
C ALA G 80 9.12 -10.53 10.38
N CYS G 81 8.14 -11.40 10.26
CA CYS G 81 7.97 -12.53 11.11
C CYS G 81 8.22 -13.76 10.24
N ARG G 82 8.97 -14.72 10.74
CA ARG G 82 9.17 -15.95 10.04
C ARG G 82 8.63 -17.12 10.91
N VAL G 83 7.79 -17.96 10.28
CA VAL G 83 7.10 -19.04 10.98
C VAL G 83 7.40 -20.35 10.32
N ASN G 84 7.83 -21.31 11.14
CA ASN G 84 7.85 -22.68 10.71
C ASN G 84 6.95 -23.62 11.52
N HIS G 85 6.33 -24.56 10.83
CA HIS G 85 5.37 -25.44 11.49
C HIS G 85 5.30 -26.70 10.63
N VAL G 86 4.90 -27.82 11.21
CA VAL G 86 4.89 -29.10 10.50
C VAL G 86 4.05 -29.00 9.22
N THR G 87 3.02 -28.13 9.20
CA THR G 87 2.19 -28.02 8.00
C THR G 87 2.86 -27.27 6.87
N LEU G 88 4.02 -26.69 7.11
CA LEU G 88 4.71 -25.91 6.10
C LEU G 88 5.87 -26.65 5.51
N SER G 89 5.91 -26.74 4.19
CA SER G 89 7.03 -27.40 3.57
C SER G 89 8.26 -26.49 3.64
N GLN G 90 8.06 -25.19 3.85
CA GLN G 90 9.17 -24.26 4.11
C GLN G 90 8.68 -23.08 4.97
N PRO G 91 9.57 -22.48 5.78
CA PRO G 91 9.16 -21.33 6.62
C PRO G 91 8.45 -20.21 5.85
N LYS G 92 7.37 -19.68 6.39
CA LYS G 92 6.61 -18.62 5.80
C LYS G 92 7.16 -17.31 6.36
N ILE G 93 7.50 -16.37 5.50
CA ILE G 93 7.93 -15.04 5.94
C ILE G 93 6.85 -14.02 5.67
N VAL G 94 6.42 -13.24 6.67
CA VAL G 94 5.39 -12.20 6.49
C VAL G 94 6.05 -10.88 6.88
N LYS G 95 6.15 -9.98 5.90
CA LYS G 95 6.76 -8.68 6.10
C LYS G 95 5.81 -7.79 6.92
N TRP G 96 6.36 -6.93 7.78
CA TRP G 96 5.56 -5.92 8.47
C TRP G 96 5.22 -4.86 7.43
N ASP G 97 3.94 -4.62 7.20
CA ASP G 97 3.48 -3.51 6.40
C ASP G 97 2.87 -2.55 7.37
N ARG G 98 3.54 -1.45 7.69
CA ARG G 98 2.98 -0.46 8.62
C ARG G 98 1.79 0.09 7.87
N ASP G 99 0.71 0.33 8.61
CA ASP G 99 -0.62 0.54 7.98
C ASP G 99 -1.34 -0.83 7.67
N MET G 100 -0.86 -1.92 8.31
CA MET G 100 -1.70 -3.15 8.54
C MET G 100 -1.44 -3.98 9.83
N ARG H 1 -10.04 -19.65 40.48
CA ARG H 1 -9.84 -20.84 41.35
C ARG H 1 -10.24 -22.10 40.60
N GLN H 2 -9.31 -23.05 40.52
CA GLN H 2 -9.49 -24.31 39.79
C GLN H 2 -10.37 -25.30 40.47
N PHE H 3 -10.94 -26.18 39.63
CA PHE H 3 -11.63 -27.36 40.13
C PHE H 3 -10.64 -28.21 40.84
N GLY H 4 -11.08 -28.91 41.89
CA GLY H 4 -10.19 -29.82 42.56
C GLY H 4 -10.90 -30.86 43.37
N PRO H 5 -10.16 -31.79 43.98
CA PRO H 5 -8.67 -31.70 44.04
C PRO H 5 -8.02 -32.00 42.73
N ASP H 6 -8.69 -32.86 41.94
CA ASP H 6 -8.18 -33.27 40.64
C ASP H 6 -9.25 -33.97 39.81
N PHE H 7 -8.87 -34.36 38.62
CA PHE H 7 -9.68 -35.12 37.66
C PHE H 7 -9.38 -36.62 37.64
N PRO H 8 -10.41 -37.44 37.35
CA PRO H 8 -10.09 -38.78 37.06
C PRO H 8 -9.31 -38.85 35.73
N THR H 9 -8.68 -39.98 35.49
CA THR H 9 -8.11 -40.28 34.15
C THR H 9 -9.16 -40.71 33.14
N ILE H 10 -8.87 -40.52 31.86
CA ILE H 10 -9.79 -40.95 30.81
C ILE H 10 -9.77 -42.48 30.71
N GLU I 1 -7.72 -26.59 62.17
CA GLU I 1 -7.93 -27.07 63.56
C GLU I 1 -9.38 -27.47 63.77
N VAL I 2 -9.55 -28.67 64.29
CA VAL I 2 -10.84 -29.16 64.68
C VAL I 2 -10.75 -29.50 66.12
N GLU I 3 -11.80 -29.22 66.82
CA GLU I 3 -11.86 -29.45 68.22
C GLU I 3 -12.84 -30.55 68.45
N GLN I 4 -12.48 -31.49 69.32
CA GLN I 4 -13.31 -32.67 69.63
C GLN I 4 -13.05 -33.01 71.07
N ASP I 5 -14.12 -33.25 71.82
CA ASP I 5 -13.95 -33.57 73.20
C ASP I 5 -13.51 -35.04 73.34
N PRO I 6 -12.50 -35.31 74.20
CA PRO I 6 -11.95 -36.68 74.31
C PRO I 6 -12.85 -37.70 75.02
N GLY I 7 -13.80 -37.20 75.82
CA GLY I 7 -14.61 -38.06 76.66
C GLY I 7 -13.74 -38.44 77.82
N PRO I 8 -13.77 -39.69 78.24
CA PRO I 8 -14.51 -40.75 77.58
C PRO I 8 -16.01 -40.67 77.86
N LEU I 9 -16.81 -41.18 76.93
CA LEU I 9 -18.21 -41.35 77.15
C LEU I 9 -18.52 -42.77 77.55
N SER I 10 -19.31 -42.95 78.61
CA SER I 10 -19.82 -44.24 79.03
C SER I 10 -21.35 -44.24 79.05
N VAL I 11 -21.95 -45.10 78.26
CA VAL I 11 -23.38 -45.10 78.17
C VAL I 11 -23.89 -46.49 78.30
N PRO I 12 -25.16 -46.64 78.77
CA PRO I 12 -25.69 -47.98 78.83
C PRO I 12 -26.12 -48.42 77.46
N GLU I 13 -26.04 -49.73 77.21
CA GLU I 13 -26.54 -50.32 76.00
C GLU I 13 -27.97 -49.90 75.74
N GLY I 14 -28.26 -49.53 74.49
CA GLY I 14 -29.62 -49.06 74.11
C GLY I 14 -29.77 -47.54 74.04
N ALA I 15 -28.80 -46.81 74.61
CA ALA I 15 -28.82 -45.36 74.60
C ALA I 15 -28.47 -44.74 73.30
N ILE I 16 -29.02 -43.56 73.08
CA ILE I 16 -28.62 -42.68 72.01
C ILE I 16 -27.33 -41.96 72.45
N VAL I 17 -26.31 -42.00 71.59
CA VAL I 17 -25.06 -41.21 71.75
C VAL I 17 -24.88 -40.14 70.69
N SER I 18 -24.28 -39.03 71.10
CA SER I 18 -24.07 -37.90 70.28
C SER I 18 -22.59 -37.58 70.37
N LEU I 19 -21.91 -37.49 69.21
CA LEU I 19 -20.51 -37.10 69.06
C LEU I 19 -20.48 -35.83 68.24
N ASN I 20 -19.58 -34.91 68.55
CA ASN I 20 -19.44 -33.76 67.71
C ASN I 20 -18.03 -33.16 67.56
N CYS I 21 -17.87 -32.28 66.56
CA CYS I 21 -16.65 -31.54 66.34
C CYS I 21 -16.99 -30.15 65.90
N THR I 22 -16.12 -29.24 66.25
CA THR I 22 -16.20 -27.90 65.69
C THR I 22 -14.90 -27.62 64.92
N TYR I 23 -14.96 -26.73 63.96
CA TYR I 23 -13.84 -26.36 63.14
C TYR I 23 -13.81 -24.86 62.94
N SER I 24 -12.72 -24.34 62.38
CA SER I 24 -12.61 -22.87 62.20
C SER I 24 -12.52 -22.46 60.75
N ASN I 25 -12.05 -23.35 59.89
CA ASN I 25 -11.77 -23.02 58.52
C ASN I 25 -12.95 -23.25 57.58
N SER I 26 -13.44 -22.16 57.00
CA SER I 26 -14.66 -22.19 56.22
C SER I 26 -14.38 -22.84 54.86
N ALA I 27 -13.12 -23.06 54.49
CA ALA I 27 -12.85 -23.85 53.33
C ALA I 27 -13.16 -25.33 53.48
N PHE I 28 -13.41 -25.86 54.68
CA PHE I 28 -13.74 -27.29 54.73
C PHE I 28 -15.09 -27.51 54.05
N GLN I 29 -15.20 -28.56 53.22
CA GLN I 29 -16.43 -28.83 52.46
C GLN I 29 -16.88 -30.30 52.53
N TYR I 30 -16.05 -31.22 53.00
CA TYR I 30 -16.33 -32.63 53.05
C TYR I 30 -16.00 -33.13 54.47
N PHE I 31 -16.92 -33.82 55.06
CA PHE I 31 -16.91 -34.09 56.48
C PHE I 31 -17.26 -35.57 56.67
N MET I 32 -16.43 -36.23 57.46
CA MET I 32 -16.49 -37.64 57.61
C MET I 32 -16.35 -38.08 59.04
N TRP I 33 -16.87 -39.26 59.32
CA TRP I 33 -16.65 -39.88 60.63
C TRP I 33 -16.07 -41.30 60.53
N TYR I 34 -15.12 -41.58 61.42
CA TYR I 34 -14.47 -42.86 61.53
C TYR I 34 -14.65 -43.41 62.94
N ARG I 35 -14.73 -44.74 63.02
CA ARG I 35 -14.60 -45.54 64.19
C ARG I 35 -13.19 -46.22 64.16
N GLN I 36 -12.49 -46.26 65.29
CA GLN I 36 -11.27 -47.02 65.42
C GLN I 36 -11.29 -47.87 66.69
N TYR I 37 -11.22 -49.19 66.55
CA TYR I 37 -10.99 -50.09 67.66
C TYR I 37 -9.56 -50.16 68.15
N SER I 38 -9.36 -50.44 69.44
CA SER I 38 -8.05 -50.35 70.09
C SER I 38 -7.05 -51.15 69.32
N ARG I 39 -5.99 -50.50 68.86
CA ARG I 39 -4.92 -51.09 68.11
C ARG I 39 -5.28 -51.46 66.67
N LYS I 40 -6.24 -50.79 66.05
CA LYS I 40 -6.54 -51.03 64.63
C LYS I 40 -6.62 -49.74 63.88
N GLY I 41 -6.82 -49.83 62.58
CA GLY I 41 -6.91 -48.66 61.71
C GLY I 41 -8.29 -48.06 61.73
N PRO I 42 -8.42 -46.83 61.26
CA PRO I 42 -9.70 -46.17 61.21
C PRO I 42 -10.63 -46.75 60.14
N GLU I 43 -11.92 -46.92 60.45
CA GLU I 43 -12.93 -47.43 59.51
C GLU I 43 -13.96 -46.31 59.20
N LEU I 44 -14.07 -45.92 57.95
CA LEU I 44 -15.02 -44.93 57.55
C LEU I 44 -16.44 -45.37 57.91
N LEU I 45 -17.21 -44.50 58.57
CA LEU I 45 -18.68 -44.77 58.80
C LEU I 45 -19.61 -44.04 57.81
N MET I 46 -19.50 -42.71 57.77
CA MET I 46 -20.45 -41.81 57.13
C MET I 46 -19.64 -40.68 56.58
N TYR I 47 -20.16 -40.12 55.50
CA TYR I 47 -19.52 -39.02 54.77
C TYR I 47 -20.62 -38.04 54.31
N THR I 48 -20.38 -36.72 54.46
CA THR I 48 -21.26 -35.62 54.01
C THR I 48 -20.54 -34.50 53.25
N TYR I 49 -21.08 -34.17 52.08
CA TYR I 49 -20.71 -32.99 51.34
C TYR I 49 -21.49 -31.72 51.87
N SER I 50 -20.73 -30.72 52.33
CA SER I 50 -21.24 -29.41 52.79
C SER I 50 -22.55 -29.53 53.65
N SER I 51 -23.59 -28.74 53.49
CA SER I 51 -24.65 -28.86 54.54
C SER I 51 -25.46 -30.17 54.53
N GLY I 52 -26.26 -30.30 55.59
CA GLY I 52 -27.26 -31.36 55.72
C GLY I 52 -27.02 -32.57 56.61
N ASN I 53 -28.05 -33.38 56.66
CA ASN I 53 -28.15 -34.55 57.49
C ASN I 53 -28.33 -35.78 56.58
N LYS I 54 -27.76 -36.90 57.00
CA LYS I 54 -27.88 -38.16 56.25
C LYS I 54 -27.90 -39.35 57.22
N GLU I 55 -28.83 -40.28 56.95
CA GLU I 55 -29.10 -41.48 57.77
C GLU I 55 -28.57 -42.78 57.13
N ASP I 56 -27.91 -43.65 57.91
CA ASP I 56 -27.65 -45.02 57.49
C ASP I 56 -27.73 -45.98 58.68
N GLY I 57 -28.79 -46.77 58.69
CA GLY I 57 -29.15 -47.65 59.83
C GLY I 57 -29.31 -46.86 61.12
N ARG I 58 -28.50 -47.18 62.12
CA ARG I 58 -28.52 -46.56 63.43
C ARG I 58 -27.72 -45.25 63.51
N PHE I 59 -27.10 -44.86 62.40
CA PHE I 59 -26.23 -43.67 62.33
C PHE I 59 -26.87 -42.50 61.62
N THR I 60 -26.60 -41.28 62.06
CA THR I 60 -27.00 -40.08 61.30
C THR I 60 -25.90 -39.10 61.47
N ALA I 61 -25.36 -38.62 60.34
CA ALA I 61 -24.30 -37.62 60.37
C ALA I 61 -24.92 -36.33 59.98
N GLN I 62 -24.43 -35.23 60.53
CA GLN I 62 -25.00 -33.91 60.26
C GLN I 62 -23.91 -32.88 60.22
N VAL I 63 -24.12 -31.92 59.36
CA VAL I 63 -23.20 -30.81 59.23
C VAL I 63 -23.95 -29.47 59.20
N ASP I 64 -23.40 -28.51 59.93
CA ASP I 64 -23.93 -27.13 59.95
C ASP I 64 -22.73 -26.27 59.62
N LYS I 65 -22.65 -25.87 58.35
CA LYS I 65 -21.52 -25.06 57.93
C LYS I 65 -21.60 -23.60 58.50
N SER I 66 -22.77 -23.10 58.89
CA SER I 66 -22.86 -21.77 59.55
C SER I 66 -22.22 -21.75 60.93
N SER I 67 -22.59 -22.74 61.74
CA SER I 67 -22.05 -22.88 63.07
C SER I 67 -20.69 -23.56 63.05
N LYS I 68 -20.33 -24.15 61.90
CA LYS I 68 -19.15 -24.96 61.81
C LYS I 68 -19.10 -26.00 62.86
N TYR I 69 -20.09 -26.86 62.86
CA TYR I 69 -20.29 -27.79 63.91
C TYR I 69 -20.81 -29.02 63.22
N ILE I 70 -20.21 -30.18 63.47
CA ILE I 70 -20.67 -31.41 62.81
C ILE I 70 -20.96 -32.49 63.85
N SER I 71 -21.88 -33.40 63.57
CA SER I 71 -22.24 -34.37 64.59
C SER I 71 -22.61 -35.72 63.99
N LEU I 72 -22.46 -36.75 64.81
CA LEU I 72 -22.85 -38.06 64.53
C LEU I 72 -23.72 -38.57 65.71
N PHE I 73 -24.88 -39.14 65.39
CA PHE I 73 -25.74 -39.74 66.34
C PHE I 73 -25.76 -41.23 66.08
N ILE I 74 -25.73 -42.00 67.17
CA ILE I 74 -25.90 -43.43 67.13
C ILE I 74 -27.08 -43.85 67.93
N ARG I 75 -28.12 -44.35 67.27
CA ARG I 75 -29.24 -44.89 67.94
C ARG I 75 -28.92 -46.22 68.51
N ASP I 76 -29.62 -46.52 69.58
CA ASP I 76 -29.70 -47.91 70.10
C ASP I 76 -28.31 -48.54 70.21
N SER I 77 -27.45 -47.88 70.97
CA SER I 77 -26.08 -48.20 71.00
C SER I 77 -25.85 -49.61 71.47
N GLN I 78 -24.79 -50.19 70.94
CA GLN I 78 -24.42 -51.58 71.30
C GLN I 78 -23.00 -51.68 71.83
N PRO I 79 -22.74 -52.72 72.62
CA PRO I 79 -21.37 -53.03 73.10
C PRO I 79 -20.33 -53.01 72.01
N SER I 80 -20.70 -53.47 70.85
CA SER I 80 -19.74 -53.49 69.75
C SER I 80 -19.48 -52.11 69.13
N ASP I 81 -20.18 -51.07 69.59
CA ASP I 81 -19.91 -49.71 69.16
C ASP I 81 -18.82 -49.07 69.96
N SER I 82 -18.35 -49.76 71.00
CA SER I 82 -17.33 -49.25 71.88
C SER I 82 -16.04 -49.10 71.04
N ALA I 83 -15.50 -47.89 70.94
CA ALA I 83 -14.39 -47.55 70.04
C ALA I 83 -14.09 -46.09 70.24
N THR I 84 -13.08 -45.59 69.54
CA THR I 84 -12.84 -44.17 69.41
C THR I 84 -13.42 -43.68 68.10
N TYR I 85 -14.08 -42.54 68.13
CA TYR I 85 -14.74 -41.97 67.01
C TYR I 85 -13.93 -40.70 66.63
N LEU I 86 -13.55 -40.59 65.37
CA LEU I 86 -12.76 -39.44 64.86
C LEU I 86 -13.53 -38.73 63.76
N CYS I 87 -13.58 -37.42 63.80
CA CYS I 87 -14.18 -36.73 62.69
C CYS I 87 -12.93 -36.35 61.83
N ALA I 88 -13.16 -36.14 60.55
CA ALA I 88 -12.10 -35.68 59.64
C ALA I 88 -12.72 -34.83 58.58
N MET I 89 -11.97 -33.87 58.08
CA MET I 89 -12.49 -33.02 57.06
C MET I 89 -11.44 -32.52 56.08
N ARG I 90 -11.91 -32.02 54.94
CA ARG I 90 -11.02 -31.39 53.93
C ARG I 90 -11.80 -30.44 53.05
N GLY I 91 -11.01 -29.70 52.24
CA GLY I 91 -11.49 -28.86 51.19
C GLY I 91 -11.43 -29.54 49.91
N ASP I 92 -11.34 -28.73 48.84
CA ASP I 92 -11.18 -29.29 47.53
C ASP I 92 -9.88 -28.97 46.86
N SER I 93 -8.89 -28.50 47.60
CA SER I 93 -7.58 -28.29 47.03
C SER I 93 -6.67 -29.49 47.18
N SER I 94 -7.03 -30.44 48.05
CA SER I 94 -6.13 -31.59 48.39
C SER I 94 -6.94 -32.73 48.91
N TYR I 95 -6.44 -33.98 48.77
CA TYR I 95 -7.00 -35.13 49.58
C TYR I 95 -6.59 -35.23 51.06
N LYS I 96 -5.77 -34.28 51.55
CA LYS I 96 -5.33 -34.24 52.89
C LYS I 96 -6.49 -33.98 53.81
N LEU I 97 -6.71 -34.88 54.74
CA LEU I 97 -7.67 -34.77 55.80
C LEU I 97 -7.02 -34.18 57.04
N ILE I 98 -7.81 -33.43 57.76
CA ILE I 98 -7.57 -32.97 59.06
C ILE I 98 -8.52 -33.66 60.02
N PHE I 99 -7.95 -34.31 61.02
CA PHE I 99 -8.73 -35.09 61.99
C PHE I 99 -8.90 -34.40 63.32
N GLY I 100 -10.06 -34.61 63.93
CA GLY I 100 -10.18 -34.27 65.34
C GLY I 100 -9.44 -35.32 66.17
N SER I 101 -9.16 -34.96 67.40
CA SER I 101 -8.43 -35.79 68.35
C SER I 101 -9.10 -37.04 68.85
N GLY I 102 -10.38 -37.18 68.55
CA GLY I 102 -11.10 -38.40 68.84
C GLY I 102 -11.87 -38.37 70.17
N THR I 103 -13.04 -39.01 70.19
CA THR I 103 -13.83 -39.24 71.40
C THR I 103 -13.91 -40.74 71.70
N ARG I 104 -13.48 -41.22 72.87
CA ARG I 104 -13.71 -42.67 73.22
C ARG I 104 -15.11 -42.92 73.74
N LEU I 105 -15.78 -43.92 73.18
CA LEU I 105 -17.08 -44.33 73.60
C LEU I 105 -17.00 -45.76 74.15
N LEU I 106 -17.59 -45.94 75.34
CA LEU I 106 -17.83 -47.20 75.93
C LEU I 106 -19.33 -47.39 76.07
N VAL I 107 -19.83 -48.40 75.38
CA VAL I 107 -21.17 -48.84 75.56
C VAL I 107 -21.22 -50.04 76.53
N ARG I 108 -21.78 -49.81 77.70
CA ARG I 108 -21.86 -50.83 78.76
C ARG I 108 -22.91 -51.91 78.51
N PRO I 109 -22.53 -53.18 78.58
CA PRO I 109 -23.43 -54.29 78.30
C PRO I 109 -24.55 -54.37 79.32
N ASP I 110 -25.73 -54.77 78.85
CA ASP I 110 -26.89 -54.97 79.72
C ASP I 110 -26.74 -56.39 80.30
N ILE I 111 -26.41 -56.54 81.59
CA ILE I 111 -26.19 -57.87 82.12
C ILE I 111 -27.44 -58.32 82.89
N GLN I 112 -28.15 -59.31 82.36
CA GLN I 112 -29.49 -59.64 82.89
C GLN I 112 -29.53 -60.44 84.19
N ASN I 113 -28.45 -61.13 84.57
CA ASN I 113 -28.49 -61.90 85.82
C ASN I 113 -27.24 -61.77 86.64
N PRO I 114 -27.05 -60.59 87.26
CA PRO I 114 -25.81 -60.34 87.98
C PRO I 114 -25.64 -61.22 89.21
N ASP I 115 -24.38 -61.43 89.62
CA ASP I 115 -24.06 -62.23 90.80
C ASP I 115 -22.68 -61.79 91.36
N PRO I 116 -22.58 -60.48 91.75
CA PRO I 116 -21.30 -59.83 92.15
C PRO I 116 -20.54 -60.54 93.27
N ALA I 117 -19.28 -60.86 92.96
CA ALA I 117 -18.46 -61.74 93.79
C ALA I 117 -16.97 -61.36 93.65
N VAL I 118 -16.21 -61.56 94.72
CA VAL I 118 -14.76 -61.23 94.78
C VAL I 118 -13.98 -62.45 95.24
N TYR I 119 -13.03 -62.88 94.43
CA TYR I 119 -12.36 -64.14 94.64
C TYR I 119 -10.83 -64.04 94.64
N GLN I 120 -10.22 -64.87 95.47
CA GLN I 120 -8.78 -65.07 95.49
C GLN I 120 -8.40 -66.18 94.52
N LEU I 121 -7.36 -65.89 93.74
CA LEU I 121 -6.83 -66.76 92.69
C LEU I 121 -5.36 -67.09 93.00
N ARG I 122 -5.10 -68.37 93.16
CA ARG I 122 -3.81 -68.81 93.64
C ARG I 122 -2.85 -69.00 92.45
N ASP I 123 -1.61 -68.50 92.56
CA ASP I 123 -0.55 -68.70 91.54
C ASP I 123 -0.46 -70.18 91.17
N SER I 124 -0.42 -70.47 89.87
CA SER I 124 -0.33 -71.84 89.35
C SER I 124 1.01 -72.49 89.76
N LYS I 125 2.09 -71.70 89.71
CA LYS I 125 3.39 -72.06 90.29
C LYS I 125 3.46 -71.91 91.84
N SER I 126 2.77 -72.81 92.55
CA SER I 126 2.59 -72.77 94.02
C SER I 126 2.21 -71.34 94.50
N SER I 127 2.93 -70.74 95.45
CA SER I 127 2.69 -69.33 95.83
C SER I 127 3.91 -68.42 95.89
N ASP I 128 4.31 -67.99 94.70
CA ASP I 128 4.88 -66.66 94.46
C ASP I 128 3.88 -65.54 94.83
N LYS I 129 2.56 -65.78 94.68
CA LYS I 129 1.56 -64.72 94.78
C LYS I 129 0.07 -65.12 94.58
N SER I 130 -0.83 -64.17 94.80
CA SER I 130 -2.24 -64.26 94.37
C SER I 130 -2.79 -62.92 93.84
N VAL I 131 -3.94 -62.99 93.19
CA VAL I 131 -4.72 -61.80 92.81
C VAL I 131 -6.17 -61.92 93.33
N CYS I 132 -6.88 -60.79 93.33
CA CYS I 132 -8.33 -60.76 93.58
C CYS I 132 -9.13 -60.46 92.30
N LEU I 133 -10.04 -61.39 91.94
CA LEU I 133 -11.01 -61.19 90.85
C LEU I 133 -12.36 -60.66 91.38
N PHE I 134 -12.73 -59.44 91.00
CA PHE I 134 -14.07 -58.93 91.24
C PHE I 134 -14.86 -59.21 89.98
N THR I 135 -15.84 -60.10 90.02
CA THR I 135 -16.53 -60.56 88.80
C THR I 135 -18.07 -60.68 88.95
N ASP I 136 -18.74 -60.84 87.80
CA ASP I 136 -20.19 -61.10 87.65
C ASP I 136 -21.10 -59.97 88.13
N PHE I 137 -20.54 -58.77 88.23
CA PHE I 137 -21.24 -57.58 88.68
C PHE I 137 -21.85 -56.86 87.52
N ASP I 138 -22.67 -55.88 87.89
CA ASP I 138 -23.51 -55.14 86.97
C ASP I 138 -22.84 -54.03 86.23
N SER I 139 -23.31 -53.70 85.02
CA SER I 139 -22.71 -52.56 84.34
C SER I 139 -23.24 -51.21 84.84
N GLN I 140 -23.86 -51.19 86.02
CA GLN I 140 -23.99 -49.95 86.76
C GLN I 140 -22.74 -49.71 87.61
N THR I 141 -22.03 -50.77 87.99
CA THR I 141 -20.79 -50.58 88.75
C THR I 141 -19.66 -50.02 87.87
N ASN I 142 -18.99 -48.97 88.35
CA ASN I 142 -17.79 -48.41 87.73
C ASN I 142 -16.62 -48.70 88.69
N VAL I 143 -15.38 -48.73 88.19
CA VAL I 143 -14.22 -49.19 89.00
C VAL I 143 -13.05 -48.20 89.06
N SER I 144 -12.49 -48.05 90.27
CA SER I 144 -11.58 -46.97 90.55
C SER I 144 -10.18 -47.49 90.76
N GLN I 145 -9.20 -46.60 90.63
CA GLN I 145 -7.81 -46.90 90.98
C GLN I 145 -7.72 -47.23 92.47
N SER I 146 -6.59 -47.76 92.92
CA SER I 146 -6.26 -47.73 94.38
C SER I 146 -5.60 -46.36 94.62
N LYS I 147 -5.55 -45.90 95.86
CA LYS I 147 -4.88 -44.63 96.17
C LYS I 147 -3.36 -44.78 96.33
N ASP I 148 -2.89 -46.01 96.54
CA ASP I 148 -1.47 -46.22 96.90
C ASP I 148 -0.60 -46.80 95.76
N SER I 149 0.71 -46.57 95.89
CA SER I 149 1.70 -46.84 94.84
C SER I 149 1.91 -48.34 94.53
N ASP I 150 1.91 -49.16 95.57
CA ASP I 150 2.05 -50.58 95.42
C ASP I 150 0.71 -51.28 95.58
N VAL I 151 -0.29 -50.86 94.84
CA VAL I 151 -1.52 -51.67 94.69
C VAL I 151 -2.04 -51.51 93.26
N TYR I 152 -2.30 -52.62 92.57
CA TYR I 152 -2.58 -52.61 91.14
C TYR I 152 -3.97 -53.09 90.76
N ILE I 153 -4.72 -52.22 90.07
CA ILE I 153 -6.12 -52.51 89.73
C ILE I 153 -6.38 -52.25 88.25
N THR I 154 -6.83 -53.27 87.51
CA THR I 154 -7.22 -53.11 86.10
C THR I 154 -8.69 -52.79 85.97
N ASP I 155 -9.03 -52.04 84.93
CA ASP I 155 -10.40 -51.67 84.75
C ASP I 155 -11.22 -52.92 84.39
N LYS I 156 -12.55 -52.80 84.50
CA LYS I 156 -13.44 -53.88 84.11
C LYS I 156 -13.32 -54.19 82.62
N CYS I 157 -13.57 -55.42 82.26
CA CYS I 157 -13.59 -55.86 80.88
C CYS I 157 -14.70 -56.93 80.78
N VAL I 158 -15.27 -57.09 79.59
CA VAL I 158 -16.42 -57.96 79.38
C VAL I 158 -16.12 -59.13 78.46
N LEU I 159 -16.43 -60.33 78.92
CA LEU I 159 -16.29 -61.51 78.08
C LEU I 159 -17.64 -62.12 77.58
N ASP I 160 -17.58 -62.71 76.40
CA ASP I 160 -18.74 -63.21 75.64
C ASP I 160 -18.64 -64.73 75.40
N MET I 161 -19.07 -65.54 76.37
CA MET I 161 -19.09 -67.02 76.17
C MET I 161 -20.20 -67.34 75.18
N ARG I 162 -19.93 -67.14 73.90
CA ARG I 162 -20.99 -67.16 72.88
C ARG I 162 -21.72 -68.51 72.74
N SER I 163 -21.04 -69.60 73.09
CA SER I 163 -21.65 -70.95 73.14
C SER I 163 -22.97 -71.01 73.92
N MET I 164 -22.98 -70.40 75.11
CA MET I 164 -24.16 -70.25 75.96
C MET I 164 -24.41 -68.74 76.09
N ASP I 165 -25.30 -68.17 75.27
CA ASP I 165 -25.47 -66.69 75.24
C ASP I 165 -25.34 -66.11 76.66
N PHE I 166 -24.10 -65.79 77.02
CA PHE I 166 -23.77 -65.39 78.38
C PHE I 166 -22.60 -64.45 78.39
N LYS I 167 -22.71 -63.40 79.18
CA LYS I 167 -21.68 -62.40 79.30
C LYS I 167 -21.45 -62.05 80.76
N SER I 168 -20.24 -61.61 81.06
CA SER I 168 -19.88 -61.22 82.39
C SER I 168 -18.78 -60.21 82.34
N ASN I 169 -18.82 -59.31 83.31
CA ASN I 169 -17.76 -58.40 83.67
C ASN I 169 -16.76 -58.91 84.73
N SER I 170 -15.53 -58.40 84.63
CA SER I 170 -14.42 -58.73 85.53
C SER I 170 -13.50 -57.54 85.73
N ALA I 171 -12.93 -57.44 86.93
CA ALA I 171 -11.74 -56.61 87.18
C ALA I 171 -10.78 -57.35 88.13
N VAL I 172 -9.50 -56.98 88.06
CA VAL I 172 -8.42 -57.68 88.75
C VAL I 172 -7.56 -56.71 89.57
N ALA I 173 -7.12 -57.16 90.74
CA ALA I 173 -6.21 -56.37 91.56
C ALA I 173 -5.10 -57.26 92.13
N TRP I 174 -3.90 -56.70 92.25
CA TRP I 174 -2.79 -57.38 92.93
C TRP I 174 -1.81 -56.35 93.51
N SER I 175 -0.99 -56.86 94.40
CA SER I 175 -0.11 -56.05 95.21
C SER I 175 0.89 -57.00 95.89
N ASN I 176 2.12 -56.55 96.14
CA ASN I 176 3.13 -57.41 96.79
C ASN I 176 3.24 -57.14 98.31
N LYS I 177 2.30 -56.36 98.83
CA LYS I 177 2.30 -55.98 100.24
C LYS I 177 1.75 -57.10 101.11
N SER I 178 2.36 -57.22 102.29
CA SER I 178 1.96 -58.16 103.32
C SER I 178 0.51 -57.90 103.78
N ASP I 179 0.21 -56.64 104.06
CA ASP I 179 -1.12 -56.26 104.52
C ASP I 179 -2.23 -56.33 103.44
N PHE I 180 -1.87 -56.69 102.21
CA PHE I 180 -2.88 -56.72 101.14
C PHE I 180 -3.76 -57.97 101.20
N ALA I 181 -5.08 -57.73 101.10
CA ALA I 181 -6.10 -58.77 101.16
C ALA I 181 -7.28 -58.41 100.25
N CYS I 182 -8.00 -59.43 99.77
CA CYS I 182 -9.17 -59.21 98.93
C CYS I 182 -10.22 -58.37 99.58
N ALA I 183 -10.57 -58.76 100.79
CA ALA I 183 -11.60 -58.05 101.55
C ALA I 183 -11.56 -56.54 101.42
N ASN I 184 -10.38 -55.92 101.29
CA ASN I 184 -10.27 -54.46 101.03
C ASN I 184 -9.47 -53.98 99.79
N ALA I 185 -9.20 -54.90 98.87
CA ALA I 185 -8.52 -54.53 97.60
C ALA I 185 -9.27 -53.45 96.81
N PHE I 186 -10.59 -53.41 96.98
CA PHE I 186 -11.48 -52.52 96.23
C PHE I 186 -12.06 -51.35 97.03
N ASN I 187 -11.46 -51.05 98.18
CA ASN I 187 -11.92 -49.98 99.11
C ASN I 187 -12.07 -48.57 98.52
N ASN I 188 -11.39 -48.30 97.41
CA ASN I 188 -11.44 -46.99 96.78
C ASN I 188 -12.60 -46.88 95.82
N SER I 189 -13.27 -48.00 95.55
CA SER I 189 -14.47 -48.04 94.69
C SER I 189 -15.83 -47.97 95.47
N ILE I 190 -16.87 -47.65 94.70
CA ILE I 190 -18.28 -47.89 95.08
C ILE I 190 -18.75 -49.28 94.55
N ILE I 191 -18.58 -50.36 95.31
CA ILE I 191 -19.08 -51.72 94.87
C ILE I 191 -20.48 -52.09 95.43
N PRO I 192 -21.15 -53.14 94.88
CA PRO I 192 -22.51 -53.52 95.38
C PRO I 192 -22.66 -54.22 96.77
N GLU I 193 -23.87 -54.24 97.32
CA GLU I 193 -24.06 -54.72 98.70
C GLU I 193 -23.91 -56.23 98.85
N ASP I 194 -24.36 -57.01 97.86
CA ASP I 194 -24.31 -58.46 97.94
C ASP I 194 -23.10 -58.96 97.18
N THR I 195 -22.00 -58.20 97.28
CA THR I 195 -20.70 -58.68 96.84
C THR I 195 -20.33 -59.82 97.81
N PHE I 196 -20.19 -61.04 97.28
CA PHE I 196 -19.82 -62.20 98.05
C PHE I 196 -18.33 -62.19 98.31
N PHE I 197 -17.96 -62.21 99.58
CA PHE I 197 -16.60 -62.48 100.04
C PHE I 197 -16.57 -63.88 100.67
N PRO I 198 -16.51 -64.93 99.83
CA PRO I 198 -16.54 -66.31 100.34
C PRO I 198 -15.25 -66.68 101.09
N SER I 199 -15.01 -67.96 101.32
CA SER I 199 -13.74 -68.41 101.90
C SER I 199 -13.54 -69.92 101.69
N GLY J 4 -5.24 -56.42 50.41
CA GLY J 4 -5.16 -55.06 50.96
C GLY J 4 -3.77 -54.49 50.88
N VAL J 5 -3.60 -53.42 51.60
CA VAL J 5 -2.38 -52.66 51.66
C VAL J 5 -1.48 -53.42 52.55
N ILE J 6 -0.18 -53.62 52.14
CA ILE J 6 0.74 -54.38 52.97
C ILE J 6 1.80 -53.41 53.51
N GLN J 7 1.94 -53.35 54.82
CA GLN J 7 2.95 -52.51 55.40
C GLN J 7 3.97 -53.33 56.10
N SER J 8 5.20 -52.80 56.21
CA SER J 8 6.20 -53.50 57.03
C SER J 8 7.24 -52.48 57.56
N PRO J 9 7.86 -52.79 58.70
CA PRO J 9 7.54 -53.94 59.53
C PRO J 9 6.22 -53.68 60.32
N ARG J 10 5.65 -54.68 60.93
CA ARG J 10 4.47 -54.50 61.73
C ARG J 10 4.83 -53.79 63.03
N HIS J 11 5.97 -54.17 63.62
CA HIS J 11 6.48 -53.59 64.81
C HIS J 11 7.94 -53.25 64.67
N GLU J 12 8.33 -52.15 65.27
CA GLU J 12 9.71 -51.81 65.38
C GLU J 12 10.02 -51.13 66.70
N VAL J 13 10.93 -51.72 67.46
CA VAL J 13 11.47 -51.14 68.68
C VAL J 13 12.97 -50.91 68.43
N THR J 14 13.44 -49.67 68.54
CA THR J 14 14.76 -49.29 68.10
C THR J 14 15.31 -48.13 68.95
N GLU J 15 16.63 -48.00 68.96
CA GLU J 15 17.29 -46.96 69.71
C GLU J 15 17.33 -45.66 68.92
N MET J 16 17.17 -44.53 69.60
CA MET J 16 17.29 -43.24 68.92
C MET J 16 18.69 -43.10 68.26
N GLY J 17 18.74 -42.35 67.17
CA GLY J 17 19.98 -42.10 66.47
C GLY J 17 20.09 -42.92 65.20
N GLN J 18 19.27 -43.95 65.04
CA GLN J 18 19.33 -44.83 63.88
C GLN J 18 18.39 -44.39 62.80
N GLN J 19 18.49 -45.05 61.67
CA GLN J 19 17.61 -44.79 60.56
C GLN J 19 16.46 -45.76 60.67
N VAL J 20 15.26 -45.29 60.53
CA VAL J 20 14.17 -46.24 60.36
C VAL J 20 13.52 -46.13 59.01
N THR J 21 13.21 -47.28 58.46
CA THR J 21 12.55 -47.37 57.17
C THR J 21 11.22 -48.03 57.27
N LEU J 22 10.17 -47.32 56.89
CA LEU J 22 8.86 -47.90 56.86
C LEU J 22 8.54 -48.14 55.42
N ARG J 23 7.85 -49.25 55.16
CA ARG J 23 7.52 -49.62 53.79
C ARG J 23 6.05 -49.91 53.59
N CYS J 24 5.56 -49.65 52.39
CA CYS J 24 4.19 -49.84 51.97
C CYS J 24 4.05 -50.26 50.55
N LYS J 25 3.29 -51.33 50.36
CA LYS J 25 2.81 -51.73 49.06
C LYS J 25 1.30 -51.46 48.97
N PRO J 26 0.86 -50.55 48.09
CA PRO J 26 -0.50 -50.23 47.91
C PRO J 26 -1.23 -51.36 47.23
N ILE J 27 -2.56 -51.31 47.26
CA ILE J 27 -3.34 -52.35 46.53
C ILE J 27 -3.03 -52.23 45.03
N SER J 28 -2.86 -53.35 44.38
CA SER J 28 -2.63 -53.40 42.96
C SER J 28 -3.63 -52.59 42.16
N GLY J 29 -3.17 -51.66 41.33
CA GLY J 29 -4.05 -50.84 40.55
C GLY J 29 -4.38 -49.48 41.16
N HIS J 30 -4.11 -49.28 42.44
CA HIS J 30 -4.39 -48.01 43.07
C HIS J 30 -3.31 -47.07 42.76
N ASP J 31 -3.68 -45.82 42.51
CA ASP J 31 -2.74 -44.83 42.06
C ASP J 31 -2.61 -43.67 43.02
N TYR J 32 -3.26 -43.73 44.17
CA TYR J 32 -2.90 -42.83 45.24
C TYR J 32 -2.39 -43.59 46.45
N LEU J 33 -1.46 -42.98 47.17
CA LEU J 33 -0.88 -43.55 48.35
C LEU J 33 -0.61 -42.45 49.37
N PHE J 34 -1.06 -42.72 50.62
CA PHE J 34 -1.08 -41.84 51.72
C PHE J 34 -0.27 -42.37 52.89
N TRP J 35 0.48 -41.51 53.57
CA TRP J 35 1.13 -41.85 54.82
C TRP J 35 0.58 -41.00 55.93
N TYR J 36 0.17 -41.66 57.01
CA TYR J 36 -0.37 -41.02 58.19
C TYR J 36 0.39 -41.41 59.40
N ARG J 37 0.43 -40.54 60.42
CA ARG J 37 0.75 -41.08 61.69
C ARG J 37 -0.21 -40.74 62.79
N GLN J 38 -0.21 -41.57 63.82
CA GLN J 38 -1.09 -41.40 64.97
C GLN J 38 -0.32 -41.55 66.27
N THR J 39 -0.41 -40.52 67.11
CA THR J 39 0.21 -40.48 68.44
C THR J 39 -0.83 -40.07 69.45
N MET J 40 -0.45 -40.10 70.72
CA MET J 40 -1.37 -39.62 71.79
C MET J 40 -1.42 -38.10 71.83
N MET J 41 -0.25 -37.46 71.78
CA MET J 41 -0.20 -35.98 71.79
C MET J 41 -0.96 -35.31 70.62
N ARG J 42 -0.64 -35.64 69.36
CA ARG J 42 -1.19 -34.86 68.21
C ARG J 42 -2.35 -35.56 67.44
N GLY J 43 -2.79 -36.71 67.90
CA GLY J 43 -3.73 -37.46 67.13
C GLY J 43 -3.24 -38.08 65.77
N LEU J 44 -4.21 -38.30 64.87
CA LEU J 44 -4.15 -38.80 63.57
C LEU J 44 -3.88 -37.67 62.44
N GLU J 45 -2.84 -37.81 61.66
CA GLU J 45 -2.33 -36.74 60.83
C GLU J 45 -1.72 -37.24 59.57
N LEU J 46 -2.03 -36.58 58.47
CA LEU J 46 -1.44 -36.93 57.19
C LEU J 46 0.00 -36.33 57.11
N LEU J 47 0.94 -37.16 56.75
CA LEU J 47 2.31 -36.80 56.46
C LEU J 47 2.49 -36.38 55.00
N ILE J 48 2.10 -37.27 54.06
CA ILE J 48 2.26 -36.96 52.61
C ILE J 48 1.29 -37.83 51.87
N TYR J 49 0.86 -37.40 50.69
CA TYR J 49 0.27 -38.35 49.73
C TYR J 49 0.84 -38.16 48.33
N PHE J 50 0.79 -39.24 47.55
CA PHE J 50 1.41 -39.35 46.24
C PHE J 50 0.25 -39.64 45.33
N ASN J 51 0.33 -39.15 44.09
CA ASN J 51 -0.55 -39.62 43.01
C ASN J 51 0.35 -40.00 41.80
N ASN J 52 0.15 -41.17 41.21
CA ASN J 52 1.02 -41.62 40.08
C ASN J 52 2.45 -41.54 40.40
N ASN J 53 2.78 -41.83 41.67
CA ASN J 53 4.09 -41.81 42.22
C ASN J 53 4.68 -40.41 42.54
N VAL J 54 3.96 -39.31 42.28
CA VAL J 54 4.54 -38.03 42.60
C VAL J 54 3.91 -37.43 43.85
N PRO J 55 4.74 -36.84 44.71
CA PRO J 55 4.23 -36.21 45.92
C PRO J 55 3.34 -35.03 45.61
N ILE J 56 2.13 -34.98 46.18
CA ILE J 56 1.18 -33.93 45.82
C ILE J 56 1.10 -32.95 46.99
N ASP J 57 0.90 -33.49 48.19
CA ASP J 57 0.80 -32.67 49.35
C ASP J 57 1.69 -33.21 50.42
N ASP J 58 2.68 -32.42 50.81
CA ASP J 58 3.60 -32.85 51.84
C ASP J 58 3.68 -31.85 53.01
N SER J 59 2.64 -31.01 53.16
CA SER J 59 2.58 -29.94 54.16
C SER J 59 2.59 -30.53 55.55
N GLY J 60 2.16 -31.77 55.71
CA GLY J 60 2.27 -32.44 57.02
C GLY J 60 3.58 -33.13 57.37
N MET J 61 4.54 -33.15 56.44
CA MET J 61 5.86 -33.74 56.75
C MET J 61 6.59 -32.86 57.74
N PRO J 62 7.18 -33.46 58.77
CA PRO J 62 8.08 -32.74 59.63
C PRO J 62 9.19 -32.03 58.79
N GLU J 63 9.56 -30.83 59.20
CA GLU J 63 10.49 -30.01 58.44
C GLU J 63 11.89 -30.62 58.36
N ASP J 64 12.21 -31.62 59.21
CA ASP J 64 13.53 -32.24 59.21
C ASP J 64 13.45 -33.74 59.60
N ARG J 65 14.36 -34.54 59.04
CA ARG J 65 14.61 -35.95 59.37
C ARG J 65 13.69 -36.91 58.67
N PHE J 66 12.61 -36.41 58.06
CA PHE J 66 11.61 -37.29 57.47
C PHE J 66 11.66 -37.21 55.97
N SER J 67 11.64 -38.36 55.31
CA SER J 67 11.76 -38.38 53.84
C SER J 67 10.86 -39.48 53.24
N ALA J 68 10.05 -39.16 52.24
CA ALA J 68 9.15 -40.18 51.66
C ALA J 68 9.44 -40.33 50.19
N LYS J 69 9.45 -41.57 49.70
CA LYS J 69 9.69 -41.80 48.28
C LYS J 69 8.68 -42.77 47.74
N MET J 70 8.39 -42.67 46.46
CA MET J 70 7.62 -43.72 45.75
C MET J 70 8.31 -44.05 44.40
N PRO J 71 9.30 -44.92 44.43
CA PRO J 71 10.07 -45.13 43.20
C PRO J 71 9.28 -45.83 42.07
N ASN J 72 8.17 -46.50 42.41
CA ASN J 72 7.32 -47.17 41.42
C ASN J 72 5.96 -47.37 42.02
N ALA J 73 5.01 -47.73 41.17
CA ALA J 73 3.61 -47.77 41.54
C ALA J 73 3.34 -48.75 42.63
N SER J 74 4.24 -49.66 42.87
CA SER J 74 4.00 -50.73 43.86
C SER J 74 4.68 -50.58 45.20
N PHE J 75 5.35 -49.46 45.46
CA PHE J 75 6.21 -49.41 46.60
C PHE J 75 6.49 -47.99 47.05
N SER J 76 6.28 -47.73 48.31
CA SER J 76 6.67 -46.45 48.92
C SER J 76 7.42 -46.67 50.19
N THR J 77 8.25 -45.70 50.52
CA THR J 77 9.11 -45.77 51.63
C THR J 77 9.00 -44.43 52.41
N LEU J 78 8.97 -44.52 53.74
CA LEU J 78 9.13 -43.33 54.62
C LEU J 78 10.31 -43.59 55.48
N LYS J 79 11.27 -42.68 55.43
CA LYS J 79 12.45 -42.81 56.22
C LYS J 79 12.61 -41.72 57.23
N ILE J 80 13.20 -42.09 58.36
CA ILE J 80 13.44 -41.17 59.41
C ILE J 80 14.86 -41.32 59.79
N GLN J 81 15.58 -40.20 59.78
CA GLN J 81 17.00 -40.24 60.12
C GLN J 81 17.57 -38.89 60.59
N PRO J 82 18.21 -38.82 61.76
CA PRO J 82 18.21 -39.86 62.78
C PRO J 82 16.84 -39.92 63.53
N SER J 83 16.44 -41.10 64.00
CA SER J 83 15.14 -41.23 64.70
C SER J 83 15.27 -40.63 66.10
N GLU J 84 14.16 -40.25 66.67
CA GLU J 84 14.10 -39.65 68.02
C GLU J 84 12.87 -40.18 68.75
N PRO J 85 12.92 -40.25 70.10
CA PRO J 85 11.77 -40.77 70.90
C PRO J 85 10.43 -40.20 70.50
N ARG J 86 10.40 -38.93 70.17
CA ARG J 86 9.15 -38.29 69.80
C ARG J 86 8.58 -38.75 68.48
N ASP J 87 9.36 -39.51 67.69
CA ASP J 87 8.83 -40.16 66.49
C ASP J 87 7.94 -41.39 66.73
N SER J 88 7.91 -41.88 67.97
CA SER J 88 7.16 -43.07 68.34
C SER J 88 5.69 -42.83 68.05
N ALA J 89 5.10 -43.73 67.29
CA ALA J 89 3.75 -43.54 66.82
C ALA J 89 3.33 -44.78 66.08
N VAL J 90 2.07 -44.83 65.68
CA VAL J 90 1.61 -45.81 64.72
C VAL J 90 1.59 -45.08 63.38
N TYR J 91 2.28 -45.64 62.39
CA TYR J 91 2.30 -45.06 61.07
C TYR J 91 1.36 -45.92 60.19
N PHE J 92 0.44 -45.30 59.46
CA PHE J 92 -0.47 -46.06 58.58
C PHE J 92 -0.23 -45.66 57.13
N CYS J 93 -0.29 -46.63 56.22
CA CYS J 93 -0.20 -46.34 54.82
C CYS J 93 -1.58 -46.59 54.33
N ALA J 94 -2.05 -45.84 53.32
CA ALA J 94 -3.33 -46.16 52.67
C ALA J 94 -3.24 -45.95 51.17
N SER J 95 -4.11 -46.63 50.44
CA SER J 95 -4.17 -46.33 49.01
C SER J 95 -5.59 -46.19 48.55
N SER J 96 -5.74 -45.51 47.42
CA SER J 96 -7.07 -45.40 46.79
C SER J 96 -7.02 -45.08 45.29
N LEU J 97 -8.20 -44.83 44.76
CA LEU J 97 -8.48 -44.50 43.35
C LEU J 97 -9.45 -43.31 43.38
N TRP J 98 -9.46 -42.55 42.30
CA TRP J 98 -10.26 -41.34 42.19
C TRP J 98 -11.72 -41.56 42.59
N GLU J 99 -12.35 -42.58 42.01
CA GLU J 99 -13.72 -42.87 42.22
C GLU J 99 -14.04 -43.27 43.66
N LYS J 100 -13.11 -43.83 44.39
CA LYS J 100 -13.29 -44.20 45.77
C LYS J 100 -13.05 -42.94 46.65
N LEU J 101 -12.06 -42.17 46.29
CA LEU J 101 -11.79 -40.92 46.97
C LEU J 101 -12.88 -39.86 46.86
N ALA J 102 -13.65 -39.89 45.79
CA ALA J 102 -14.74 -38.97 45.60
C ALA J 102 -15.89 -39.27 46.62
N LYS J 103 -15.99 -40.53 47.07
CA LYS J 103 -16.81 -40.99 48.20
C LYS J 103 -16.05 -41.08 49.54
N ASN J 104 -14.88 -40.47 49.61
CA ASN J 104 -13.97 -40.45 50.77
C ASN J 104 -13.58 -41.81 51.31
N ILE J 105 -13.39 -42.77 50.39
CA ILE J 105 -12.91 -44.12 50.73
C ILE J 105 -11.45 -44.19 50.44
N GLN J 106 -10.70 -44.69 51.43
CA GLN J 106 -9.33 -45.11 51.22
C GLN J 106 -9.10 -46.41 51.94
N TYR J 107 -8.05 -47.14 51.58
CA TYR J 107 -7.85 -48.49 52.08
C TYR J 107 -6.59 -48.47 52.91
N PHE J 108 -6.71 -48.83 54.21
CA PHE J 108 -5.61 -48.68 55.16
C PHE J 108 -4.87 -50.02 55.32
N GLY J 109 -3.54 -49.94 55.43
CA GLY J 109 -2.68 -51.04 55.90
C GLY J 109 -2.95 -51.22 57.40
N ALA J 110 -2.38 -52.28 57.95
CA ALA J 110 -2.53 -52.66 59.32
C ALA J 110 -1.65 -51.76 60.22
N GLY J 111 -0.76 -50.95 59.64
CA GLY J 111 0.11 -50.07 60.39
C GLY J 111 1.45 -50.61 60.84
N THR J 112 2.36 -49.67 61.18
CA THR J 112 3.63 -49.99 61.80
C THR J 112 3.60 -49.32 63.12
N ARG J 113 3.80 -50.07 64.19
CA ARG J 113 3.91 -49.51 65.48
C ARG J 113 5.39 -49.32 65.82
N LEU J 114 5.81 -48.06 65.96
CA LEU J 114 7.20 -47.68 66.15
C LEU J 114 7.43 -47.11 67.49
N SER J 115 8.32 -47.72 68.28
CA SER J 115 8.88 -47.17 69.47
C SER J 115 10.37 -46.90 69.29
N VAL J 116 10.72 -45.63 69.36
CA VAL J 116 12.09 -45.18 69.41
C VAL J 116 12.43 -44.80 70.87
N LEU J 117 13.41 -45.51 71.44
CA LEU J 117 13.81 -45.37 72.82
C LEU J 117 15.13 -44.64 73.03
N GLU J 118 15.25 -43.96 74.15
CA GLU J 118 16.50 -43.31 74.54
C GLU J 118 17.59 -44.31 74.79
N ASP J 119 17.24 -45.46 75.36
CA ASP J 119 18.21 -46.44 75.84
C ASP J 119 17.61 -47.85 75.82
N LEU J 120 18.24 -48.76 75.11
CA LEU J 120 17.69 -50.14 75.02
C LEU J 120 17.79 -50.94 76.31
N LYS J 121 18.53 -50.44 77.29
CA LYS J 121 18.69 -51.10 78.59
C LYS J 121 17.37 -51.03 79.43
N ASN J 122 16.39 -50.27 78.95
CA ASN J 122 15.06 -50.24 79.56
C ASN J 122 14.08 -51.32 79.00
N VAL J 123 14.52 -52.08 78.00
CA VAL J 123 13.62 -52.99 77.33
C VAL J 123 13.57 -54.29 78.13
N PHE J 124 12.36 -54.77 78.46
CA PHE J 124 12.17 -56.04 79.16
C PHE J 124 11.05 -56.84 78.58
N PRO J 125 11.28 -58.14 78.42
CA PRO J 125 10.20 -58.95 77.94
C PRO J 125 9.28 -59.21 79.15
N PRO J 126 8.06 -59.70 78.93
CA PRO J 126 7.10 -59.86 80.02
C PRO J 126 7.40 -61.10 80.83
N GLU J 127 7.13 -61.03 82.12
CA GLU J 127 6.98 -62.26 82.91
C GLU J 127 5.51 -62.53 82.92
N VAL J 128 5.20 -63.81 82.77
CA VAL J 128 3.86 -64.23 82.55
C VAL J 128 3.46 -65.25 83.63
N ALA J 129 2.34 -65.00 84.33
CA ALA J 129 1.78 -66.00 85.25
C ALA J 129 0.30 -66.26 84.93
N VAL J 130 -0.11 -67.49 85.20
CA VAL J 130 -1.53 -67.86 85.15
C VAL J 130 -2.01 -68.14 86.58
N PHE J 131 -3.18 -67.62 86.90
CA PHE J 131 -3.77 -67.86 88.21
C PHE J 131 -4.98 -68.76 88.00
N GLU J 132 -5.08 -69.79 88.83
CA GLU J 132 -6.08 -70.82 88.67
C GLU J 132 -7.38 -70.41 89.37
N PRO J 133 -8.53 -70.92 88.88
CA PRO J 133 -9.84 -70.60 89.47
C PRO J 133 -9.93 -70.68 91.02
N SER J 134 -10.64 -69.72 91.60
CA SER J 134 -11.09 -69.83 92.97
C SER J 134 -12.09 -71.00 93.07
N GLU J 135 -11.98 -71.78 94.14
CA GLU J 135 -12.92 -72.90 94.40
C GLU J 135 -14.29 -72.32 94.81
N ALA J 136 -14.28 -71.19 95.53
CA ALA J 136 -15.50 -70.45 95.87
C ALA J 136 -16.27 -70.01 94.61
N GLU J 137 -15.54 -69.53 93.59
CA GLU J 137 -16.15 -69.17 92.28
C GLU J 137 -16.82 -70.37 91.60
N ILE J 138 -16.15 -71.52 91.57
CA ILE J 138 -16.69 -72.73 90.94
C ILE J 138 -18.04 -73.24 91.50
N SER J 139 -18.22 -73.18 92.82
CA SER J 139 -19.42 -73.78 93.44
C SER J 139 -20.59 -72.80 93.59
N HIS J 140 -20.31 -71.50 93.49
CA HIS J 140 -21.32 -70.47 93.58
C HIS J 140 -22.00 -70.18 92.22
N THR J 141 -21.21 -70.27 91.15
CA THR J 141 -21.62 -69.85 89.80
C THR J 141 -21.54 -70.99 88.74
N GLN J 142 -21.05 -72.17 89.10
CA GLN J 142 -20.68 -73.21 88.12
C GLN J 142 -19.82 -72.74 86.92
N LYS J 143 -18.94 -71.77 87.17
CA LYS J 143 -17.97 -71.33 86.14
C LYS J 143 -16.61 -71.07 86.75
N ALA J 144 -15.61 -70.93 85.87
CA ALA J 144 -14.25 -70.91 86.29
C ALA J 144 -13.48 -69.96 85.45
N THR J 145 -12.91 -68.99 86.15
CA THR J 145 -12.10 -67.93 85.54
C THR J 145 -10.60 -68.18 85.74
N LEU J 146 -9.89 -68.34 84.60
CA LEU J 146 -8.44 -68.22 84.56
C LEU J 146 -8.07 -66.77 84.38
N VAL J 147 -7.01 -66.34 85.05
CA VAL J 147 -6.48 -65.02 84.86
C VAL J 147 -5.01 -65.11 84.48
N CYS J 148 -4.64 -64.32 83.49
CA CYS J 148 -3.25 -64.24 83.05
C CYS J 148 -2.71 -62.87 83.39
N LEU J 149 -1.57 -62.85 84.06
CA LEU J 149 -0.88 -61.63 84.37
C LEU J 149 0.46 -61.61 83.58
N ALA J 150 0.61 -60.61 82.70
CA ALA J 150 1.82 -60.38 81.94
C ALA J 150 2.35 -59.09 82.51
N THR J 151 3.53 -59.16 83.09
CA THR J 151 4.05 -58.09 83.92
C THR J 151 5.51 -57.73 83.61
N GLY J 152 5.86 -56.49 83.89
CA GLY J 152 7.25 -56.07 83.86
C GLY J 152 7.81 -55.90 82.44
N PHE J 153 6.95 -55.67 81.44
CA PHE J 153 7.47 -55.53 80.06
C PHE J 153 7.54 -54.08 79.66
N TYR J 154 8.55 -53.78 78.84
CA TYR J 154 8.75 -52.46 78.27
C TYR J 154 9.47 -52.65 76.89
N PRO J 155 9.04 -51.98 75.83
CA PRO J 155 7.86 -51.11 75.80
C PRO J 155 6.59 -51.92 75.66
N ASP J 156 5.44 -51.31 75.36
CA ASP J 156 4.16 -52.08 75.21
C ASP J 156 3.84 -52.52 73.78
N HIS J 157 4.56 -53.52 73.31
CA HIS J 157 4.27 -54.13 72.04
C HIS J 157 4.07 -55.58 72.45
N VAL J 158 2.87 -55.90 72.92
CA VAL J 158 2.51 -57.29 73.24
C VAL J 158 1.19 -57.62 72.58
N GLU J 159 1.05 -58.87 72.20
CA GLU J 159 -0.19 -59.42 71.67
C GLU J 159 -0.38 -60.67 72.53
N LEU J 160 -1.43 -60.66 73.32
CA LEU J 160 -1.75 -61.76 74.22
C LEU J 160 -2.84 -62.57 73.59
N SER J 161 -2.73 -63.88 73.71
CA SER J 161 -3.72 -64.78 73.14
C SER J 161 -3.87 -66.02 74.05
N TRP J 162 -5.06 -66.63 74.00
CA TRP J 162 -5.42 -67.82 74.76
C TRP J 162 -5.52 -68.99 73.83
N TRP J 163 -4.95 -70.09 74.32
CA TRP J 163 -4.84 -71.32 73.57
C TRP J 163 -5.33 -72.45 74.46
N VAL J 164 -6.28 -73.21 73.94
CA VAL J 164 -6.79 -74.38 74.67
C VAL J 164 -6.61 -75.59 73.77
N ASN J 165 -5.94 -76.63 74.29
CA ASN J 165 -5.72 -77.79 73.44
C ASN J 165 -4.90 -77.34 72.23
N GLY J 166 -5.28 -77.82 71.03
CA GLY J 166 -4.53 -77.53 69.81
C GLY J 166 -4.62 -76.09 69.30
N LYS J 167 -5.58 -75.28 69.81
CA LYS J 167 -5.96 -74.04 69.12
C LYS J 167 -6.31 -72.79 69.93
N GLU J 168 -6.14 -71.65 69.26
CA GLU J 168 -6.47 -70.33 69.76
C GLU J 168 -7.99 -70.14 69.82
N VAL J 169 -8.46 -69.69 70.96
CA VAL J 169 -9.87 -69.44 71.17
C VAL J 169 -10.17 -67.95 71.31
N HIS J 170 -11.38 -67.58 70.89
CA HIS J 170 -11.89 -66.21 71.01
C HIS J 170 -13.09 -66.12 71.96
N SER J 171 -14.02 -67.06 71.87
CA SER J 171 -15.16 -67.06 72.79
C SER J 171 -14.70 -67.24 74.23
N GLY J 172 -15.19 -66.40 75.13
CA GLY J 172 -14.90 -66.51 76.56
C GLY J 172 -13.72 -65.66 77.02
N VAL J 173 -13.09 -64.94 76.07
CA VAL J 173 -11.87 -64.19 76.34
C VAL J 173 -12.10 -62.71 76.49
N CYS J 174 -11.34 -62.11 77.40
CA CYS J 174 -11.37 -60.70 77.55
C CYS J 174 -10.04 -60.22 78.13
N THR J 175 -9.37 -59.38 77.34
CA THR J 175 -8.04 -58.89 77.61
C THR J 175 -8.10 -57.41 77.76
N ASP J 176 -7.39 -56.80 78.72
CA ASP J 176 -7.53 -55.35 78.91
C ASP J 176 -7.19 -54.70 77.56
N PRO J 177 -7.95 -53.67 77.17
CA PRO J 177 -7.68 -52.99 75.92
C PRO J 177 -6.35 -52.25 75.92
N GLN J 178 -5.83 -51.89 77.09
CA GLN J 178 -4.53 -51.19 77.15
C GLN J 178 -3.76 -51.62 78.41
N PRO J 179 -2.43 -51.58 78.34
CA PRO J 179 -1.56 -51.87 79.49
C PRO J 179 -1.67 -50.90 80.64
N LEU J 180 -1.30 -51.34 81.84
CA LEU J 180 -1.17 -50.40 82.94
C LEU J 180 0.26 -50.29 83.41
N LYS J 181 0.64 -49.11 83.88
CA LYS J 181 2.00 -48.87 84.31
C LYS J 181 2.23 -49.37 85.74
N GLU J 182 3.28 -50.17 85.93
CA GLU J 182 3.62 -50.71 87.25
C GLU J 182 4.18 -49.62 88.21
N GLN J 183 4.57 -48.47 87.65
CA GLN J 183 4.60 -47.20 88.40
C GLN J 183 4.16 -46.06 87.50
N PRO J 184 2.90 -45.64 87.58
CA PRO J 184 2.55 -44.42 86.87
C PRO J 184 3.45 -43.22 87.21
N ALA J 185 4.32 -43.36 88.21
CA ALA J 185 5.30 -42.33 88.54
C ALA J 185 6.30 -42.04 87.41
N LEU J 186 6.68 -43.08 86.65
CA LEU J 186 7.65 -42.93 85.55
C LEU J 186 7.04 -43.27 84.19
N ASN J 187 7.54 -42.65 83.11
CA ASN J 187 7.28 -43.17 81.76
C ASN J 187 7.95 -44.51 81.60
N ASP J 188 9.22 -44.54 81.99
CA ASP J 188 10.04 -45.75 81.87
C ASP J 188 9.89 -46.61 83.14
N SER J 189 8.71 -46.49 83.73
CA SER J 189 8.01 -47.63 84.30
C SER J 189 7.70 -48.71 83.24
N ARG J 190 7.77 -49.94 83.69
CA ARG J 190 7.30 -51.08 82.94
C ARG J 190 5.79 -51.27 83.05
N TYR J 191 5.28 -52.24 82.29
CA TYR J 191 3.87 -52.39 82.03
C TYR J 191 3.36 -53.74 82.52
N ALA J 192 2.05 -53.79 82.73
CA ALA J 192 1.37 -55.05 83.00
C ALA J 192 0.09 -55.16 82.20
N LEU J 193 -0.34 -56.37 81.92
CA LEU J 193 -1.56 -56.61 81.20
C LEU J 193 -2.24 -57.83 81.79
N SER J 194 -3.55 -57.76 81.99
CA SER J 194 -4.38 -58.90 82.41
C SER J 194 -5.30 -59.38 81.30
N SER J 195 -5.54 -60.66 81.29
CA SER J 195 -6.55 -61.27 80.48
C SER J 195 -7.32 -62.27 81.36
N ARG J 196 -8.55 -62.60 80.95
CA ARG J 196 -9.37 -63.64 81.53
C ARG J 196 -9.88 -64.60 80.44
N LEU J 197 -10.04 -65.85 80.83
CA LEU J 197 -10.69 -66.86 79.99
C LEU J 197 -11.64 -67.67 80.87
N ARG J 198 -12.88 -67.79 80.41
CA ARG J 198 -13.86 -68.56 81.12
C ARG J 198 -14.53 -69.66 80.27
N VAL J 199 -14.74 -70.81 80.96
CA VAL J 199 -15.76 -71.76 80.54
C VAL J 199 -16.28 -72.47 81.81
N SER J 200 -17.15 -73.43 81.58
CA SER J 200 -17.92 -74.02 82.65
C SER J 200 -17.01 -74.62 83.75
N ALA J 201 -17.57 -74.83 84.93
CA ALA J 201 -16.83 -75.51 86.01
C ALA J 201 -16.41 -76.92 85.56
N THR J 202 -17.36 -77.63 84.90
CA THR J 202 -17.14 -78.96 84.29
C THR J 202 -15.91 -79.07 83.38
N PHE J 203 -15.66 -78.03 82.59
CA PHE J 203 -14.56 -78.05 81.62
C PHE J 203 -13.14 -77.82 82.23
N TRP J 204 -13.09 -76.96 83.25
CA TRP J 204 -11.90 -76.75 84.08
C TRP J 204 -11.49 -78.01 84.87
N GLN J 205 -12.47 -78.78 85.35
CA GLN J 205 -12.21 -80.02 86.09
C GLN J 205 -11.97 -81.10 85.01
N ASP J 206 -10.73 -81.42 84.70
CA ASP J 206 -10.42 -81.70 83.30
C ASP J 206 -10.77 -83.10 82.80
N PRO J 207 -11.38 -83.17 81.59
CA PRO J 207 -10.97 -84.24 80.65
C PRO J 207 -9.44 -84.12 80.22
N ARG J 208 -9.12 -84.43 78.96
CA ARG J 208 -7.79 -84.23 78.41
C ARG J 208 -7.58 -82.77 77.97
N ASN J 209 -7.50 -81.83 78.92
CA ASN J 209 -7.01 -80.52 78.50
C ASN J 209 -6.38 -79.41 79.39
N HIS J 210 -5.61 -78.62 78.64
CA HIS J 210 -4.81 -77.54 79.14
C HIS J 210 -4.99 -76.23 78.41
N PHE J 211 -4.67 -75.26 79.23
CA PHE J 211 -4.88 -73.90 78.97
C PHE J 211 -3.49 -73.33 78.87
N ARG J 212 -3.33 -72.29 78.07
CA ARG J 212 -2.08 -71.55 77.98
C ARG J 212 -2.36 -70.09 77.53
N CYS J 213 -1.91 -69.16 78.38
CA CYS J 213 -1.85 -67.77 78.11
C CYS J 213 -0.54 -67.52 77.34
N GLN J 214 -0.62 -66.99 76.12
CA GLN J 214 0.57 -66.75 75.32
C GLN J 214 0.77 -65.24 75.06
N VAL J 215 1.98 -64.72 75.28
CA VAL J 215 2.27 -63.34 74.97
C VAL J 215 3.43 -63.17 73.97
N GLN J 216 3.09 -62.66 72.78
CA GLN J 216 4.11 -62.26 71.80
C GLN J 216 4.61 -60.87 72.22
N PHE J 217 5.91 -60.77 72.41
CA PHE J 217 6.59 -59.52 72.74
C PHE J 217 7.42 -59.07 71.57
N TYR J 218 7.36 -57.77 71.24
CA TYR J 218 8.26 -57.23 70.26
C TYR J 218 9.30 -56.37 70.94
N GLY J 219 10.56 -56.69 70.67
CA GLY J 219 11.71 -56.04 71.28
C GLY J 219 12.88 -55.93 70.33
N LEU J 220 14.04 -56.35 70.81
CA LEU J 220 15.30 -56.23 70.06
C LEU J 220 15.39 -57.25 68.93
N SER J 221 16.13 -56.90 67.89
CA SER J 221 16.38 -57.85 66.82
C SER J 221 17.87 -58.19 66.84
N GLU J 222 18.31 -59.09 65.96
CA GLU J 222 19.72 -59.52 66.00
C GLU J 222 20.72 -58.39 65.68
N ASN J 223 20.28 -57.40 64.90
CA ASN J 223 21.14 -56.28 64.59
C ASN J 223 21.38 -55.32 65.73
N ASP J 224 20.53 -55.33 66.76
CA ASP J 224 20.78 -54.56 67.98
C ASP J 224 21.87 -55.18 68.79
N GLU J 225 22.74 -54.35 69.33
CA GLU J 225 23.85 -54.78 70.14
C GLU J 225 23.47 -55.01 71.61
N TRP J 226 24.15 -55.91 72.30
CA TRP J 226 23.76 -56.17 73.68
C TRP J 226 24.90 -56.77 74.46
N THR J 227 25.25 -56.10 75.54
CA THR J 227 26.36 -56.48 76.38
C THR J 227 25.98 -56.66 77.84
N GLN J 228 24.70 -56.58 78.20
CA GLN J 228 24.30 -56.73 79.61
C GLN J 228 24.38 -58.16 80.07
N ASP J 229 24.49 -58.32 81.38
CA ASP J 229 24.43 -59.65 82.00
C ASP J 229 23.15 -60.38 81.66
N ARG J 230 22.02 -59.71 81.80
CA ARG J 230 20.74 -60.35 81.56
C ARG J 230 20.61 -60.68 80.06
N ALA J 231 19.72 -61.61 79.78
CA ALA J 231 19.39 -62.06 78.46
C ALA J 231 18.93 -60.91 77.60
N LYS J 232 19.44 -60.87 76.37
CA LYS J 232 18.99 -59.87 75.37
C LYS J 232 17.46 -59.95 75.21
N PRO J 233 16.75 -58.84 75.43
CA PRO J 233 15.31 -58.85 75.40
C PRO J 233 14.77 -58.76 73.96
N VAL J 234 14.95 -59.86 73.25
CA VAL J 234 14.57 -59.91 71.87
C VAL J 234 13.08 -60.12 71.74
N THR J 235 12.57 -59.77 70.56
CA THR J 235 11.28 -60.26 70.13
C THR J 235 11.16 -61.75 70.43
N GLN J 236 10.08 -62.13 71.12
CA GLN J 236 9.90 -63.50 71.64
C GLN J 236 8.47 -63.75 72.14
N ILE J 237 8.16 -65.02 72.38
CA ILE J 237 6.94 -65.48 73.03
C ILE J 237 7.20 -65.95 74.45
N VAL J 238 6.43 -65.46 75.41
CA VAL J 238 6.49 -65.94 76.81
C VAL J 238 5.10 -66.44 77.21
N SER J 239 5.05 -67.67 77.69
CA SER J 239 3.79 -68.36 78.03
C SER J 239 3.79 -68.91 79.46
N ALA J 240 2.60 -69.07 80.01
CA ALA J 240 2.37 -69.76 81.28
C ALA J 240 1.21 -70.65 80.99
N GLU J 241 0.96 -71.62 81.86
CA GLU J 241 -0.05 -72.62 81.59
C GLU J 241 -0.60 -73.32 82.84
N ALA J 242 -1.63 -74.10 82.61
CA ALA J 242 -2.29 -74.86 83.67
C ALA J 242 -3.07 -75.95 82.99
N TRP J 243 -3.18 -77.07 83.69
CA TRP J 243 -4.04 -78.17 83.30
C TRP J 243 -5.24 -78.08 84.22
N GLY J 244 -6.37 -78.59 83.76
CA GLY J 244 -7.52 -78.71 84.66
C GLY J 244 -7.34 -79.68 85.83
N ARG J 245 -8.23 -79.59 86.83
CA ARG J 245 -8.39 -80.61 87.87
C ARG J 245 -9.70 -80.46 88.69
N ALA J 246 -10.30 -81.59 89.05
CA ALA J 246 -11.32 -81.63 90.12
C ALA J 246 -10.59 -82.01 91.41
N ASP J 247 -10.13 -81.01 92.17
CA ASP J 247 -9.30 -81.27 93.38
C ASP J 247 -9.74 -82.51 94.17
C1 EDO K . 6.45 33.41 -27.31
O1 EDO K . 5.84 34.34 -28.18
C2 EDO K . 7.30 32.56 -28.20
O2 EDO K . 7.39 31.26 -27.71
C1 EDO L . 9.31 6.22 -35.03
O1 EDO L . 8.17 6.89 -34.47
C2 EDO L . 8.89 5.62 -36.36
O2 EDO L . 9.19 4.22 -36.30
C1 EDO M . -3.27 34.79 -33.93
O1 EDO M . -2.98 36.02 -33.30
C2 EDO M . -3.95 33.95 -32.85
O2 EDO M . -2.94 33.26 -32.13
C1 EDO N . -5.19 40.39 -25.38
O1 EDO N . -6.35 41.06 -25.83
C2 EDO N . -5.36 38.87 -25.51
O2 EDO N . -5.52 38.35 -26.87
C1 EDO O . 11.94 37.62 -37.68
O1 EDO O . 11.48 36.35 -38.19
C2 EDO O . 10.81 38.05 -36.74
O2 EDO O . 9.62 37.29 -37.07
C1 EDO P . -13.21 7.33 -43.71
O1 EDO P . -12.04 6.96 -44.46
C2 EDO P . -13.54 8.83 -43.86
O2 EDO P . -13.96 9.35 -42.58
C1 EDO Q . 9.88 21.97 -49.69
O1 EDO Q . 9.97 20.76 -50.46
C2 EDO Q . 10.79 21.84 -48.49
O2 EDO Q . 12.06 22.55 -48.58
C1 EDO R . -7.99 -14.64 4.23
O1 EDO R . -8.49 -13.77 3.21
C2 EDO R . -8.72 -14.39 5.55
O2 EDO R . -7.87 -14.83 6.63
C1 EDO S . -15.37 18.20 -53.95
O1 EDO S . -16.21 19.16 -53.29
C2 EDO S . -14.64 17.33 -52.92
O2 EDO S . -13.39 16.79 -53.41
C1 GOL T . -20.86 20.69 -31.47
O1 GOL T . -19.54 20.20 -31.23
C2 GOL T . -20.89 22.23 -31.27
O2 GOL T . -21.99 22.82 -32.04
C3 GOL T . -20.93 22.50 -29.76
O3 GOL T . -20.20 23.66 -29.41
S SO4 U . -22.43 37.07 -29.74
O1 SO4 U . -21.25 38.01 -29.46
O2 SO4 U . -22.78 37.02 -31.20
O3 SO4 U . -22.14 35.71 -29.18
O4 SO4 U . -23.69 37.43 -29.00
S SO4 V . -14.76 36.82 -33.14
O1 SO4 V . -14.94 35.37 -32.82
O2 SO4 V . -14.65 37.47 -31.84
O3 SO4 V . -13.54 37.16 -33.92
O4 SO4 V . -15.95 37.28 -33.92
C1 EDO W . 8.74 6.67 -9.20
O1 EDO W . 7.74 7.69 -8.98
C2 EDO W . 10.01 7.22 -8.64
O2 EDO W . 10.88 6.19 -8.27
C1 EDO X . -9.08 29.79 -22.82
O1 EDO X . -10.31 29.25 -23.37
C2 EDO X . -7.96 29.71 -23.88
O2 EDO X . -6.91 28.77 -23.68
C1 EDO Y . -1.26 7.76 -7.09
O1 EDO Y . -2.41 6.95 -6.73
C2 EDO Y . -1.55 8.53 -8.40
O2 EDO Y . -0.67 8.25 -9.50
C1 EDO Z . 1.48 30.59 -7.22
O1 EDO Z . 2.88 30.84 -7.42
C2 EDO Z . 0.83 30.90 -8.53
O2 EDO Z . 0.14 32.17 -8.42
C1 EDO AA . -6.25 30.26 3.39
O1 EDO AA . -4.97 30.83 3.61
C2 EDO AA . -6.32 29.57 2.04
O2 EDO AA . -7.71 29.30 1.73
C1 GOL BA . -3.43 24.24 -22.06
O1 GOL BA . -3.88 23.98 -20.71
C2 GOL BA . -3.75 25.68 -22.48
O2 GOL BA . -2.55 26.32 -22.55
C3 GOL BA . -4.43 25.90 -23.81
O3 GOL BA . -5.80 25.94 -23.40
S SO4 CA . 12.33 13.12 7.89
O1 SO4 CA . 12.96 11.83 8.26
O2 SO4 CA . 12.90 14.20 8.77
O3 SO4 CA . 12.73 13.48 6.49
O4 SO4 CA . 10.83 13.02 8.05
C1 EDO DA . 24.48 42.03 -77.83
O1 EDO DA . 23.65 43.07 -78.35
C2 EDO DA . 23.78 40.72 -78.14
O2 EDO DA . 23.22 40.73 -79.48
C1 EDO EA . 15.88 27.35 -77.72
O1 EDO EA . 14.64 26.64 -77.94
C2 EDO EA . 16.85 26.92 -78.86
O2 EDO EA . 16.04 26.58 -80.03
C1 EDO FA . 21.03 36.96 -82.90
O1 EDO FA . 21.66 37.67 -81.81
C2 EDO FA . 21.29 37.41 -84.37
O2 EDO FA . 20.30 36.99 -85.38
C1 EDO GA . 5.97 51.99 -63.05
O1 EDO GA . 5.87 53.43 -63.24
C2 EDO GA . 7.28 51.27 -63.52
O2 EDO GA . 8.55 51.79 -63.14
C1 EDO HA . 6.64 27.15 -52.77
O1 EDO HA . 5.75 28.03 -52.10
C2 EDO HA . 5.91 26.51 -53.97
O2 EDO HA . 6.03 27.33 -55.13
C1 EDO IA . 23.39 26.92 -69.50
O1 EDO IA . 22.36 26.17 -70.18
C2 EDO IA . 24.52 27.43 -70.42
O2 EDO IA . 23.98 28.07 -71.60
C1 EDO JA . 5.98 35.65 -54.07
O1 EDO JA . 6.85 34.82 -53.27
C2 EDO JA . 5.42 34.88 -55.24
O2 EDO JA . 6.53 34.45 -56.03
C1 EDO KA . 16.46 68.82 -56.70
O1 EDO KA . 16.57 69.49 -55.44
C2 EDO KA . 17.05 67.42 -56.61
O2 EDO KA . 17.00 66.95 -55.26
C1 EDO LA . 9.13 40.85 -38.64
O1 EDO LA . 9.44 40.16 -39.87
C2 EDO LA . 7.83 40.35 -38.01
O2 EDO LA . 6.69 40.88 -38.72
C1 EDO MA . -4.38 43.36 -60.38
O1 EDO MA . -3.63 44.47 -59.86
C2 EDO MA . -4.80 43.42 -61.84
O2 EDO MA . -5.65 42.27 -62.04
C1 EDO NA . -6.20 55.12 -82.77
O1 EDO NA . -4.79 55.26 -82.96
C2 EDO NA . -6.57 53.69 -83.04
O2 EDO NA . -6.21 52.99 -81.86
C1 EDO OA . 22.10 55.90 -42.24
O1 EDO OA . 22.03 55.40 -43.59
C2 EDO OA . 21.04 55.29 -41.32
O2 EDO OA . 19.78 55.28 -42.00
C1 EDO PA . 12.16 53.38 -62.03
O1 EDO PA . 12.68 53.47 -60.69
C2 EDO PA . 11.87 51.92 -62.49
O2 EDO PA . 10.58 51.44 -61.99
C1 EDO QA . 10.66 59.03 -60.51
O1 EDO QA . 11.09 59.78 -61.64
C2 EDO QA . 11.63 59.18 -59.35
O2 EDO QA . 11.70 57.88 -58.82
C1 EDO RA . -3.94 65.24 -62.27
O1 EDO RA . -3.26 64.51 -61.24
C2 EDO RA . -4.19 64.30 -63.46
O2 EDO RA . -4.20 62.95 -63.00
C1 EDO SA . -5.76 32.56 -49.69
O1 EDO SA . -4.54 32.72 -48.96
C2 EDO SA . -6.40 31.20 -49.44
O2 EDO SA . -7.52 30.98 -50.34
C1 GOL TA . 17.23 47.93 -61.38
O1 GOL TA . 16.93 49.32 -61.45
C2 GOL TA . 16.10 47.10 -60.69
O2 GOL TA . 15.00 46.92 -61.53
C3 GOL TA . 16.64 45.69 -60.34
O3 GOL TA . 15.78 44.75 -59.65
S SO4 UA . 0.68 24.84 -57.83
O1 SO4 UA . 0.56 24.05 -56.60
O2 SO4 UA . 0.99 26.18 -57.32
O3 SO4 UA . 1.85 24.44 -58.70
O4 SO4 UA . -0.60 24.83 -58.60
S SO4 VA . -5.49 58.30 -45.99
O1 SO4 VA . -6.02 57.38 -44.91
O2 SO4 VA . -4.00 58.17 -46.11
O3 SO4 VA . -6.15 57.99 -47.26
O4 SO4 VA . -5.83 59.73 -45.73
C1 EDO WA . -9.61 -38.44 19.13
O1 EDO WA . -8.84 -37.47 18.38
C2 EDO WA . -10.81 -37.71 19.68
O2 EDO WA . -11.94 -38.46 19.25
C1 EDO XA . 4.63 -32.96 32.98
O1 EDO XA . 3.65 -33.38 32.05
C2 EDO XA . 4.34 -33.61 34.30
O2 EDO XA . 4.58 -35.00 34.19
C1 EDO YA . 3.97 -17.46 44.19
O1 EDO YA . 3.02 -16.40 44.51
C2 EDO YA . 3.48 -18.80 44.75
O2 EDO YA . 2.91 -19.69 43.73
C1 EDO ZA . 7.19 -28.74 23.93
O1 EDO ZA . 8.30 -28.76 24.84
C2 EDO ZA . 6.90 -30.14 23.40
O2 EDO ZA . 6.05 -30.05 22.29
C1 EDO AB . -5.93 -39.12 16.26
O1 EDO AB . -4.91 -39.20 17.25
C2 EDO AB . -7.24 -39.09 17.04
O2 EDO AB . -7.70 -40.41 17.35
C1 EDO BB . 5.42 -23.40 36.63
O1 EDO BB . 5.01 -22.16 36.17
C2 EDO BB . 6.86 -23.59 36.32
O2 EDO BB . 7.28 -24.83 36.81
C1 EDO CB . -2.20 -6.85 46.92
O1 EDO CB . -1.98 -7.81 47.97
C2 EDO CB . -1.28 -7.22 45.76
O2 EDO CB . -0.22 -8.06 46.28
C1 GOL DB . -11.03 -15.45 26.21
O1 GOL DB . -9.87 -15.59 25.38
C2 GOL DB . -10.79 -16.33 27.41
O2 GOL DB . -10.10 -17.39 26.73
C3 GOL DB . -12.06 -16.74 28.21
O3 GOL DB . -12.37 -16.21 29.58
S SO4 EB . 3.29 -40.35 27.27
O1 SO4 EB . 2.60 -40.72 25.92
O2 SO4 EB . 3.90 -41.62 27.74
O3 SO4 EB . 4.34 -39.32 27.05
O4 SO4 EB . 2.52 -39.89 28.49
S SO4 FB . 8.56 -22.57 24.52
O1 SO4 FB . 9.07 -23.98 24.45
O2 SO4 FB . 9.53 -21.73 25.27
O3 SO4 FB . 8.31 -22.11 23.11
O4 SO4 FB . 7.24 -22.45 25.22
S SO4 GB . -11.16 -48.86 24.09
O1 SO4 GB . -12.04 -50.05 24.17
O2 SO4 GB . -9.80 -49.23 23.62
O3 SO4 GB . -11.71 -47.90 23.10
O4 SO4 GB . -11.09 -48.30 25.48
C1 EDO HB . -0.74 -0.12 15.35
O1 EDO HB . -1.21 1.23 15.43
C2 EDO HB . -1.44 -0.94 14.31
O2 EDO HB . -0.61 -2.12 14.11
C1 EDO IB . 4.09 -26.96 23.14
O1 EDO IB . 4.41 -27.37 21.82
C2 EDO IB . 5.16 -25.99 23.66
O2 EDO IB . 4.79 -24.65 23.32
C1 EDO JB . 2.62 0.82 26.51
O1 EDO JB . 3.44 0.12 25.57
C2 EDO JB . 3.59 1.82 27.14
O2 EDO JB . 4.84 1.56 26.51
C1 EDO KB . 12.56 -18.78 17.96
O1 EDO KB . 13.47 -19.71 17.34
C2 EDO KB . 11.65 -19.41 19.02
O2 EDO KB . 10.38 -19.83 18.46
C1 EDO LB . -7.95 -42.09 38.31
O1 EDO LB . -9.04 -41.90 37.39
C2 EDO LB . -8.26 -43.38 39.11
O2 EDO LB . -7.59 -43.33 40.35
C1 EDO MB . -8.96 -38.76 51.73
O1 EDO MB . -9.22 -37.46 51.19
C2 EDO MB . -10.25 -39.61 51.46
O2 EDO MB . -11.38 -39.26 52.34
C1 EDO NB . -32.05 -47.03 64.85
O1 EDO NB . -32.17 -46.81 63.44
C2 EDO NB . -32.67 -48.30 65.40
O2 EDO NB . -33.26 -47.92 66.65
C1 EDO OB . -26.71 -53.23 83.49
O1 EDO OB . -26.44 -51.97 84.13
C2 EDO OB . -28.21 -53.46 83.55
O2 EDO OB . -28.49 -54.73 82.95
C1 EDO PB . 0.49 -61.59 100.41
O1 EDO PB . 1.29 -60.68 99.62
C2 EDO PB . 0.43 -61.10 101.85
O2 EDO PB . -0.65 -61.70 102.59
C1 EDO QB . -25.65 -52.28 62.75
O1 EDO QB . -24.73 -52.31 63.85
C2 EDO QB . -26.97 -52.90 63.20
O2 EDO QB . -28.10 -52.05 62.88
C1 EDO RB . -33.82 -44.15 69.60
O1 EDO RB . -33.77 -43.17 68.53
C2 EDO RB . -32.70 -45.16 69.52
O2 EDO RB . -32.08 -45.53 70.77
C1 EDO SB . -8.82 -22.21 48.78
O1 EDO SB . -8.39 -21.26 47.77
C2 EDO SB . -8.49 -23.67 48.38
O2 EDO SB . -7.15 -24.06 48.86
C1 GOL TB . -21.31 -39.50 79.54
O1 GOL TB . -20.06 -39.95 80.17
C2 GOL TB . -22.10 -40.75 79.24
O2 GOL TB . -21.18 -41.65 79.90
C3 GOL TB . -23.49 -40.85 79.90
O3 GOL TB . -24.42 -41.94 79.60
C1 EDO UB . 2.66 -79.67 81.24
O1 EDO UB . 2.74 -79.54 82.69
C2 EDO UB . 4.07 -79.74 80.65
O2 EDO UB . 4.85 -80.50 81.58
C1 EDO VB . 7.62 -57.44 59.92
O1 EDO VB . 6.26 -57.07 59.79
C2 EDO VB . 8.09 -57.78 58.53
O2 EDO VB . 9.35 -57.16 58.22
C1 EDO WB . -13.16 -69.93 68.59
O1 EDO WB . -13.84 -68.79 68.09
C2 EDO WB . -12.99 -70.94 67.44
O2 EDO WB . -12.78 -72.26 67.96
C1 EDO XB . 12.70 -44.35 76.99
O1 EDO XB . 12.68 -43.70 75.70
C2 EDO XB . 13.58 -45.60 77.01
O2 EDO XB . 15.01 -45.32 77.01
C1 EDO YB . 0.59 -45.46 41.23
O1 EDO YB . 1.28 -44.27 41.24
C2 EDO YB . 0.50 -45.62 42.72
O2 EDO YB . 0.36 -46.96 43.05
C1 EDO ZB . 2.15 -58.60 64.54
O1 EDO ZB . 1.15 -57.64 64.14
C2 EDO ZB . 2.98 -59.10 63.33
O2 EDO ZB . 4.40 -59.15 63.60
C1 GOL AC . 14.86 -34.12 55.32
O1 GOL AC . 14.61 -34.75 54.05
C2 GOL AC . 16.08 -34.86 55.89
O2 GOL AC . 16.30 -34.35 57.19
C3 GOL AC . 15.87 -36.38 55.84
O3 GOL AC . 16.75 -37.13 56.73
O1 PG4 BC . -6.90 -37.92 65.64
C1 PG4 BC . -6.26 -38.40 66.80
C2 PG4 BC . -6.49 -39.87 67.10
O2 PG4 BC . -5.29 -40.11 67.78
C3 PG4 BC . -5.38 -40.33 69.23
C4 PG4 BC . -5.07 -39.07 70.06
O3 PG4 BC . -4.71 -39.49 71.38
C5 PG4 BC . -5.58 -39.15 72.47
C6 PG4 BC . -5.99 -40.42 73.22
O4 PG4 BC . -5.44 -40.48 74.53
#